data_7C7N
# 
_entry.id   7C7N 
# 
_audit_conform.dict_name       mmcif_pdbx.dic 
_audit_conform.dict_version    5.380 
_audit_conform.dict_location   http://mmcif.pdb.org/dictionaries/ascii/mmcif_pdbx.dic 
# 
loop_
_database_2.database_id 
_database_2.database_code 
_database_2.pdbx_database_accession 
_database_2.pdbx_DOI 
PDB   7C7N         pdb_00007c7n 10.2210/pdb7c7n/pdb 
WWPDB D_1300017138 ?            ?                   
# 
_pdbx_database_status.status_code                     REL 
_pdbx_database_status.status_code_sf                  REL 
_pdbx_database_status.status_code_mr                  ? 
_pdbx_database_status.entry_id                        7C7N 
_pdbx_database_status.recvd_initial_deposition_date   2020-05-26 
_pdbx_database_status.SG_entry                        N 
_pdbx_database_status.deposit_site                    PDBJ 
_pdbx_database_status.process_site                    PDBJ 
_pdbx_database_status.status_code_cs                  ? 
_pdbx_database_status.status_code_nmr_data            ? 
_pdbx_database_status.methods_development_category    ? 
_pdbx_database_status.pdb_format_compatible           Y 
# 
loop_
_audit_author.name 
_audit_author.pdbx_ordinal 
_audit_author.identifier_ORCID 
'Mima, M.'     1 0000-0003-2336-9129 
'Ushiyama, F.' 2 0000-0003-3122-8625 
# 
_citation.abstract                  ? 
_citation.abstract_id_CAS           ? 
_citation.book_id_ISBN              ? 
_citation.book_publisher            ? 
_citation.book_publisher_city       ? 
_citation.book_title                ? 
_citation.coordinate_linkage        ? 
_citation.country                   UK 
_citation.database_id_Medline       ? 
_citation.details                   ? 
_citation.id                        primary 
_citation.journal_abbrev            Bioorg.Med.Chem. 
_citation.journal_id_ASTM           BMECEP 
_citation.journal_id_CSD            1200 
_citation.journal_id_ISSN           1464-3391 
_citation.journal_full              ? 
_citation.journal_issue             ? 
_citation.journal_volume            28 
_citation.language                  ? 
_citation.page_first                115776 
_citation.page_last                 115776 
_citation.title                     
'Lead optimization of 8-(methylamino)-2-oxo-1,2-dihydroquinolines as bacterial type II topoisomerase inhibitors.' 
_citation.year                      2020 
_citation.database_id_CSD           ? 
_citation.pdbx_database_id_DOI      10.1016/j.bmc.2020.115776 
_citation.pdbx_database_id_PubMed   33032189 
_citation.unpublished_flag          ? 
# 
loop_
_citation_author.citation_id 
_citation_author.name 
_citation_author.ordinal 
_citation_author.identifier_ORCID 
primary 'Ushiyama, F.'        1  ? 
primary 'Amada, H.'           2  ? 
primary 'Mihara, Y.'          3  ? 
primary 'Takeuchi, T.'        4  ? 
primary 'Tanaka-Yamamoto, N.' 5  ? 
primary 'Mima, M.'            6  ? 
primary 'Kamitani, M.'        7  ? 
primary 'Wada, R.'            8  ? 
primary 'Tamura, Y.'          9  ? 
primary 'Endo, M.'            10 ? 
primary 'Masuko, A.'          11 ? 
primary 'Takata, I.'          12 ? 
primary 'Hitaka, K.'          13 ? 
primary 'Sugiyama, H.'        14 ? 
primary 'Ohtake, N.'          15 ? 
# 
_cell.angle_alpha                  90.00 
_cell.angle_alpha_esd              ? 
_cell.angle_beta                   90.00 
_cell.angle_beta_esd               ? 
_cell.angle_gamma                  90.00 
_cell.angle_gamma_esd              ? 
_cell.entry_id                     7C7N 
_cell.details                      ? 
_cell.formula_units_Z              ? 
_cell.length_a                     41.333 
_cell.length_a_esd                 ? 
_cell.length_b                     67.052 
_cell.length_b_esd                 ? 
_cell.length_c                     68.213 
_cell.length_c_esd                 ? 
_cell.volume                       ? 
_cell.volume_esd                   ? 
_cell.Z_PDB                        4 
_cell.reciprocal_angle_alpha       ? 
_cell.reciprocal_angle_beta        ? 
_cell.reciprocal_angle_gamma       ? 
_cell.reciprocal_angle_alpha_esd   ? 
_cell.reciprocal_angle_beta_esd    ? 
_cell.reciprocal_angle_gamma_esd   ? 
_cell.reciprocal_length_a          ? 
_cell.reciprocal_length_b          ? 
_cell.reciprocal_length_c          ? 
_cell.reciprocal_length_a_esd      ? 
_cell.reciprocal_length_b_esd      ? 
_cell.reciprocal_length_c_esd      ? 
_cell.pdbx_unique_axis             ? 
# 
_symmetry.entry_id                         7C7N 
_symmetry.cell_setting                     ? 
_symmetry.Int_Tables_number                19 
_symmetry.space_group_name_Hall            ? 
_symmetry.space_group_name_H-M             'P 21 21 21' 
_symmetry.pdbx_full_space_group_name_H-M   ? 
# 
loop_
_entity.id 
_entity.type 
_entity.src_method 
_entity.pdbx_description 
_entity.formula_weight 
_entity.pdbx_number_of_molecules 
_entity.pdbx_ec 
_entity.pdbx_mutation 
_entity.pdbx_fragment 
_entity.details 
1 polymer     man 'DNA gyrase subunit B'                                                                           24191.182 1  
5.6.2.2 ? ? ? 
2 non-polymer syn '4-[[6-fluoranyl-8-(methylamino)-2-oxidanylidene-1~{H}-quinolin-3-yl]carbonylamino]benzoic acid' 355.320   1  ? 
? ? ? 
3 water       nat water                                                                                            18.015    37 ? 
? ? ? 
# 
_entity_poly.entity_id                      1 
_entity_poly.type                           'polypeptide(L)' 
_entity_poly.nstd_linkage                   no 
_entity_poly.nstd_monomer                   no 
_entity_poly.pdbx_seq_one_letter_code       
;MSNSYDSSSIKVLKGLDAVRKRPGMYIGDTDDGTGLHHMVFEVVDNAIDEALAGHCKEIIVTIHADNSVSVQDDGRGIPT
GIHPEEGVSAAEVIMTVLHAGGKFDDNSYKVSGGLHGVGVSVVNALSQKLELVIQREGKIHRQIYEHGVPQAPLAVTGET
EKTGTMVRFWPSLETFTNVTEFEYEILAKRLRELSFLNSGVSIRLRDKRDGKEDHFHYEG
;
_entity_poly.pdbx_seq_one_letter_code_can   
;MSNSYDSSSIKVLKGLDAVRKRPGMYIGDTDDGTGLHHMVFEVVDNAIDEALAGHCKEIIVTIHADNSVSVQDDGRGIPT
GIHPEEGVSAAEVIMTVLHAGGKFDDNSYKVSGGLHGVGVSVVNALSQKLELVIQREGKIHRQIYEHGVPQAPLAVTGET
EKTGTMVRFWPSLETFTNVTEFEYEILAKRLRELSFLNSGVSIRLRDKRDGKEDHFHYEG
;
_entity_poly.pdbx_strand_id                 A 
_entity_poly.pdbx_target_identifier         ? 
# 
loop_
_entity_poly_seq.entity_id 
_entity_poly_seq.num 
_entity_poly_seq.mon_id 
_entity_poly_seq.hetero 
1 1   MET n 
1 2   SER n 
1 3   ASN n 
1 4   SER n 
1 5   TYR n 
1 6   ASP n 
1 7   SER n 
1 8   SER n 
1 9   SER n 
1 10  ILE n 
1 11  LYS n 
1 12  VAL n 
1 13  LEU n 
1 14  LYS n 
1 15  GLY n 
1 16  LEU n 
1 17  ASP n 
1 18  ALA n 
1 19  VAL n 
1 20  ARG n 
1 21  LYS n 
1 22  ARG n 
1 23  PRO n 
1 24  GLY n 
1 25  MET n 
1 26  TYR n 
1 27  ILE n 
1 28  GLY n 
1 29  ASP n 
1 30  THR n 
1 31  ASP n 
1 32  ASP n 
1 33  GLY n 
1 34  THR n 
1 35  GLY n 
1 36  LEU n 
1 37  HIS n 
1 38  HIS n 
1 39  MET n 
1 40  VAL n 
1 41  PHE n 
1 42  GLU n 
1 43  VAL n 
1 44  VAL n 
1 45  ASP n 
1 46  ASN n 
1 47  ALA n 
1 48  ILE n 
1 49  ASP n 
1 50  GLU n 
1 51  ALA n 
1 52  LEU n 
1 53  ALA n 
1 54  GLY n 
1 55  HIS n 
1 56  CYS n 
1 57  LYS n 
1 58  GLU n 
1 59  ILE n 
1 60  ILE n 
1 61  VAL n 
1 62  THR n 
1 63  ILE n 
1 64  HIS n 
1 65  ALA n 
1 66  ASP n 
1 67  ASN n 
1 68  SER n 
1 69  VAL n 
1 70  SER n 
1 71  VAL n 
1 72  GLN n 
1 73  ASP n 
1 74  ASP n 
1 75  GLY n 
1 76  ARG n 
1 77  GLY n 
1 78  ILE n 
1 79  PRO n 
1 80  THR n 
1 81  GLY n 
1 82  ILE n 
1 83  HIS n 
1 84  PRO n 
1 85  GLU n 
1 86  GLU n 
1 87  GLY n 
1 88  VAL n 
1 89  SER n 
1 90  ALA n 
1 91  ALA n 
1 92  GLU n 
1 93  VAL n 
1 94  ILE n 
1 95  MET n 
1 96  THR n 
1 97  VAL n 
1 98  LEU n 
1 99  HIS n 
1 100 ALA n 
1 101 GLY n 
1 102 GLY n 
1 103 LYS n 
1 104 PHE n 
1 105 ASP n 
1 106 ASP n 
1 107 ASN n 
1 108 SER n 
1 109 TYR n 
1 110 LYS n 
1 111 VAL n 
1 112 SER n 
1 113 GLY n 
1 114 GLY n 
1 115 LEU n 
1 116 HIS n 
1 117 GLY n 
1 118 VAL n 
1 119 GLY n 
1 120 VAL n 
1 121 SER n 
1 122 VAL n 
1 123 VAL n 
1 124 ASN n 
1 125 ALA n 
1 126 LEU n 
1 127 SER n 
1 128 GLN n 
1 129 LYS n 
1 130 LEU n 
1 131 GLU n 
1 132 LEU n 
1 133 VAL n 
1 134 ILE n 
1 135 GLN n 
1 136 ARG n 
1 137 GLU n 
1 138 GLY n 
1 139 LYS n 
1 140 ILE n 
1 141 HIS n 
1 142 ARG n 
1 143 GLN n 
1 144 ILE n 
1 145 TYR n 
1 146 GLU n 
1 147 HIS n 
1 148 GLY n 
1 149 VAL n 
1 150 PRO n 
1 151 GLN n 
1 152 ALA n 
1 153 PRO n 
1 154 LEU n 
1 155 ALA n 
1 156 VAL n 
1 157 THR n 
1 158 GLY n 
1 159 GLU n 
1 160 THR n 
1 161 GLU n 
1 162 LYS n 
1 163 THR n 
1 164 GLY n 
1 165 THR n 
1 166 MET n 
1 167 VAL n 
1 168 ARG n 
1 169 PHE n 
1 170 TRP n 
1 171 PRO n 
1 172 SER n 
1 173 LEU n 
1 174 GLU n 
1 175 THR n 
1 176 PHE n 
1 177 THR n 
1 178 ASN n 
1 179 VAL n 
1 180 THR n 
1 181 GLU n 
1 182 PHE n 
1 183 GLU n 
1 184 TYR n 
1 185 GLU n 
1 186 ILE n 
1 187 LEU n 
1 188 ALA n 
1 189 LYS n 
1 190 ARG n 
1 191 LEU n 
1 192 ARG n 
1 193 GLU n 
1 194 LEU n 
1 195 SER n 
1 196 PHE n 
1 197 LEU n 
1 198 ASN n 
1 199 SER n 
1 200 GLY n 
1 201 VAL n 
1 202 SER n 
1 203 ILE n 
1 204 ARG n 
1 205 LEU n 
1 206 ARG n 
1 207 ASP n 
1 208 LYS n 
1 209 ARG n 
1 210 ASP n 
1 211 GLY n 
1 212 LYS n 
1 213 GLU n 
1 214 ASP n 
1 215 HIS n 
1 216 PHE n 
1 217 HIS n 
1 218 TYR n 
1 219 GLU n 
1 220 GLY n 
# 
_entity_src_gen.entity_id                          1 
_entity_src_gen.pdbx_src_id                        1 
_entity_src_gen.pdbx_alt_source_flag               sample 
_entity_src_gen.pdbx_seq_type                      'Biological sequence' 
_entity_src_gen.pdbx_beg_seq_num                   1 
_entity_src_gen.pdbx_end_seq_num                   220 
_entity_src_gen.gene_src_common_name               ? 
_entity_src_gen.gene_src_genus                     ? 
_entity_src_gen.pdbx_gene_src_gene                 'gyrB, NCTC10766_01911, NCTC9007_05029' 
_entity_src_gen.gene_src_species                   ? 
_entity_src_gen.gene_src_strain                    ? 
_entity_src_gen.gene_src_tissue                    ? 
_entity_src_gen.gene_src_tissue_fraction           ? 
_entity_src_gen.gene_src_details                   ? 
_entity_src_gen.pdbx_gene_src_fragment             ? 
_entity_src_gen.pdbx_gene_src_scientific_name      'Escherichia coli' 
_entity_src_gen.pdbx_gene_src_ncbi_taxonomy_id     562 
_entity_src_gen.pdbx_gene_src_variant              ? 
_entity_src_gen.pdbx_gene_src_cell_line            ? 
_entity_src_gen.pdbx_gene_src_atcc                 ? 
_entity_src_gen.pdbx_gene_src_organ                ? 
_entity_src_gen.pdbx_gene_src_organelle            ? 
_entity_src_gen.pdbx_gene_src_cell                 ? 
_entity_src_gen.pdbx_gene_src_cellular_location    ? 
_entity_src_gen.host_org_common_name               ? 
_entity_src_gen.pdbx_host_org_scientific_name      'Escherichia coli' 
_entity_src_gen.pdbx_host_org_ncbi_taxonomy_id     562 
_entity_src_gen.host_org_genus                     ? 
_entity_src_gen.pdbx_host_org_gene                 ? 
_entity_src_gen.pdbx_host_org_organ                ? 
_entity_src_gen.host_org_species                   ? 
_entity_src_gen.pdbx_host_org_tissue               ? 
_entity_src_gen.pdbx_host_org_tissue_fraction      ? 
_entity_src_gen.pdbx_host_org_strain               ? 
_entity_src_gen.pdbx_host_org_variant              ? 
_entity_src_gen.pdbx_host_org_cell_line            ? 
_entity_src_gen.pdbx_host_org_atcc                 ? 
_entity_src_gen.pdbx_host_org_culture_collection   ? 
_entity_src_gen.pdbx_host_org_cell                 ? 
_entity_src_gen.pdbx_host_org_organelle            ? 
_entity_src_gen.pdbx_host_org_cellular_location    ? 
_entity_src_gen.pdbx_host_org_vector_type          ? 
_entity_src_gen.pdbx_host_org_vector               ? 
_entity_src_gen.host_org_details                   ? 
_entity_src_gen.expression_system_id               ? 
_entity_src_gen.plasmid_name                       ? 
_entity_src_gen.plasmid_details                    ? 
_entity_src_gen.pdbx_description                   ? 
# 
_struct_ref.id                         1 
_struct_ref.db_name                    UNP 
_struct_ref.db_code                    A0A210GCC1_ECOLX 
_struct_ref.pdbx_db_accession          A0A210GCC1 
_struct_ref.pdbx_db_isoform            ? 
_struct_ref.entity_id                  1 
_struct_ref.pdbx_seq_one_letter_code   
;MSNSYDSSSIKVLKGLDAVRKRPGMYIGDTDDGTGLHHMVFEVVDNAIDEALAGHCKEIIVTIHADNSVSVQDDGRGIPT
GIHPEEGVSAAEVIMTVLHAGGKFDDNSYKVSGGLHGVGVSVVNALSQKLELVIQREGKIHRQIYEHGVPQAPLAVTGET
EKTGTMVRFWPSLETFTNVTEFEYEILAKRLRELSFLNSGVSIRLRDKRDGKEDHFHYEG
;
_struct_ref.pdbx_align_begin           1 
# 
_struct_ref_seq.align_id                      1 
_struct_ref_seq.ref_id                        1 
_struct_ref_seq.pdbx_PDB_id_code              7C7N 
_struct_ref_seq.pdbx_strand_id                A 
_struct_ref_seq.seq_align_beg                 1 
_struct_ref_seq.pdbx_seq_align_beg_ins_code   ? 
_struct_ref_seq.seq_align_end                 220 
_struct_ref_seq.pdbx_seq_align_end_ins_code   ? 
_struct_ref_seq.pdbx_db_accession             A0A210GCC1 
_struct_ref_seq.db_align_beg                  1 
_struct_ref_seq.pdbx_db_align_beg_ins_code    ? 
_struct_ref_seq.db_align_end                  220 
_struct_ref_seq.pdbx_db_align_end_ins_code    ? 
_struct_ref_seq.pdbx_auth_seq_align_beg       1 
_struct_ref_seq.pdbx_auth_seq_align_end       220 
# 
loop_
_chem_comp.id 
_chem_comp.type 
_chem_comp.mon_nstd_flag 
_chem_comp.name 
_chem_comp.pdbx_synonyms 
_chem_comp.formula 
_chem_comp.formula_weight 
ALA 'L-peptide linking' y ALANINE                                                                                          ? 
'C3 H7 N O2'      89.093  
ARG 'L-peptide linking' y ARGININE                                                                                         ? 
'C6 H15 N4 O2 1'  175.209 
ASN 'L-peptide linking' y ASPARAGINE                                                                                       ? 
'C4 H8 N2 O3'     132.118 
ASP 'L-peptide linking' y 'ASPARTIC ACID'                                                                                  ? 
'C4 H7 N O4'      133.103 
CYS 'L-peptide linking' y CYSTEINE                                                                                         ? 
'C3 H7 N O2 S'    121.158 
FKR non-polymer         . '4-[[6-fluoranyl-8-(methylamino)-2-oxidanylidene-1~{H}-quinolin-3-yl]carbonylamino]benzoic acid' ? 
'C18 H14 F N3 O4' 355.320 
GLN 'L-peptide linking' y GLUTAMINE                                                                                        ? 
'C5 H10 N2 O3'    146.144 
GLU 'L-peptide linking' y 'GLUTAMIC ACID'                                                                                  ? 
'C5 H9 N O4'      147.129 
GLY 'peptide linking'   y GLYCINE                                                                                          ? 
'C2 H5 N O2'      75.067  
HIS 'L-peptide linking' y HISTIDINE                                                                                        ? 
'C6 H10 N3 O2 1'  156.162 
HOH non-polymer         . WATER                                                                                            ? 
'H2 O'            18.015  
ILE 'L-peptide linking' y ISOLEUCINE                                                                                       ? 
'C6 H13 N O2'     131.173 
LEU 'L-peptide linking' y LEUCINE                                                                                          ? 
'C6 H13 N O2'     131.173 
LYS 'L-peptide linking' y LYSINE                                                                                           ? 
'C6 H15 N2 O2 1'  147.195 
MET 'L-peptide linking' y METHIONINE                                                                                       ? 
'C5 H11 N O2 S'   149.211 
PHE 'L-peptide linking' y PHENYLALANINE                                                                                    ? 
'C9 H11 N O2'     165.189 
PRO 'L-peptide linking' y PROLINE                                                                                          ? 
'C5 H9 N O2'      115.130 
SER 'L-peptide linking' y SERINE                                                                                           ? 
'C3 H7 N O3'      105.093 
THR 'L-peptide linking' y THREONINE                                                                                        ? 
'C4 H9 N O3'      119.119 
TRP 'L-peptide linking' y TRYPTOPHAN                                                                                       ? 
'C11 H12 N2 O2'   204.225 
TYR 'L-peptide linking' y TYROSINE                                                                                         ? 
'C9 H11 N O3'     181.189 
VAL 'L-peptide linking' y VALINE                                                                                           ? 
'C5 H11 N O2'     117.146 
# 
_exptl.absorpt_coefficient_mu     ? 
_exptl.absorpt_correction_T_max   ? 
_exptl.absorpt_correction_T_min   ? 
_exptl.absorpt_correction_type    ? 
_exptl.absorpt_process_details    ? 
_exptl.entry_id                   7C7N 
_exptl.crystals_number            1 
_exptl.details                    ? 
_exptl.method                     'X-RAY DIFFRACTION' 
_exptl.method_details             ? 
# 
_exptl_crystal.colour                      ? 
_exptl_crystal.density_diffrn              ? 
_exptl_crystal.density_Matthews            1.95 
_exptl_crystal.density_method              ? 
_exptl_crystal.density_percent_sol         37.04 
_exptl_crystal.description                 ? 
_exptl_crystal.F_000                       ? 
_exptl_crystal.id                          1 
_exptl_crystal.preparation                 ? 
_exptl_crystal.size_max                    ? 
_exptl_crystal.size_mid                    ? 
_exptl_crystal.size_min                    ? 
_exptl_crystal.size_rad                    ? 
_exptl_crystal.colour_lustre               ? 
_exptl_crystal.colour_modifier             ? 
_exptl_crystal.colour_primary              ? 
_exptl_crystal.density_meas                ? 
_exptl_crystal.density_meas_esd            ? 
_exptl_crystal.density_meas_gt             ? 
_exptl_crystal.density_meas_lt             ? 
_exptl_crystal.density_meas_temp           ? 
_exptl_crystal.density_meas_temp_esd       ? 
_exptl_crystal.density_meas_temp_gt        ? 
_exptl_crystal.density_meas_temp_lt        ? 
_exptl_crystal.pdbx_crystal_image_url      ? 
_exptl_crystal.pdbx_crystal_image_format   ? 
_exptl_crystal.pdbx_mosaicity              ? 
_exptl_crystal.pdbx_mosaicity_esd          ? 
# 
_exptl_crystal_grow.apparatus       ? 
_exptl_crystal_grow.atmosphere      ? 
_exptl_crystal_grow.crystal_id      1 
_exptl_crystal_grow.details         ? 
_exptl_crystal_grow.method          'VAPOR DIFFUSION' 
_exptl_crystal_grow.method_ref      ? 
_exptl_crystal_grow.pH              ? 
_exptl_crystal_grow.pressure        ? 
_exptl_crystal_grow.pressure_esd    ? 
_exptl_crystal_grow.seeding         ? 
_exptl_crystal_grow.seeding_ref     ? 
_exptl_crystal_grow.temp            293 
_exptl_crystal_grow.temp_details    ? 
_exptl_crystal_grow.temp_esd        ? 
_exptl_crystal_grow.time            ? 
_exptl_crystal_grow.pdbx_details    '0.1M MES pH6.0, 0.2M Ammonium acetate, 24% PEG4000' 
_exptl_crystal_grow.pdbx_pH_range   ? 
# 
_diffrn.ambient_environment              ? 
_diffrn.ambient_temp                     100 
_diffrn.ambient_temp_details             ? 
_diffrn.ambient_temp_esd                 ? 
_diffrn.crystal_id                       1 
_diffrn.crystal_support                  ? 
_diffrn.crystal_treatment                ? 
_diffrn.details                          ? 
_diffrn.id                               1 
_diffrn.ambient_pressure                 ? 
_diffrn.ambient_pressure_esd             ? 
_diffrn.ambient_pressure_gt              ? 
_diffrn.ambient_pressure_lt              ? 
_diffrn.ambient_temp_gt                  ? 
_diffrn.ambient_temp_lt                  ? 
_diffrn.pdbx_serial_crystal_experiment   N 
# 
_diffrn_detector.details                      ? 
_diffrn_detector.detector                     'IMAGE PLATE' 
_diffrn_detector.diffrn_id                    1 
_diffrn_detector.type                         'RIGAKU RAXIS VII' 
_diffrn_detector.area_resol_mean              ? 
_diffrn_detector.dtime                        ? 
_diffrn_detector.pdbx_frames_total            ? 
_diffrn_detector.pdbx_collection_time_total   ? 
_diffrn_detector.pdbx_collection_date         2015-05-26 
_diffrn_detector.pdbx_frequency               ? 
# 
_diffrn_radiation.collimation                      ? 
_diffrn_radiation.diffrn_id                        1 
_diffrn_radiation.filter_edge                      ? 
_diffrn_radiation.inhomogeneity                    ? 
_diffrn_radiation.monochromator                    ? 
_diffrn_radiation.polarisn_norm                    ? 
_diffrn_radiation.polarisn_ratio                   ? 
_diffrn_radiation.probe                            ? 
_diffrn_radiation.type                             ? 
_diffrn_radiation.xray_symbol                      ? 
_diffrn_radiation.wavelength_id                    1 
_diffrn_radiation.pdbx_monochromatic_or_laue_m_l   M 
_diffrn_radiation.pdbx_wavelength_list             ? 
_diffrn_radiation.pdbx_wavelength                  ? 
_diffrn_radiation.pdbx_diffrn_protocol             'SINGLE WAVELENGTH' 
_diffrn_radiation.pdbx_analyzer                    ? 
_diffrn_radiation.pdbx_scattering_type             x-ray 
# 
_diffrn_radiation_wavelength.id           1 
_diffrn_radiation_wavelength.wavelength   1.5418 
_diffrn_radiation_wavelength.wt           1.0 
# 
_diffrn_source.current                     ? 
_diffrn_source.details                     ? 
_diffrn_source.diffrn_id                   1 
_diffrn_source.power                       ? 
_diffrn_source.size                        ? 
_diffrn_source.source                      'ROTATING ANODE' 
_diffrn_source.target                      ? 
_diffrn_source.type                        'RIGAKU MICROMAX-007 HF' 
_diffrn_source.voltage                     ? 
_diffrn_source.take-off_angle              ? 
_diffrn_source.pdbx_wavelength_list        1.5418 
_diffrn_source.pdbx_wavelength             ? 
_diffrn_source.pdbx_synchrotron_beamline   ? 
_diffrn_source.pdbx_synchrotron_site       ? 
# 
_reflns.B_iso_Wilson_estimate            ? 
_reflns.entry_id                         7C7N 
_reflns.data_reduction_details           ? 
_reflns.data_reduction_method            ? 
_reflns.d_resolution_high                2.30 
_reflns.d_resolution_low                 24.49 
_reflns.details                          ? 
_reflns.limit_h_max                      ? 
_reflns.limit_h_min                      ? 
_reflns.limit_k_max                      ? 
_reflns.limit_k_min                      ? 
_reflns.limit_l_max                      ? 
_reflns.limit_l_min                      ? 
_reflns.number_all                       ? 
_reflns.number_obs                       8837 
_reflns.observed_criterion               ? 
_reflns.observed_criterion_F_max         ? 
_reflns.observed_criterion_F_min         ? 
_reflns.observed_criterion_I_max         ? 
_reflns.observed_criterion_I_min         ? 
_reflns.observed_criterion_sigma_F       ? 
_reflns.observed_criterion_sigma_I       ? 
_reflns.percent_possible_obs             99.8 
_reflns.R_free_details                   ? 
_reflns.Rmerge_F_all                     ? 
_reflns.Rmerge_F_obs                     ? 
_reflns.Friedel_coverage                 ? 
_reflns.number_gt                        ? 
_reflns.threshold_expression             ? 
_reflns.pdbx_redundancy                  5.47 
_reflns.pdbx_Rmerge_I_obs                0.111 
_reflns.pdbx_Rmerge_I_all                ? 
_reflns.pdbx_Rsym_value                  ? 
_reflns.pdbx_netI_over_av_sigmaI         ? 
_reflns.pdbx_netI_over_sigmaI            9.5 
_reflns.pdbx_res_netI_over_av_sigmaI_2   ? 
_reflns.pdbx_res_netI_over_sigmaI_2      ? 
_reflns.pdbx_chi_squared                 ? 
_reflns.pdbx_scaling_rejects             ? 
_reflns.pdbx_d_res_high_opt              ? 
_reflns.pdbx_d_res_low_opt               ? 
_reflns.pdbx_d_res_opt_method            ? 
_reflns.phase_calculation_details        ? 
_reflns.pdbx_Rrim_I_all                  ? 
_reflns.pdbx_Rpim_I_all                  ? 
_reflns.pdbx_d_opt                       ? 
_reflns.pdbx_number_measured_all         ? 
_reflns.pdbx_diffrn_id                   1 
_reflns.pdbx_ordinal                     1 
_reflns.pdbx_CC_half                     ? 
_reflns.pdbx_CC_star                     ? 
_reflns.pdbx_R_split                     ? 
# 
_reflns_shell.d_res_high                  2.30 
_reflns_shell.d_res_low                   2.38 
_reflns_shell.meanI_over_sigI_all         ? 
_reflns_shell.meanI_over_sigI_obs         ? 
_reflns_shell.number_measured_all         ? 
_reflns_shell.number_measured_obs         ? 
_reflns_shell.number_possible             ? 
_reflns_shell.number_unique_all           ? 
_reflns_shell.number_unique_obs           861 
_reflns_shell.percent_possible_all        ? 
_reflns_shell.percent_possible_obs        ? 
_reflns_shell.Rmerge_F_all                ? 
_reflns_shell.Rmerge_F_obs                ? 
_reflns_shell.Rmerge_I_all                ? 
_reflns_shell.Rmerge_I_obs                0.278 
_reflns_shell.meanI_over_sigI_gt          ? 
_reflns_shell.meanI_over_uI_all           ? 
_reflns_shell.meanI_over_uI_gt            ? 
_reflns_shell.number_measured_gt          ? 
_reflns_shell.number_unique_gt            ? 
_reflns_shell.percent_possible_gt         ? 
_reflns_shell.Rmerge_F_gt                 ? 
_reflns_shell.Rmerge_I_gt                 ? 
_reflns_shell.pdbx_redundancy             ? 
_reflns_shell.pdbx_Rsym_value             ? 
_reflns_shell.pdbx_chi_squared            ? 
_reflns_shell.pdbx_netI_over_sigmaI_all   ? 
_reflns_shell.pdbx_netI_over_sigmaI_obs   ? 
_reflns_shell.pdbx_Rrim_I_all             ? 
_reflns_shell.pdbx_Rpim_I_all             ? 
_reflns_shell.pdbx_rejects                ? 
_reflns_shell.pdbx_ordinal                1 
_reflns_shell.pdbx_diffrn_id              1 
_reflns_shell.pdbx_CC_half                ? 
_reflns_shell.pdbx_CC_star                ? 
_reflns_shell.pdbx_R_split                ? 
# 
_refine.aniso_B[1][1]                            2.61 
_refine.aniso_B[1][2]                            0.00 
_refine.aniso_B[1][3]                            0.00 
_refine.aniso_B[2][2]                            -0.49 
_refine.aniso_B[2][3]                            0.00 
_refine.aniso_B[3][3]                            -2.12 
_refine.B_iso_max                                ? 
_refine.B_iso_mean                               30.040 
_refine.B_iso_min                                ? 
_refine.correlation_coeff_Fo_to_Fc               0.937 
_refine.correlation_coeff_Fo_to_Fc_free          0.882 
_refine.details                                  'HYDROGENS HAVE BEEN ADDED IN THE RIDING POSITIONS' 
_refine.diff_density_max                         ? 
_refine.diff_density_max_esd                     ? 
_refine.diff_density_min                         ? 
_refine.diff_density_min_esd                     ? 
_refine.diff_density_rms                         ? 
_refine.diff_density_rms_esd                     ? 
_refine.entry_id                                 7C7N 
_refine.pdbx_refine_id                           'X-RAY DIFFRACTION' 
_refine.ls_abs_structure_details                 ? 
_refine.ls_abs_structure_Flack                   ? 
_refine.ls_abs_structure_Flack_esd               ? 
_refine.ls_abs_structure_Rogers                  ? 
_refine.ls_abs_structure_Rogers_esd              ? 
_refine.ls_d_res_high                            2.30 
_refine.ls_d_res_low                             24.49 
_refine.ls_extinction_coef                       ? 
_refine.ls_extinction_coef_esd                   ? 
_refine.ls_extinction_expression                 ? 
_refine.ls_extinction_method                     ? 
_refine.ls_goodness_of_fit_all                   ? 
_refine.ls_goodness_of_fit_all_esd               ? 
_refine.ls_goodness_of_fit_obs                   ? 
_refine.ls_goodness_of_fit_obs_esd               ? 
_refine.ls_hydrogen_treatment                    ? 
_refine.ls_matrix_type                           ? 
_refine.ls_number_constraints                    ? 
_refine.ls_number_parameters                     ? 
_refine.ls_number_reflns_all                     ? 
_refine.ls_number_reflns_obs                     8397 
_refine.ls_number_reflns_R_free                  439 
_refine.ls_number_reflns_R_work                  ? 
_refine.ls_number_restraints                     ? 
_refine.ls_percent_reflns_obs                    99.65 
_refine.ls_percent_reflns_R_free                 5.0 
_refine.ls_R_factor_all                          ? 
_refine.ls_R_factor_obs                          0.20937 
_refine.ls_R_factor_R_free                       0.27557 
_refine.ls_R_factor_R_free_error                 ? 
_refine.ls_R_factor_R_free_error_details         ? 
_refine.ls_R_factor_R_work                       0.20602 
_refine.ls_R_Fsqd_factor_obs                     ? 
_refine.ls_R_I_factor_obs                        ? 
_refine.ls_redundancy_reflns_all                 ? 
_refine.ls_redundancy_reflns_obs                 ? 
_refine.ls_restrained_S_all                      ? 
_refine.ls_restrained_S_obs                      ? 
_refine.ls_shift_over_esd_max                    ? 
_refine.ls_shift_over_esd_mean                   ? 
_refine.ls_structure_factor_coef                 ? 
_refine.ls_weighting_details                     ? 
_refine.ls_weighting_scheme                      ? 
_refine.ls_wR_factor_all                         ? 
_refine.ls_wR_factor_obs                         ? 
_refine.ls_wR_factor_R_free                      ? 
_refine.ls_wR_factor_R_work                      ? 
_refine.occupancy_max                            ? 
_refine.occupancy_min                            ? 
_refine.solvent_model_details                    MASK 
_refine.solvent_model_param_bsol                 ? 
_refine.solvent_model_param_ksol                 ? 
_refine.pdbx_R_complete                          ? 
_refine.ls_R_factor_gt                           ? 
_refine.ls_goodness_of_fit_gt                    ? 
_refine.ls_goodness_of_fit_ref                   ? 
_refine.ls_shift_over_su_max                     ? 
_refine.ls_shift_over_su_max_lt                  ? 
_refine.ls_shift_over_su_mean                    ? 
_refine.ls_shift_over_su_mean_lt                 ? 
_refine.pdbx_ls_sigma_I                          ? 
_refine.pdbx_ls_sigma_F                          ? 
_refine.pdbx_ls_sigma_Fsqd                       ? 
_refine.pdbx_data_cutoff_high_absF               ? 
_refine.pdbx_data_cutoff_high_rms_absF           ? 
_refine.pdbx_data_cutoff_low_absF                ? 
_refine.pdbx_isotropic_thermal_model             ? 
_refine.pdbx_ls_cross_valid_method               THROUGHOUT 
_refine.pdbx_method_to_determine_struct          'MOLECULAR REPLACEMENT' 
_refine.pdbx_starting_model                      1AJ6 
_refine.pdbx_stereochemistry_target_values       'MAXIMUM LIKELIHOOD' 
_refine.pdbx_R_Free_selection_details            RANDOM 
_refine.pdbx_stereochem_target_val_spec_case     ? 
_refine.pdbx_overall_ESU_R                       0.440 
_refine.pdbx_overall_ESU_R_Free                  0.283 
_refine.pdbx_solvent_vdw_probe_radii             1.20 
_refine.pdbx_solvent_ion_probe_radii             0.80 
_refine.pdbx_solvent_shrinkage_radii             0.80 
_refine.pdbx_real_space_R                        ? 
_refine.pdbx_density_correlation                 ? 
_refine.pdbx_pd_number_of_powder_patterns        ? 
_refine.pdbx_pd_number_of_points                 ? 
_refine.pdbx_pd_meas_number_of_points            ? 
_refine.pdbx_pd_proc_ls_prof_R_factor            ? 
_refine.pdbx_pd_proc_ls_prof_wR_factor           ? 
_refine.pdbx_pd_Marquardt_correlation_coeff      ? 
_refine.pdbx_pd_Fsqrd_R_factor                   ? 
_refine.pdbx_pd_ls_matrix_band_width             ? 
_refine.pdbx_overall_phase_error                 ? 
_refine.pdbx_overall_SU_R_free_Cruickshank_DPI   ? 
_refine.pdbx_overall_SU_R_free_Blow_DPI          ? 
_refine.pdbx_overall_SU_R_Blow_DPI               ? 
_refine.pdbx_TLS_residual_ADP_flag               ? 
_refine.pdbx_diffrn_id                           1 
_refine.overall_SU_B                             8.072 
_refine.overall_SU_ML                            0.198 
_refine.overall_SU_R_Cruickshank_DPI             ? 
_refine.overall_SU_R_free                        ? 
_refine.overall_FOM_free_R_set                   ? 
_refine.overall_FOM_work_R_set                   ? 
_refine.pdbx_average_fsc_overall                 ? 
_refine.pdbx_average_fsc_work                    ? 
_refine.pdbx_average_fsc_free                    ? 
# 
_refine_hist.pdbx_refine_id                   'X-RAY DIFFRACTION' 
_refine_hist.cycle_id                         1 
_refine_hist.details                          ? 
_refine_hist.d_res_high                       2.30 
_refine_hist.d_res_low                        24.49 
_refine_hist.number_atoms_solvent             37 
_refine_hist.number_atoms_total               1600 
_refine_hist.number_reflns_all                ? 
_refine_hist.number_reflns_obs                ? 
_refine_hist.number_reflns_R_free             ? 
_refine_hist.number_reflns_R_work             ? 
_refine_hist.R_factor_all                     ? 
_refine_hist.R_factor_obs                     ? 
_refine_hist.R_factor_R_free                  ? 
_refine_hist.R_factor_R_work                  ? 
_refine_hist.pdbx_number_residues_total       ? 
_refine_hist.pdbx_B_iso_mean_ligand           ? 
_refine_hist.pdbx_B_iso_mean_solvent          ? 
_refine_hist.pdbx_number_atoms_protein        1537 
_refine_hist.pdbx_number_atoms_nucleic_acid   0 
_refine_hist.pdbx_number_atoms_ligand         26 
_refine_hist.pdbx_number_atoms_lipid          ? 
_refine_hist.pdbx_number_atoms_carb           ? 
_refine_hist.pdbx_pseudo_atom_details         ? 
# 
_refine_ls_shell.pdbx_refine_id                   'X-RAY DIFFRACTION' 
_refine_ls_shell.d_res_high                       2.300 
_refine_ls_shell.d_res_low                        2.360 
_refine_ls_shell.number_reflns_all                ? 
_refine_ls_shell.number_reflns_obs                ? 
_refine_ls_shell.number_reflns_R_free             34 
_refine_ls_shell.number_reflns_R_work             597 
_refine_ls_shell.percent_reflns_obs               100.00 
_refine_ls_shell.percent_reflns_R_free            ? 
_refine_ls_shell.R_factor_all                     ? 
_refine_ls_shell.R_factor_obs                     ? 
_refine_ls_shell.R_factor_R_free                  0.312 
_refine_ls_shell.R_factor_R_free_error            ? 
_refine_ls_shell.R_factor_R_work                  0.215 
_refine_ls_shell.redundancy_reflns_all            ? 
_refine_ls_shell.redundancy_reflns_obs            ? 
_refine_ls_shell.wR_factor_all                    ? 
_refine_ls_shell.wR_factor_obs                    ? 
_refine_ls_shell.wR_factor_R_free                 ? 
_refine_ls_shell.wR_factor_R_work                 ? 
_refine_ls_shell.pdbx_R_complete                  ? 
_refine_ls_shell.pdbx_total_number_of_bins_used   20 
_refine_ls_shell.pdbx_phase_error                 ? 
_refine_ls_shell.pdbx_fsc_work                    ? 
_refine_ls_shell.pdbx_fsc_free                    ? 
# 
_struct.entry_id                     7C7N 
_struct.title                        
'Crystal structure of E.coli DNA gyrase B in complex with 6-fluoro-8-(methylamino)-2-oxo-1,2-dihydroquinoline derivative' 
_struct.pdbx_model_details           ? 
_struct.pdbx_formula_weight          ? 
_struct.pdbx_formula_weight_method   ? 
_struct.pdbx_model_type_details      ? 
_struct.pdbx_CASP_flag               N 
# 
_struct_keywords.entry_id        7C7N 
_struct_keywords.text            'Inhibitor, Complex, Topoisomerase, Escherichia coli, ISOMERASE' 
_struct_keywords.pdbx_keywords   ISOMERASE 
# 
loop_
_struct_asym.id 
_struct_asym.pdbx_blank_PDB_chainid_flag 
_struct_asym.pdbx_modified 
_struct_asym.entity_id 
_struct_asym.details 
A N N 1 ? 
B N N 2 ? 
C N N 3 ? 
# 
loop_
_struct_conf.conf_type_id 
_struct_conf.id 
_struct_conf.pdbx_PDB_helix_id 
_struct_conf.beg_label_comp_id 
_struct_conf.beg_label_asym_id 
_struct_conf.beg_label_seq_id 
_struct_conf.pdbx_beg_PDB_ins_code 
_struct_conf.end_label_comp_id 
_struct_conf.end_label_asym_id 
_struct_conf.end_label_seq_id 
_struct_conf.pdbx_end_PDB_ins_code 
_struct_conf.beg_auth_comp_id 
_struct_conf.beg_auth_asym_id 
_struct_conf.beg_auth_seq_id 
_struct_conf.end_auth_comp_id 
_struct_conf.end_auth_asym_id 
_struct_conf.end_auth_seq_id 
_struct_conf.pdbx_PDB_helix_class 
_struct_conf.details 
_struct_conf.pdbx_PDB_helix_length 
HELX_P HELX_P1 AA1 SER A 7   ? ARG A 22  ? SER A 7   ARG A 22  1 ? 16 
HELX_P HELX_P2 AA2 PRO A 23  ? TYR A 26  ? PRO A 23  TYR A 26  5 ? 4  
HELX_P HELX_P3 AA3 GLY A 33  ? ALA A 53  ? GLY A 33  ALA A 53  1 ? 21 
HELX_P HELX_P4 AA4 SER A 89  ? VAL A 97  ? SER A 89  VAL A 97  1 ? 9  
HELX_P HELX_P5 AA5 VAL A 120 ? LEU A 126 ? VAL A 120 LEU A 126 1 ? 7  
HELX_P HELX_P6 AA6 GLU A 183 ? ASN A 198 ? GLU A 183 ASN A 198 1 ? 16 
# 
_struct_conf_type.id          HELX_P 
_struct_conf_type.criteria    ? 
_struct_conf_type.reference   ? 
# 
loop_
_struct_sheet.id 
_struct_sheet.type 
_struct_sheet.number_strands 
_struct_sheet.details 
AA1 ? 3 ? 
AA2 ? 8 ? 
# 
loop_
_struct_sheet_order.sheet_id 
_struct_sheet_order.range_id_1 
_struct_sheet_order.range_id_2 
_struct_sheet_order.offset 
_struct_sheet_order.sense 
AA1 1 2 ? anti-parallel 
AA1 2 3 ? anti-parallel 
AA2 1 2 ? anti-parallel 
AA2 2 3 ? anti-parallel 
AA2 3 4 ? anti-parallel 
AA2 4 5 ? anti-parallel 
AA2 5 6 ? anti-parallel 
AA2 6 7 ? parallel      
AA2 7 8 ? anti-parallel 
# 
loop_
_struct_sheet_range.sheet_id 
_struct_sheet_range.id 
_struct_sheet_range.beg_label_comp_id 
_struct_sheet_range.beg_label_asym_id 
_struct_sheet_range.beg_label_seq_id 
_struct_sheet_range.pdbx_beg_PDB_ins_code 
_struct_sheet_range.end_label_comp_id 
_struct_sheet_range.end_label_asym_id 
_struct_sheet_range.end_label_seq_id 
_struct_sheet_range.pdbx_end_PDB_ins_code 
_struct_sheet_range.beg_auth_comp_id 
_struct_sheet_range.beg_auth_asym_id 
_struct_sheet_range.beg_auth_seq_id 
_struct_sheet_range.end_auth_comp_id 
_struct_sheet_range.end_auth_asym_id 
_struct_sheet_range.end_auth_seq_id 
AA1 1 VAL A 149 ? PRO A 150 ? VAL A 149 PRO A 150 
AA1 2 LYS A 139 ? GLU A 146 ? LYS A 139 GLU A 146 
AA1 3 ALA A 155 ? GLU A 159 ? ALA A 155 GLU A 159 
AA2 1 VAL A 149 ? PRO A 150 ? VAL A 149 PRO A 150 
AA2 2 LYS A 139 ? GLU A 146 ? LYS A 139 GLU A 146 
AA2 3 SER A 127 ? ARG A 136 ? SER A 127 ARG A 136 
AA2 4 GLY A 164 ? PRO A 171 ? GLY A 164 PRO A 171 
AA2 5 VAL A 69  ? ASP A 73  ? VAL A 69  ASP A 73  
AA2 6 GLU A 58  ? ILE A 63  ? GLU A 58  ILE A 63  
AA2 7 SER A 202 ? ASP A 207 ? SER A 202 ASP A 207 
AA2 8 GLU A 213 ? PHE A 216 ? GLU A 213 PHE A 216 
# 
loop_
_pdbx_struct_sheet_hbond.sheet_id 
_pdbx_struct_sheet_hbond.range_id_1 
_pdbx_struct_sheet_hbond.range_id_2 
_pdbx_struct_sheet_hbond.range_1_label_atom_id 
_pdbx_struct_sheet_hbond.range_1_label_comp_id 
_pdbx_struct_sheet_hbond.range_1_label_asym_id 
_pdbx_struct_sheet_hbond.range_1_label_seq_id 
_pdbx_struct_sheet_hbond.range_1_PDB_ins_code 
_pdbx_struct_sheet_hbond.range_1_auth_atom_id 
_pdbx_struct_sheet_hbond.range_1_auth_comp_id 
_pdbx_struct_sheet_hbond.range_1_auth_asym_id 
_pdbx_struct_sheet_hbond.range_1_auth_seq_id 
_pdbx_struct_sheet_hbond.range_2_label_atom_id 
_pdbx_struct_sheet_hbond.range_2_label_comp_id 
_pdbx_struct_sheet_hbond.range_2_label_asym_id 
_pdbx_struct_sheet_hbond.range_2_label_seq_id 
_pdbx_struct_sheet_hbond.range_2_PDB_ins_code 
_pdbx_struct_sheet_hbond.range_2_auth_atom_id 
_pdbx_struct_sheet_hbond.range_2_auth_comp_id 
_pdbx_struct_sheet_hbond.range_2_auth_asym_id 
_pdbx_struct_sheet_hbond.range_2_auth_seq_id 
AA1 1 2 O VAL A 149 ? O VAL A 149 N GLU A 146 ? N GLU A 146 
AA1 2 3 N ARG A 142 ? N ARG A 142 O ALA A 155 ? O ALA A 155 
AA2 1 2 O VAL A 149 ? O VAL A 149 N GLU A 146 ? N GLU A 146 
AA2 2 3 O HIS A 141 ? O HIS A 141 N ILE A 134 ? N ILE A 134 
AA2 3 4 N GLU A 131 ? N GLU A 131 O ARG A 168 ? O ARG A 168 
AA2 4 5 O VAL A 167 ? O VAL A 167 N VAL A 71  ? N VAL A 71  
AA2 5 6 O GLN A 72  ? O GLN A 72  N ILE A 60  ? N ILE A 60  
AA2 6 7 N VAL A 61  ? N VAL A 61  O ARG A 204 ? O ARG A 204 
AA2 7 8 N ILE A 203 ? N ILE A 203 O PHE A 216 ? O PHE A 216 
# 
_struct_site.id                   AC1 
_struct_site.pdbx_evidence_code   Software 
_struct_site.pdbx_auth_asym_id    A 
_struct_site.pdbx_auth_comp_id    FKR 
_struct_site.pdbx_auth_seq_id     301 
_struct_site.pdbx_auth_ins_code   ? 
_struct_site.pdbx_num_residues    13 
_struct_site.details              'binding site for residue FKR A 301' 
# 
loop_
_struct_site_gen.id 
_struct_site_gen.site_id 
_struct_site_gen.pdbx_num_res 
_struct_site_gen.label_comp_id 
_struct_site_gen.label_asym_id 
_struct_site_gen.label_seq_id 
_struct_site_gen.pdbx_auth_ins_code 
_struct_site_gen.auth_comp_id 
_struct_site_gen.auth_asym_id 
_struct_site_gen.auth_seq_id 
_struct_site_gen.label_atom_id 
_struct_site_gen.label_alt_id 
_struct_site_gen.symmetry 
_struct_site_gen.details 
1  AC1 13 ASN A 46  ? ASN A 46  . ? 1_555 ? 
2  AC1 13 GLU A 50  ? GLU A 50  . ? 1_555 ? 
3  AC1 13 VAL A 71  ? VAL A 71  . ? 1_555 ? 
4  AC1 13 ASP A 73  ? ASP A 73  . ? 1_555 ? 
5  AC1 13 ARG A 76  ? ARG A 76  . ? 1_555 ? 
6  AC1 13 GLY A 77  ? GLY A 77  . ? 1_555 ? 
7  AC1 13 ILE A 78  ? ILE A 78  . ? 1_555 ? 
8  AC1 13 PRO A 79  ? PRO A 79  . ? 1_555 ? 
9  AC1 13 VAL A 120 ? VAL A 120 . ? 1_555 ? 
10 AC1 13 ARG A 136 ? ARG A 136 . ? 1_555 ? 
11 AC1 13 THR A 165 ? THR A 165 . ? 1_555 ? 
12 AC1 13 VAL A 167 ? VAL A 167 . ? 1_555 ? 
13 AC1 13 HOH C .   ? HOH A 416 . ? 1_555 ? 
# 
_atom_sites.entry_id                    7C7N 
_atom_sites.Cartn_transf_matrix[1][1]   ? 
_atom_sites.Cartn_transf_matrix[1][2]   ? 
_atom_sites.Cartn_transf_matrix[1][3]   ? 
_atom_sites.Cartn_transf_matrix[2][1]   ? 
_atom_sites.Cartn_transf_matrix[2][2]   ? 
_atom_sites.Cartn_transf_matrix[2][3]   ? 
_atom_sites.Cartn_transf_matrix[3][1]   ? 
_atom_sites.Cartn_transf_matrix[3][2]   ? 
_atom_sites.Cartn_transf_matrix[3][3]   ? 
_atom_sites.Cartn_transf_vector[1]      ? 
_atom_sites.Cartn_transf_vector[2]      ? 
_atom_sites.Cartn_transf_vector[3]      ? 
_atom_sites.fract_transf_matrix[1][1]   0.01340347 
_atom_sites.fract_transf_matrix[1][2]   -0.01873735 
_atom_sites.fract_transf_matrix[1][3]   0.00738974 
_atom_sites.fract_transf_matrix[2][1]   -0.00409776 
_atom_sites.fract_transf_matrix[2][2]   0.00262841 
_atom_sites.fract_transf_matrix[2][3]   0.01409706 
_atom_sites.fract_transf_matrix[3][1]   -0.01152085 
_atom_sites.fract_transf_matrix[3][2]   -0.00890706 
_atom_sites.fract_transf_matrix[3][3]   -0.00168817 
_atom_sites.fract_transf_vector[1]      -0.014224 
_atom_sites.fract_transf_vector[2]      -0.068264 
_atom_sites.fract_transf_vector[3]      0.183864 
_atom_sites.solution_primary            ? 
_atom_sites.solution_secondary          ? 
_atom_sites.solution_hydrogens          ? 
_atom_sites.special_details             ? 
# 
loop_
_atom_type.symbol 
C 
F 
N 
O 
S 
# 
loop_
_atom_site.group_PDB 
_atom_site.id 
_atom_site.type_symbol 
_atom_site.label_atom_id 
_atom_site.label_alt_id 
_atom_site.label_comp_id 
_atom_site.label_asym_id 
_atom_site.label_entity_id 
_atom_site.label_seq_id 
_atom_site.pdbx_PDB_ins_code 
_atom_site.Cartn_x 
_atom_site.Cartn_y 
_atom_site.Cartn_z 
_atom_site.occupancy 
_atom_site.B_iso_or_equiv 
_atom_site.pdbx_formal_charge 
_atom_site.auth_seq_id 
_atom_site.auth_comp_id 
_atom_site.auth_asym_id 
_atom_site.auth_atom_id 
_atom_site.pdbx_PDB_model_num 
ATOM   1    N N   . SER A 1 7   ? 2.208   -24.257 -8.315  1.00 56.28  ? 7   SER A N   1 
ATOM   2    C CA  . SER A 1 7   ? 1.266   -24.351 -7.167  1.00 58.18  ? 7   SER A CA  1 
ATOM   3    C C   . SER A 1 7   ? 0.982   -22.953 -6.610  1.00 56.01  ? 7   SER A C   1 
ATOM   4    O O   . SER A 1 7   ? -0.195  -22.661 -6.297  1.00 55.07  ? 7   SER A O   1 
ATOM   5    C CB  . SER A 1 7   ? 1.814   -25.254 -6.081  1.00 58.94  ? 7   SER A CB  1 
ATOM   6    O OG  . SER A 1 7   ? 1.641   -26.627 -6.410  1.00 60.96  ? 7   SER A OG  1 
ATOM   7    N N   . SER A 1 8   ? 2.031   -22.137 -6.488  1.00 50.70  ? 8   SER A N   1 
ATOM   8    C CA  . SER A 1 8   ? 1.975   -20.750 -5.964  1.00 52.92  ? 8   SER A CA  1 
ATOM   9    C C   . SER A 1 8   ? 1.149   -19.840 -6.891  1.00 48.04  ? 8   SER A C   1 
ATOM   10   O O   . SER A 1 8   ? 0.300   -19.110 -6.356  1.00 48.92  ? 8   SER A O   1 
ATOM   11   C CB  . SER A 1 8   ? 3.359   -20.211 -5.708  1.00 53.17  ? 8   SER A CB  1 
ATOM   12   O OG  . SER A 1 8   ? 4.330   -21.020 -6.349  1.00 57.85  ? 8   SER A OG  1 
ATOM   13   N N   . SER A 1 9   ? 1.359   -19.850 -8.214  1.00 40.88  ? 9   SER A N   1 
ATOM   14   C CA  . SER A 1 9   ? 0.578   -18.969 -9.127  1.00 40.86  ? 9   SER A CA  1 
ATOM   15   C C   . SER A 1 9   ? -0.918  -19.277 -8.960  1.00 38.36  ? 9   SER A C   1 
ATOM   16   O O   . SER A 1 9   ? -1.715  -18.329 -8.765  1.00 38.18  ? 9   SER A O   1 
ATOM   17   C CB  . SER A 1 9   ? 1.009   -19.072 -10.567 1.00 41.42  ? 9   SER A CB  1 
ATOM   18   O OG  . SER A 1 9   ? 0.050   -18.441 -11.420 1.00 42.88  ? 9   SER A OG  1 
ATOM   19   N N   . ILE A 1 10  ? -1.278  -20.560 -9.000  1.00 37.56  ? 10  ILE A N   1 
ATOM   20   C CA  . ILE A 1 10  ? -2.681  -21.037 -8.854  1.00 36.23  ? 10  ILE A CA  1 
ATOM   21   C C   . ILE A 1 10  ? -3.218  -20.519 -7.520  1.00 34.29  ? 10  ILE A C   1 
ATOM   22   O O   . ILE A 1 10  ? -4.325  -19.983 -7.517  1.00 35.61  ? 10  ILE A O   1 
ATOM   23   C CB  . ILE A 1 10  ? -2.785  -22.573 -8.964  1.00 38.24  ? 10  ILE A CB  1 
ATOM   24   C CG1 . ILE A 1 10  ? -2.314  -23.085 -10.332 1.00 39.73  ? 10  ILE A CG1 1 
ATOM   25   C CG2 . ILE A 1 10  ? -4.210  -23.029 -8.667  1.00 39.05  ? 10  ILE A CG2 1 
ATOM   26   C CD1 . ILE A 1 10  ? -2.047  -24.571 -10.387 1.00 38.27  ? 10  ILE A CD1 1 
ATOM   27   N N   . LYS A 1 11  ? -2.441  -20.658 -6.447  1.00 36.14  ? 11  LYS A N   1 
ATOM   28   C CA  . LYS A 1 11  ? -2.863  -20.356 -5.052  1.00 39.24  ? 11  LYS A CA  1 
ATOM   29   C C   . LYS A 1 11  ? -3.047  -18.837 -4.879  1.00 35.53  ? 11  LYS A C   1 
ATOM   30   O O   . LYS A 1 11  ? -4.052  -18.426 -4.244  1.00 32.11  ? 11  LYS A O   1 
ATOM   31   C CB  . LYS A 1 11  ? -1.853  -20.967 -4.071  1.00 43.53  ? 11  LYS A CB  1 
ATOM   32   C CG  . LYS A 1 11  ? -2.242  -20.904 -2.595  1.00 50.28  ? 11  LYS A CG  1 
ATOM   33   C CD  . LYS A 1 11  ? -1.073  -21.169 -1.638  1.00 53.96  ? 11  LYS A CD  1 
ATOM   34   C CE  . LYS A 1 11  ? -1.215  -20.499 -0.280  1.00 57.57  ? 11  LYS A CE  1 
ATOM   35   N NZ  . LYS A 1 11  ? -1.908  -21.366 0.706   1.00 57.46  ? 11  LYS A NZ  1 
ATOM   36   N N   . VAL A 1 12  ? -2.116  -18.035 -5.408  1.00 34.32  ? 12  VAL A N   1 
ATOM   37   C CA  . VAL A 1 12  ? -2.187  -16.541 -5.425  1.00 34.23  ? 12  VAL A CA  1 
ATOM   38   C C   . VAL A 1 12  ? -3.491  -16.126 -6.113  1.00 32.64  ? 12  VAL A C   1 
ATOM   39   O O   . VAL A 1 12  ? -4.183  -15.248 -5.565  1.00 32.00  ? 12  VAL A O   1 
ATOM   40   C CB  . VAL A 1 12  ? -0.964  -15.893 -6.116  1.00 38.26  ? 12  VAL A CB  1 
ATOM   41   C CG1 . VAL A 1 12  ? -1.218  -14.448 -6.531  1.00 38.19  ? 12  VAL A CG1 1 
ATOM   42   C CG2 . VAL A 1 12  ? 0.292   -15.969 -5.259  1.00 40.33  ? 12  VAL A CG2 1 
ATOM   43   N N   . LEU A 1 13  ? -3.812  -16.696 -7.279  1.00 31.27  ? 13  LEU A N   1 
ATOM   44   C CA  . LEU A 1 13  ? -5.004  -16.240 -8.045  1.00 30.28  ? 13  LEU A CA  1 
ATOM   45   C C   . LEU A 1 13  ? -6.271  -16.666 -7.302  1.00 29.38  ? 13  LEU A C   1 
ATOM   46   O O   . LEU A 1 13  ? -7.193  -15.842 -7.275  1.00 27.74  ? 13  LEU A O   1 
ATOM   47   C CB  . LEU A 1 13  ? -4.978  -16.746 -9.490  1.00 30.81  ? 13  LEU A CB  1 
ATOM   48   C CG  . LEU A 1 13  ? -3.981  -16.025 -10.398 1.00 32.19  ? 13  LEU A CG  1 
ATOM   49   C CD1 . LEU A 1 13  ? -4.006  -16.606 -11.806 1.00 32.89  ? 13  LEU A CD1 1 
ATOM   50   C CD2 . LEU A 1 13  ? -4.232  -14.524 -10.429 1.00 30.49  ? 13  LEU A CD2 1 
ATOM   51   N N   . LYS A 1 14  ? -6.280  -17.835 -6.650  1.00 27.61  ? 14  LYS A N   1 
ATOM   52   C CA  . LYS A 1 14  ? -7.417  -18.253 -5.786  1.00 30.27  ? 14  LYS A CA  1 
ATOM   53   C C   . LYS A 1 14  ? -7.638  -17.180 -4.710  1.00 27.06  ? 14  LYS A C   1 
ATOM   54   O O   . LYS A 1 14  ? -8.794  -16.785 -4.499  1.00 25.92  ? 14  LYS A O   1 
ATOM   55   C CB  . LYS A 1 14  ? -7.201  -19.602 -5.084  1.00 35.58  ? 14  LYS A CB  1 
ATOM   56   C CG  . LYS A 1 14  ? -6.583  -20.723 -5.913  1.00 40.73  ? 14  LYS A CG  1 
ATOM   57   C CD  . LYS A 1 14  ? -6.650  -22.106 -5.260  1.00 45.88  ? 14  LYS A CD  1 
ATOM   58   C CE  . LYS A 1 14  ? -5.319  -22.846 -5.244  1.00 50.27  ? 14  LYS A CE  1 
ATOM   59   N NZ  . LYS A 1 14  ? -5.481  -24.323 -5.160  1.00 52.12  ? 14  LYS A NZ  1 
ATOM   60   N N   . GLY A 1 15  ? -6.562  -16.737 -4.055  1.00 26.32  ? 15  GLY A N   1 
ATOM   61   C CA  . GLY A 1 15  ? -6.590  -15.683 -3.019  1.00 27.43  ? 15  GLY A CA  1 
ATOM   62   C C   . GLY A 1 15  ? -7.179  -14.382 -3.544  1.00 27.25  ? 15  GLY A C   1 
ATOM   63   O O   . GLY A 1 15  ? -8.024  -13.801 -2.845  1.00 29.20  ? 15  GLY A O   1 
ATOM   64   N N   . LEU A 1 16  ? -6.764  -13.921 -4.728  1.00 26.92  ? 16  LEU A N   1 
ATOM   65   C CA  . LEU A 1 16  ? -7.224  -12.615 -5.283  1.00 27.15  ? 16  LEU A CA  1 
ATOM   66   C C   . LEU A 1 16  ? -8.714  -12.754 -5.588  1.00 27.16  ? 16  LEU A C   1 
ATOM   67   O O   . LEU A 1 16  ? -9.491  -11.817 -5.294  1.00 25.13  ? 16  LEU A O   1 
ATOM   68   C CB  . LEU A 1 16  ? -6.460  -12.244 -6.564  1.00 29.28  ? 16  LEU A CB  1 
ATOM   69   C CG  . LEU A 1 16  ? -4.975  -11.894 -6.438  1.00 30.84  ? 16  LEU A CG  1 
ATOM   70   C CD1 . LEU A 1 16  ? -4.438  -11.428 -7.789  1.00 31.59  ? 16  LEU A CD1 1 
ATOM   71   C CD2 . LEU A 1 16  ? -4.727  -10.827 -5.376  1.00 30.34  ? 16  LEU A CD2 1 
ATOM   72   N N   . ASP A 1 17  ? -9.078  -13.888 -6.182  1.00 26.35  ? 17  ASP A N   1 
ATOM   73   C CA  . ASP A 1 17  ? -10.476 -14.196 -6.544  1.00 27.76  ? 17  ASP A CA  1 
ATOM   74   C C   . ASP A 1 17  ? -11.308 -14.208 -5.261  1.00 27.23  ? 17  ASP A C   1 
ATOM   75   O O   . ASP A 1 17  ? -12.416 -13.655 -5.292  1.00 26.92  ? 17  ASP A O   1 
ATOM   76   C CB  . ASP A 1 17  ? -10.589 -15.521 -7.299  1.00 29.56  ? 17  ASP A CB  1 
ATOM   77   C CG  . ASP A 1 17  ? -11.942 -15.704 -7.960  1.00 29.37  ? 17  ASP A CG  1 
ATOM   78   O OD1 . ASP A 1 17  ? -12.424 -14.727 -8.558  1.00 29.98  ? 17  ASP A OD1 1 
ATOM   79   O OD2 . ASP A 1 17  ? -12.513 -16.805 -7.844  1.00 33.48  ? 17  ASP A OD2 1 
ATOM   80   N N   . ALA A 1 18  ? -10.780 -14.814 -4.186  1.00 26.81  ? 18  ALA A N   1 
ATOM   81   C CA  . ALA A 1 18  ? -11.467 -14.965 -2.882  1.00 24.74  ? 18  ALA A CA  1 
ATOM   82   C C   . ALA A 1 18  ? -11.828 -13.573 -2.350  1.00 23.57  ? 18  ALA A C   1 
ATOM   83   O O   . ALA A 1 18  ? -12.980 -13.358 -1.914  1.00 22.17  ? 18  ALA A O   1 
ATOM   84   C CB  . ALA A 1 18  ? -10.599 -15.725 -1.916  1.00 23.51  ? 18  ALA A CB  1 
ATOM   85   N N   . VAL A 1 19  ? -10.878 -12.649 -2.418  1.00 22.35  ? 19  VAL A N   1 
ATOM   86   C CA  . VAL A 1 19  ? -11.018 -11.298 -1.816  1.00 23.47  ? 19  VAL A CA  1 
ATOM   87   C C   . VAL A 1 19  ? -11.974 -10.487 -2.698  1.00 23.97  ? 19  VAL A C   1 
ATOM   88   O O   . VAL A 1 19  ? -12.782 -9.704  -2.145  1.00 21.44  ? 19  VAL A O   1 
ATOM   89   C CB  . VAL A 1 19  ? -9.651  -10.616 -1.653  1.00 24.67  ? 19  VAL A CB  1 
ATOM   90   C CG1 . VAL A 1 19  ? -9.791  -9.247  -1.020  1.00 25.14  ? 19  VAL A CG1 1 
ATOM   91   C CG2 . VAL A 1 19  ? -8.678  -11.465 -0.857  1.00 25.10  ? 19  VAL A CG2 1 
ATOM   92   N N   . ARG A 1 20  ? -11.890 -10.693 -4.012  1.00 25.65  ? 20  ARG A N   1 
ATOM   93   C CA  . ARG A 1 20  ? -12.723 -10.019 -5.052  1.00 30.76  ? 20  ARG A CA  1 
ATOM   94   C C   . ARG A 1 20  ? -14.207 -10.288 -4.813  1.00 26.70  ? 20  ARG A C   1 
ATOM   95   O O   . ARG A 1 20  ? -14.979 -9.328  -4.845  1.00 23.65  ? 20  ARG A O   1 
ATOM   96   C CB  . ARG A 1 20  ? -12.410 -10.573 -6.445  1.00 38.18  ? 20  ARG A CB  1 
ATOM   97   C CG  . ARG A 1 20  ? -12.864 -9.678  -7.584  1.00 44.85  ? 20  ARG A CG  1 
ATOM   98   C CD  . ARG A 1 20  ? -12.014 -8.419  -7.645  1.00 51.12  ? 20  ARG A CD  1 
ATOM   99   N NE  . ARG A 1 20  ? -10.580 -8.712  -7.651  1.00 57.58  ? 20  ARG A NE  1 
ATOM   100  C CZ  . ARG A 1 20  ? -9.826  -8.874  -8.742  1.00 58.86  ? 20  ARG A CZ  1 
ATOM   101  N NH1 . ARG A 1 20  ? -10.357 -8.777  -9.960  1.00 53.12  ? 20  ARG A NH1 1 
ATOM   102  N NH2 . ARG A 1 20  ? -8.532  -9.120  -8.593  1.00 54.68  ? 20  ARG A NH2 1 
ATOM   103  N N   . LYS A 1 21  ? -14.547 -11.562 -4.599  1.00 25.89  ? 21  LYS A N   1 
ATOM   104  C CA  . LYS A 1 21  ? -15.926 -12.085 -4.417  1.00 27.72  ? 21  LYS A CA  1 
ATOM   105  C C   . LYS A 1 21  ? -16.500 -11.762 -3.036  1.00 27.38  ? 21  LYS A C   1 
ATOM   106  O O   . LYS A 1 21  ? -17.728 -11.598 -2.956  1.00 26.12  ? 21  LYS A O   1 
ATOM   107  C CB  . LYS A 1 21  ? -15.933 -13.605 -4.546  1.00 30.97  ? 21  LYS A CB  1 
ATOM   108  C CG  . LYS A 1 21  ? -16.048 -14.124 -5.969  1.00 34.84  ? 21  LYS A CG  1 
ATOM   109  C CD  . LYS A 1 21  ? -15.006 -15.154 -6.288  1.00 38.47  ? 21  LYS A CD  1 
ATOM   110  C CE  . LYS A 1 21  ? -15.582 -16.469 -6.762  1.00 44.70  ? 21  LYS A CE  1 
ATOM   111  N NZ  . LYS A 1 21  ? -15.899 -17.344 -5.608  1.00 50.23  ? 21  LYS A NZ  1 
ATOM   112  N N   . ARG A 1 22  ? -15.676 -11.767 -1.984  1.00 28.54  ? 22  ARG A N   1 
ATOM   113  C CA  . ARG A 1 22  ? -16.140 -11.557 -0.577  1.00 30.33  ? 22  ARG A CA  1 
ATOM   114  C C   . ARG A 1 22  ? -15.279 -10.470 0.079   1.00 30.87  ? 22  ARG A C   1 
ATOM   115  O O   . ARG A 1 22  ? -14.605 -10.706 1.081   1.00 28.55  ? 22  ARG A O   1 
ATOM   116  C CB  . ARG A 1 22  ? -16.120 -12.904 0.158   1.00 32.98  ? 22  ARG A CB  1 
ATOM   117  C CG  . ARG A 1 22  ? -17.363 -13.761 -0.072  1.00 34.78  ? 22  ARG A CG  1 
ATOM   118  C CD  . ARG A 1 22  ? -17.283 -15.208 0.385   1.00 36.78  ? 22  ARG A CD  1 
ATOM   119  N NE  . ARG A 1 22  ? -16.795 -16.037 -0.711  1.00 42.26  ? 22  ARG A NE  1 
ATOM   120  C CZ  . ARG A 1 22  ? -17.499 -16.938 -1.387  1.00 41.50  ? 22  ARG A CZ  1 
ATOM   121  N NH1 . ARG A 1 22  ? -16.928 -17.588 -2.387  1.00 45.54  ? 22  ARG A NH1 1 
ATOM   122  N NH2 . ARG A 1 22  ? -18.750 -17.212 -1.063  1.00 41.60  ? 22  ARG A NH2 1 
ATOM   123  N N   . PRO A 1 23  ? -15.240 -9.233  -0.473  1.00 29.93  ? 23  PRO A N   1 
ATOM   124  C CA  . PRO A 1 23  ? -14.368 -8.188  0.068   1.00 32.81  ? 23  PRO A CA  1 
ATOM   125  C C   . PRO A 1 23  ? -14.748 -7.693  1.479   1.00 32.84  ? 23  PRO A C   1 
ATOM   126  O O   . PRO A 1 23  ? -13.883 -7.119  2.124   1.00 33.23  ? 23  PRO A O   1 
ATOM   127  C CB  . PRO A 1 23  ? -14.452 -7.058  -0.982  1.00 31.24  ? 23  PRO A CB  1 
ATOM   128  C CG  . PRO A 1 23  ? -15.786 -7.276  -1.668  1.00 31.36  ? 23  PRO A CG  1 
ATOM   129  C CD  . PRO A 1 23  ? -16.003 -8.780  -1.644  1.00 30.11  ? 23  PRO A CD  1 
ATOM   130  N N   . GLY A 1 24  ? -15.992 -7.915  1.928   1.00 33.64  ? 24  GLY A N   1 
ATOM   131  C CA  . GLY A 1 24  ? -16.477 -7.526  3.273   1.00 33.10  ? 24  GLY A CA  1 
ATOM   132  C C   . GLY A 1 24  ? -15.748 -8.270  4.376   1.00 33.76  ? 24  GLY A C   1 
ATOM   133  O O   . GLY A 1 24  ? -15.615 -7.719  5.476   1.00 35.12  ? 24  GLY A O   1 
ATOM   134  N N   . MET A 1 25  ? -15.266 -9.477  4.084   1.00 34.68  ? 25  MET A N   1 
ATOM   135  C CA  . MET A 1 25  ? -14.523 -10.339 5.038   1.00 38.07  ? 25  MET A CA  1 
ATOM   136  C C   . MET A 1 25  ? -13.097 -9.806  5.248   1.00 34.67  ? 25  MET A C   1 
ATOM   137  O O   . MET A 1 25  ? -12.470 -10.238 6.229   1.00 35.51  ? 25  MET A O   1 
ATOM   138  C CB  . MET A 1 25  ? -14.456 -11.781 4.519   1.00 43.21  ? 25  MET A CB  1 
ATOM   139  C CG  . MET A 1 25  ? -15.819 -12.426 4.282   1.00 49.50  ? 25  MET A CG  1 
ATOM   140  S SD  . MET A 1 25  ? -15.719 -14.247 4.313   1.00 57.53  ? 25  MET A SD  1 
ATOM   141  C CE  . MET A 1 25  ? -14.334 -14.537 3.212   1.00 53.45  ? 25  MET A CE  1 
ATOM   142  N N   . TYR A 1 26  ? -12.589 -8.923  4.374   1.00 30.55  ? 26  TYR A N   1 
ATOM   143  C CA  . TYR A 1 26  ? -11.153 -8.524  4.339   1.00 29.63  ? 26  TYR A CA  1 
ATOM   144  C C   . TYR A 1 26  ? -10.939 -7.018  4.548   1.00 28.28  ? 26  TYR A C   1 
ATOM   145  O O   . TYR A 1 26  ? -10.034 -6.639  5.302   1.00 32.06  ? 26  TYR A O   1 
ATOM   146  C CB  . TYR A 1 26  ? -10.528 -8.933  3.009   1.00 28.20  ? 26  TYR A CB  1 
ATOM   147  C CG  . TYR A 1 26  ? -10.534 -10.416 2.760   1.00 28.71  ? 26  TYR A CG  1 
ATOM   148  C CD1 . TYR A 1 26  ? -9.557  -11.242 3.292   1.00 27.56  ? 26  TYR A CD1 1 
ATOM   149  C CD2 . TYR A 1 26  ? -11.536 -10.993 2.003   1.00 29.28  ? 26  TYR A CD2 1 
ATOM   150  C CE1 . TYR A 1 26  ? -9.556  -12.605 3.043   1.00 28.62  ? 26  TYR A CE1 1 
ATOM   151  C CE2 . TYR A 1 26  ? -11.561 -12.355 1.758   1.00 30.85  ? 26  TYR A CE2 1 
ATOM   152  C CZ  . TYR A 1 26  ? -10.568 -13.161 2.279   1.00 29.55  ? 26  TYR A CZ  1 
ATOM   153  O OH  . TYR A 1 26  ? -10.620 -14.490 2.004   1.00 31.23  ? 26  TYR A OH  1 
ATOM   154  N N   . ILE A 1 27  ? -11.689 -6.176  3.851   1.00 24.81  ? 27  ILE A N   1 
ATOM   155  C CA  . ILE A 1 27  ? -11.482 -4.704  3.863   1.00 24.12  ? 27  ILE A CA  1 
ATOM   156  C C   . ILE A 1 27  ? -12.658 -4.019  4.572   1.00 23.71  ? 27  ILE A C   1 
ATOM   157  O O   . ILE A 1 27  ? -12.467 -2.896  5.008   1.00 24.75  ? 27  ILE A O   1 
ATOM   158  C CB  . ILE A 1 27  ? -11.232 -4.195  2.428   1.00 23.57  ? 27  ILE A CB  1 
ATOM   159  C CG1 . ILE A 1 27  ? -10.360 -2.937  2.414   1.00 25.18  ? 27  ILE A CG1 1 
ATOM   160  C CG2 . ILE A 1 27  ? -12.514 -3.978  1.667   1.00 24.55  ? 27  ILE A CG2 1 
ATOM   161  C CD1 . ILE A 1 27  ? -8.894  -3.214  2.651   1.00 25.16  ? 27  ILE A CD1 1 
ATOM   162  N N   . GLY A 1 28  ? -13.824 -4.666  4.688   1.00 24.33  ? 28  GLY A N   1 
ATOM   163  C CA  . GLY A 1 28  ? -15.023 -4.087  5.328   1.00 24.79  ? 28  GLY A CA  1 
ATOM   164  C C   . GLY A 1 28  ? -16.045 -3.615  4.309   1.00 25.16  ? 28  GLY A C   1 
ATOM   165  O O   . GLY A 1 28  ? -16.036 -4.152  3.178   1.00 26.24  ? 28  GLY A O   1 
ATOM   166  N N   . ASP A 1 29  ? -16.914 -2.681  4.704   1.00 23.50  ? 29  ASP A N   1 
ATOM   167  C CA  . ASP A 1 29  ? -18.113 -2.252  3.934   1.00 24.48  ? 29  ASP A CA  1 
ATOM   168  C C   . ASP A 1 29  ? -17.687 -1.455  2.697   1.00 24.81  ? 29  ASP A C   1 
ATOM   169  O O   . ASP A 1 29  ? -16.908 -0.491  2.841   1.00 27.98  ? 29  ASP A O   1 
ATOM   170  C CB  . ASP A 1 29  ? -19.067 -1.409  4.789   1.00 24.24  ? 29  ASP A CB  1 
ATOM   171  C CG  . ASP A 1 29  ? -20.384 -1.096  4.092   1.00 24.49  ? 29  ASP A CG  1 
ATOM   172  O OD1 . ASP A 1 29  ? -20.397 -0.200  3.203   1.00 24.04  ? 29  ASP A OD1 1 
ATOM   173  O OD2 . ASP A 1 29  ? -21.381 -1.779  4.411   1.00 25.83  ? 29  ASP A OD2 1 
ATOM   174  N N   . THR A 1 30  ? -18.233 -1.796  1.532   1.00 26.72  ? 30  THR A N   1 
ATOM   175  C CA  . THR A 1 30  ? -17.786 -1.292  0.203   1.00 25.61  ? 30  THR A CA  1 
ATOM   176  C C   . THR A 1 30  ? -18.691 -0.158  -0.298  1.00 26.34  ? 30  THR A C   1 
ATOM   177  O O   . THR A 1 30  ? -18.465 0.320   -1.424  1.00 27.94  ? 30  THR A O   1 
ATOM   178  C CB  . THR A 1 30  ? -17.718 -2.448  -0.798  1.00 26.43  ? 30  THR A CB  1 
ATOM   179  O OG1 . THR A 1 30  ? -18.941 -3.184  -0.761  1.00 23.14  ? 30  THR A OG1 1 
ATOM   180  C CG2 . THR A 1 30  ? -16.563 -3.391  -0.528  1.00 26.90  ? 30  THR A CG2 1 
ATOM   181  N N   . ASP A 1 31  ? -19.668 0.283   0.498   1.00 28.00  ? 31  ASP A N   1 
ATOM   182  C CA  . ASP A 1 31  ? -20.631 1.347   0.095   1.00 28.60  ? 31  ASP A CA  1 
ATOM   183  C C   . ASP A 1 31  ? -20.387 2.625   0.907   1.00 29.11  ? 31  ASP A C   1 
ATOM   184  O O   . ASP A 1 31  ? -20.583 3.719   0.334   1.00 25.81  ? 31  ASP A O   1 
ATOM   185  C CB  . ASP A 1 31  ? -22.086 0.894   0.268   1.00 31.48  ? 31  ASP A CB  1 
ATOM   186  C CG  . ASP A 1 31  ? -22.394 -0.409  -0.459  1.00 33.91  ? 31  ASP A CG  1 
ATOM   187  O OD1 . ASP A 1 31  ? -22.200 -0.451  -1.695  1.00 37.04  ? 31  ASP A OD1 1 
ATOM   188  O OD2 . ASP A 1 31  ? -22.771 -1.384  0.220   1.00 31.55  ? 31  ASP A OD2 1 
ATOM   189  N N   . ASP A 1 32  ? -20.023 2.492   2.192   1.00 27.99  ? 32  ASP A N   1 
ATOM   190  C CA  . ASP A 1 32  ? -20.152 3.592   3.188   1.00 27.63  ? 32  ASP A CA  1 
ATOM   191  C C   . ASP A 1 32  ? -18.803 4.314   3.331   1.00 26.92  ? 32  ASP A C   1 
ATOM   192  O O   . ASP A 1 32  ? -18.749 5.302   4.062   1.00 30.93  ? 32  ASP A O   1 
ATOM   193  C CB  . ASP A 1 32  ? -20.755 3.079   4.504   1.00 25.55  ? 32  ASP A CB  1 
ATOM   194  C CG  . ASP A 1 32  ? -19.844 2.185   5.331   1.00 27.91  ? 32  ASP A CG  1 
ATOM   195  O OD1 . ASP A 1 32  ? -18.692 1.955   4.899   1.00 28.16  ? 32  ASP A OD1 1 
ATOM   196  O OD2 . ASP A 1 32  ? -20.287 1.721   6.422   1.00 27.92  ? 32  ASP A OD2 1 
ATOM   197  N N   . GLY A 1 33  ? -17.759 3.865   2.639   1.00 25.97  ? 33  GLY A N   1 
ATOM   198  C CA  . GLY A 1 33  ? -16.455 4.550   2.646   1.00 25.14  ? 33  GLY A CA  1 
ATOM   199  C C   . GLY A 1 33  ? -15.496 3.980   3.667   1.00 26.71  ? 33  GLY A C   1 
ATOM   200  O O   . GLY A 1 33  ? -14.302 4.292   3.534   1.00 26.34  ? 33  GLY A O   1 
ATOM   201  N N   . THR A 1 34  ? -15.964 3.171   4.632   1.00 27.01  ? 34  THR A N   1 
ATOM   202  C CA  . THR A 1 34  ? -15.114 2.603   5.725   1.00 27.21  ? 34  THR A CA  1 
ATOM   203  C C   . THR A 1 34  ? -14.112 1.601   5.109   1.00 26.07  ? 34  THR A C   1 
ATOM   204  O O   . THR A 1 34  ? -12.923 1.612   5.510   1.00 29.08  ? 34  THR A O   1 
ATOM   205  C CB  . THR A 1 34  ? -15.953 2.052   6.901   1.00 26.87  ? 34  THR A CB  1 
ATOM   206  O OG1 . THR A 1 34  ? -17.025 1.242   6.418   1.00 26.90  ? 34  THR A OG1 1 
ATOM   207  C CG2 . THR A 1 34  ? -16.570 3.135   7.767   1.00 26.08  ? 34  THR A CG2 1 
ATOM   208  N N   . GLY A 1 35  ? -14.521 0.798   4.130   1.00 22.62  ? 35  GLY A N   1 
ATOM   209  C CA  . GLY A 1 35  ? -13.592 -0.098  3.403   1.00 21.02  ? 35  GLY A CA  1 
ATOM   210  C C   . GLY A 1 35  ? -12.609 0.666   2.528   1.00 19.25  ? 35  GLY A C   1 
ATOM   211  O O   . GLY A 1 35  ? -11.439 0.300   2.519   1.00 17.33  ? 35  GLY A O   1 
ATOM   212  N N   . LEU A 1 36  ? -13.068 1.703   1.821   1.00 19.42  ? 36  LEU A N   1 
ATOM   213  C CA  . LEU A 1 36  ? -12.228 2.535   0.919   1.00 19.90  ? 36  LEU A CA  1 
ATOM   214  C C   . LEU A 1 36  ? -11.077 3.167   1.717   1.00 19.00  ? 36  LEU A C   1 
ATOM   215  O O   . LEU A 1 36  ? -9.957  3.189   1.204   1.00 20.81  ? 36  LEU A O   1 
ATOM   216  C CB  . LEU A 1 36  ? -13.107 3.609   0.255   1.00 20.94  ? 36  LEU A CB  1 
ATOM   217  C CG  . LEU A 1 36  ? -12.361 4.610   -0.625  1.00 21.57  ? 36  LEU A CG  1 
ATOM   218  C CD1 . LEU A 1 36  ? -12.223 4.085   -2.037  1.00 22.64  ? 36  LEU A CD1 1 
ATOM   219  C CD2 . LEU A 1 36  ? -13.046 5.958   -0.652  1.00 23.66  ? 36  LEU A CD2 1 
ATOM   220  N N   . HIS A 1 37  ? -11.332 3.697   2.914   1.00 18.85  ? 37  HIS A N   1 
ATOM   221  C CA  . HIS A 1 37  ? -10.304 4.415   3.714   1.00 19.30  ? 37  HIS A CA  1 
ATOM   222  C C   . HIS A 1 37  ? -9.377  3.378   4.341   1.00 19.39  ? 37  HIS A C   1 
ATOM   223  O O   . HIS A 1 37  ? -8.195  3.648   4.407   1.00 18.17  ? 37  HIS A O   1 
ATOM   224  C CB  . HIS A 1 37  ? -10.923 5.407   4.715   1.00 19.31  ? 37  HIS A CB  1 
ATOM   225  C CG  . HIS A 1 37  ? -11.464 6.620   4.028   1.00 19.54  ? 37  HIS A CG  1 
ATOM   226  N ND1 . HIS A 1 37  ? -12.724 6.638   3.459   1.00 18.99  ? 37  HIS A ND1 1 
ATOM   227  C CD2 . HIS A 1 37  ? -10.894 7.810   3.731   1.00 20.43  ? 37  HIS A CD2 1 
ATOM   228  C CE1 . HIS A 1 37  ? -12.930 7.804   2.878   1.00 20.22  ? 37  HIS A CE1 1 
ATOM   229  N NE2 . HIS A 1 37  ? -11.808 8.549   3.023   1.00 20.09  ? 37  HIS A NE2 1 
ATOM   230  N N   . HIS A 1 38  ? -9.916  2.216   4.713   1.00 20.97  ? 38  HIS A N   1 
ATOM   231  C CA  . HIS A 1 38  ? -9.163  1.078   5.295   1.00 21.31  ? 38  HIS A CA  1 
ATOM   232  C C   . HIS A 1 38  ? -8.072  0.646   4.315   1.00 19.16  ? 38  HIS A C   1 
ATOM   233  O O   . HIS A 1 38  ? -7.025  0.243   4.804   1.00 19.08  ? 38  HIS A O   1 
ATOM   234  C CB  . HIS A 1 38  ? -10.106 -0.070  5.692   1.00 22.75  ? 38  HIS A CB  1 
ATOM   235  C CG  . HIS A 1 38  ? -9.407  -1.247  6.295   1.00 24.30  ? 38  HIS A CG  1 
ATOM   236  N ND1 . HIS A 1 38  ? -9.935  -2.522  6.240   1.00 25.50  ? 38  HIS A ND1 1 
ATOM   237  C CD2 . HIS A 1 38  ? -8.216  -1.355  6.932   1.00 23.98  ? 38  HIS A CD2 1 
ATOM   238  C CE1 . HIS A 1 38  ? -9.094  -3.360  6.819   1.00 26.08  ? 38  HIS A CE1 1 
ATOM   239  N NE2 . HIS A 1 38  ? -8.033  -2.669  7.248   1.00 23.91  ? 38  HIS A NE2 1 
ATOM   240  N N   . MET A 1 39  ? -8.301  0.772   2.998   1.00 18.03  ? 39  MET A N   1 
ATOM   241  C CA  . MET A 1 39  ? -7.294  0.472   1.942   1.00 17.90  ? 39  MET A CA  1 
ATOM   242  C C   . MET A 1 39  ? -6.002  1.263   2.236   1.00 18.27  ? 39  MET A C   1 
ATOM   243  O O   . MET A 1 39  ? -4.884  0.687   2.168   1.00 17.92  ? 39  MET A O   1 
ATOM   244  C CB  . MET A 1 39  ? -7.814  0.861   0.552   1.00 18.76  ? 39  MET A CB  1 
ATOM   245  C CG  . MET A 1 39  ? -9.093  0.126   0.071   1.00 19.00  ? 39  MET A CG  1 
ATOM   246  S SD  . MET A 1 39  ? -8.681  -1.472  -0.692  1.00 19.34  ? 39  MET A SD  1 
ATOM   247  C CE  . MET A 1 39  ? -8.264  -0.928  -2.353  1.00 18.00  ? 39  MET A CE  1 
ATOM   248  N N   . VAL A 1 40  ? -6.152  2.547   2.556   1.00 17.75  ? 40  VAL A N   1 
ATOM   249  C CA  . VAL A 1 40  ? -5.030  3.467   2.888   1.00 18.61  ? 40  VAL A CA  1 
ATOM   250  C C   . VAL A 1 40  ? -4.355  2.935   4.152   1.00 19.68  ? 40  VAL A C   1 
ATOM   251  O O   . VAL A 1 40  ? -3.135  2.736   4.114   1.00 21.42  ? 40  VAL A O   1 
ATOM   252  C CB  . VAL A 1 40  ? -5.508  4.913   3.088   1.00 18.62  ? 40  VAL A CB  1 
ATOM   253  C CG1 . VAL A 1 40  ? -4.363  5.805   3.552   1.00 19.80  ? 40  VAL A CG1 1 
ATOM   254  C CG2 . VAL A 1 40  ? -6.178  5.471   1.834   1.00 18.66  ? 40  VAL A CG2 1 
ATOM   255  N N   . PHE A 1 41  ? -5.130  2.693   5.208   1.00 19.66  ? 41  PHE A N   1 
ATOM   256  C CA  . PHE A 1 41  ? -4.616  2.343   6.557   1.00 21.06  ? 41  PHE A CA  1 
ATOM   257  C C   . PHE A 1 41  ? -3.881  1.004   6.495   1.00 21.66  ? 41  PHE A C   1 
ATOM   258  O O   . PHE A 1 41  ? -2.872  0.892   7.207   1.00 23.73  ? 41  PHE A O   1 
ATOM   259  C CB  . PHE A 1 41  ? -5.729  2.367   7.611   1.00 21.35  ? 41  PHE A CB  1 
ATOM   260  C CG  . PHE A 1 41  ? -6.589  3.609   7.607   1.00 21.64  ? 41  PHE A CG  1 
ATOM   261  C CD1 . PHE A 1 41  ? -6.035  4.865   7.398   1.00 22.31  ? 41  PHE A CD1 1 
ATOM   262  C CD2 . PHE A 1 41  ? -7.960  3.528   7.825   1.00 23.15  ? 41  PHE A CD2 1 
ATOM   263  C CE1 . PHE A 1 41  ? -6.836  6.004   7.384   1.00 22.62  ? 41  PHE A CE1 1 
ATOM   264  C CE2 . PHE A 1 41  ? -8.756  4.668   7.835   1.00 21.88  ? 41  PHE A CE2 1 
ATOM   265  C CZ  . PHE A 1 41  ? -8.189  5.901   7.618   1.00 22.05  ? 41  PHE A CZ  1 
ATOM   266  N N   . GLU A 1 42  ? -4.332  0.031   5.694   1.00 22.74  ? 42  GLU A N   1 
ATOM   267  C CA  . GLU A 1 42  ? -3.580  -1.249  5.508   1.00 24.61  ? 42  GLU A CA  1 
ATOM   268  C C   . GLU A 1 42  ? -2.170  -0.955  4.992   1.00 22.81  ? 42  GLU A C   1 
ATOM   269  O O   . GLU A 1 42  ? -1.215  -1.467  5.565   1.00 20.53  ? 42  GLU A O   1 
ATOM   270  C CB  . GLU A 1 42  ? -4.229  -2.202  4.506   1.00 26.75  ? 42  GLU A CB  1 
ATOM   271  C CG  . GLU A 1 42  ? -4.749  -3.474  5.133   1.00 30.21  ? 42  GLU A CG  1 
ATOM   272  C CD  . GLU A 1 42  ? -3.771  -4.200  6.048   1.00 31.71  ? 42  GLU A CD  1 
ATOM   273  O OE1 . GLU A 1 42  ? -2.646  -4.592  5.583   1.00 31.35  ? 42  GLU A OE1 1 
ATOM   274  O OE2 . GLU A 1 42  ? -4.136  -4.356  7.228   1.00 28.99  ? 42  GLU A OE2 1 
ATOM   275  N N   . VAL A 1 43  ? -2.064  -0.159  3.927   1.00 22.38  ? 43  VAL A N   1 
ATOM   276  C CA  . VAL A 1 43  ? -0.759  0.188   3.304   1.00 21.58  ? 43  VAL A CA  1 
ATOM   277  C C   . VAL A 1 43  ? 0.077   0.952   4.342   1.00 20.48  ? 43  VAL A C   1 
ATOM   278  O O   . VAL A 1 43  ? 1.273   0.667   4.465   1.00 20.92  ? 43  VAL A O   1 
ATOM   279  C CB  . VAL A 1 43  ? -0.939  1.002   2.005   1.00 22.25  ? 43  VAL A CB  1 
ATOM   280  C CG1 . VAL A 1 43  ? 0.414   1.388   1.418   1.00 22.04  ? 43  VAL A CG1 1 
ATOM   281  C CG2 . VAL A 1 43  ? -1.785  0.270   0.963   1.00 21.03  ? 43  VAL A CG2 1 
ATOM   282  N N   . VAL A 1 44  ? -0.510  1.935   5.028   1.00 20.24  ? 44  VAL A N   1 
ATOM   283  C CA  . VAL A 1 44  ? 0.245   2.802   5.979   1.00 20.70  ? 44  VAL A CA  1 
ATOM   284  C C   . VAL A 1 44  ? 0.807   1.901   7.084   1.00 19.63  ? 44  VAL A C   1 
ATOM   285  O O   . VAL A 1 44  ? 1.979   2.086   7.444   1.00 19.34  ? 44  VAL A O   1 
ATOM   286  C CB  . VAL A 1 44  ? -0.622  3.940   6.554   1.00 21.64  ? 44  VAL A CB  1 
ATOM   287  C CG1 . VAL A 1 44  ? 0.072   4.670   7.695   1.00 19.90  ? 44  VAL A CG1 1 
ATOM   288  C CG2 . VAL A 1 44  ? -1.061  4.919   5.469   1.00 23.36  ? 44  VAL A CG2 1 
ATOM   289  N N   . ASP A 1 45  ? 0.000   0.958   7.583   1.00 21.66  ? 45  ASP A N   1 
ATOM   290  C CA  . ASP A 1 45  ? 0.380   -0.014  8.655   1.00 23.31  ? 45  ASP A CA  1 
ATOM   291  C C   . ASP A 1 45  ? 1.662   -0.750  8.285   1.00 24.11  ? 45  ASP A C   1 
ATOM   292  O O   . ASP A 1 45  ? 2.448   -1.043  9.221   1.00 26.94  ? 45  ASP A O   1 
ATOM   293  C CB  . ASP A 1 45  ? -0.730  -1.025  8.954   1.00 23.49  ? 45  ASP A CB  1 
ATOM   294  C CG  . ASP A 1 45  ? -1.796  -0.455  9.872   1.00 24.41  ? 45  ASP A CG  1 
ATOM   295  O OD1 . ASP A 1 45  ? -1.586  0.679   10.357  1.00 25.59  ? 45  ASP A OD1 1 
ATOM   296  O OD2 . ASP A 1 45  ? -2.824  -1.139  10.101  1.00 25.48  ? 45  ASP A OD2 1 
ATOM   297  N N   . ASN A 1 46  ? 1.860   -1.057  6.997   1.00 24.38  ? 46  ASN A N   1 
ATOM   298  C CA  . ASN A 1 46  ? 3.054   -1.800  6.507   1.00 26.29  ? 46  ASN A CA  1 
ATOM   299  C C   . ASN A 1 46  ? 4.272   -0.872  6.626   1.00 27.71  ? 46  ASN A C   1 
ATOM   300  O O   . ASN A 1 46  ? 5.372   -1.347  6.957   1.00 28.46  ? 46  ASN A O   1 
ATOM   301  C CB  . ASN A 1 46  ? 2.845   -2.330  5.083   1.00 26.90  ? 46  ASN A CB  1 
ATOM   302  C CG  . ASN A 1 46  ? 1.998   -3.586  5.009   1.00 27.90  ? 46  ASN A CG  1 
ATOM   303  O OD1 . ASN A 1 46  ? 2.540   -4.684  4.878   1.00 30.93  ? 46  ASN A OD1 1 
ATOM   304  N ND2 . ASN A 1 46  ? 0.681   -3.451  5.068   1.00 25.57  ? 46  ASN A ND2 1 
ATOM   305  N N   . ALA A 1 47  ? 4.074   0.416   6.345   1.00 27.58  ? 47  ALA A N   1 
ATOM   306  C CA  . ALA A 1 47  ? 5.109   1.465   6.428   1.00 29.17  ? 47  ALA A CA  1 
ATOM   307  C C   . ALA A 1 47  ? 5.480   1.691   7.900   1.00 28.81  ? 47  ALA A C   1 
ATOM   308  O O   . ALA A 1 47  ? 6.650   1.984   8.185   1.00 24.96  ? 47  ALA A O   1 
ATOM   309  C CB  . ALA A 1 47  ? 4.602   2.725   5.757   1.00 29.57  ? 47  ALA A CB  1 
ATOM   310  N N   . ILE A 1 48  ? 4.514   1.518   8.807   1.00 29.70  ? 48  ILE A N   1 
ATOM   311  C CA  . ILE A 1 48  ? 4.703   1.677   10.281  1.00 30.16  ? 48  ILE A CA  1 
ATOM   312  C C   . ILE A 1 48  ? 5.493   0.489   10.836  1.00 31.73  ? 48  ILE A C   1 
ATOM   313  O O   . ILE A 1 48  ? 6.350   0.720   11.704  1.00 32.74  ? 48  ILE A O   1 
ATOM   314  C CB  . ILE A 1 48  ? 3.344   1.862   10.981  1.00 31.50  ? 48  ILE A CB  1 
ATOM   315  C CG1 . ILE A 1 48  ? 2.867   3.306   10.817  1.00 28.17  ? 48  ILE A CG1 1 
ATOM   316  C CG2 . ILE A 1 48  ? 3.396   1.436   12.453  1.00 33.34  ? 48  ILE A CG2 1 
ATOM   317  C CD1 . ILE A 1 48  ? 1.405   3.492   10.998  1.00 27.88  ? 48  ILE A CD1 1 
ATOM   318  N N   . ASP A 1 49  ? 5.245   -0.727  10.352  1.00 31.96  ? 49  ASP A N   1 
ATOM   319  C CA  . ASP A 1 49  ? 6.079   -1.907  10.711  1.00 32.82  ? 49  ASP A CA  1 
ATOM   320  C C   . ASP A 1 49  ? 7.552   -1.588  10.411  1.00 35.33  ? 49  ASP A C   1 
ATOM   321  O O   . ASP A 1 49  ? 8.385   -1.794  11.303  1.00 40.99  ? 49  ASP A O   1 
ATOM   322  C CB  . ASP A 1 49  ? 5.567   -3.187  10.041  1.00 31.97  ? 49  ASP A CB  1 
ATOM   323  C CG  . ASP A 1 49  ? 4.330   -3.770  10.723  1.00 34.11  ? 49  ASP A CG  1 
ATOM   324  O OD1 . ASP A 1 49  ? 3.848   -3.168  11.718  1.00 31.50  ? 49  ASP A OD1 1 
ATOM   325  O OD2 . ASP A 1 49  ? 3.842   -4.819  10.249  1.00 35.35  ? 49  ASP A OD2 1 
ATOM   326  N N   . GLU A 1 50  ? 7.870   -1.064  9.226   1.00 37.98  ? 50  GLU A N   1 
ATOM   327  C CA  . GLU A 1 50  ? 9.268   -0.755  8.801   1.00 38.93  ? 50  GLU A CA  1 
ATOM   328  C C   . GLU A 1 50  ? 9.911   0.331   9.693   1.00 37.54  ? 50  GLU A C   1 
ATOM   329  O O   . GLU A 1 50  ? 11.133  0.241   9.926   1.00 33.13  ? 50  GLU A O   1 
ATOM   330  C CB  . GLU A 1 50  ? 9.278   -0.342  7.326   1.00 38.73  ? 50  GLU A CB  1 
ATOM   331  C CG  . GLU A 1 50  ? 10.661  -0.049  6.778   1.00 37.17  ? 50  GLU A CG  1 
ATOM   332  C CD  . GLU A 1 50  ? 11.586  -1.238  6.605   1.00 38.23  ? 50  GLU A CD  1 
ATOM   333  O OE1 . GLU A 1 50  ? 11.143  -2.391  6.837   1.00 38.46  ? 50  GLU A OE1 1 
ATOM   334  O OE2 . GLU A 1 50  ? 12.756  -1.001  6.221   1.00 37.37  ? 50  GLU A OE2 1 
ATOM   335  N N   . ALA A 1 51  ? 9.147   1.334   10.132  1.00 37.93  ? 51  ALA A N   1 
ATOM   336  C CA  . ALA A 1 51  ? 9.567   2.370   11.114  1.00 41.90  ? 51  ALA A CA  1 
ATOM   337  C C   . ALA A 1 51  ? 9.814   1.749   12.502  1.00 45.02  ? 51  ALA A C   1 
ATOM   338  O O   . ALA A 1 51  ? 10.769  2.183   13.188  1.00 42.86  ? 51  ALA A O   1 
ATOM   339  C CB  . ALA A 1 51  ? 8.522   3.461   11.194  1.00 40.14  ? 51  ALA A CB  1 
ATOM   340  N N   . LEU A 1 52  ? 8.971   0.796   12.916  1.00 46.84  ? 52  LEU A N   1 
ATOM   341  C CA  . LEU A 1 52  ? 9.034   0.128   14.246  1.00 49.36  ? 52  LEU A CA  1 
ATOM   342  C C   . LEU A 1 52  ? 10.199  -0.874  14.277  1.00 50.01  ? 52  LEU A C   1 
ATOM   343  O O   . LEU A 1 52  ? 10.561  -1.299  15.397  1.00 47.13  ? 52  LEU A O   1 
ATOM   344  C CB  . LEU A 1 52  ? 7.693   -0.561  14.537  1.00 49.42  ? 52  LEU A CB  1 
ATOM   345  C CG  . LEU A 1 52  ? 6.820   0.073   15.625  1.00 51.33  ? 52  LEU A CG  1 
ATOM   346  C CD1 . LEU A 1 52  ? 6.800   1.594   15.546  1.00 50.65  ? 52  LEU A CD1 1 
ATOM   347  C CD2 . LEU A 1 52  ? 5.401   -0.479  15.555  1.00 50.37  ? 52  LEU A CD2 1 
ATOM   348  N N   . ALA A 1 53  ? 10.741  -1.237  13.104  1.00 49.35  ? 53  ALA A N   1 
ATOM   349  C CA  . ALA A 1 53  ? 11.973  -2.044  12.919  1.00 45.78  ? 53  ALA A CA  1 
ATOM   350  C C   . ALA A 1 53  ? 13.192  -1.119  12.965  1.00 44.27  ? 53  ALA A C   1 
ATOM   351  O O   . ALA A 1 53  ? 14.323  -1.625  13.055  1.00 44.26  ? 53  ALA A O   1 
ATOM   352  C CB  . ALA A 1 53  ? 11.910  -2.791  11.613  1.00 45.48  ? 53  ALA A CB  1 
ATOM   353  N N   . GLY A 1 54  ? 12.950  0.190   12.870  1.00 43.71  ? 54  GLY A N   1 
ATOM   354  C CA  . GLY A 1 54  ? 13.913  1.265   13.177  1.00 43.58  ? 54  GLY A CA  1 
ATOM   355  C C   . GLY A 1 54  ? 14.578  1.815   11.931  1.00 42.49  ? 54  GLY A C   1 
ATOM   356  O O   . GLY A 1 54  ? 15.589  2.521   12.078  1.00 45.97  ? 54  GLY A O   1 
ATOM   357  N N   . HIS A 1 55  ? 14.036  1.524   10.750  1.00 41.86  ? 55  HIS A N   1 
ATOM   358  C CA  . HIS A 1 55  ? 14.695  1.795   9.439   1.00 44.66  ? 55  HIS A CA  1 
ATOM   359  C C   . HIS A 1 55  ? 14.024  2.965   8.719   1.00 43.85  ? 55  HIS A C   1 
ATOM   360  O O   . HIS A 1 55  ? 14.687  3.556   7.855   1.00 47.46  ? 55  HIS A O   1 
ATOM   361  C CB  . HIS A 1 55  ? 14.748  0.504   8.612   1.00 43.97  ? 55  HIS A CB  1 
ATOM   362  C CG  . HIS A 1 55  ? 15.546  -0.553  9.295   1.00 45.83  ? 55  HIS A CG  1 
ATOM   363  N ND1 . HIS A 1 55  ? 16.932  -0.539  9.306   1.00 47.68  ? 55  HIS A ND1 1 
ATOM   364  C CD2 . HIS A 1 55  ? 15.167  -1.617  10.037  1.00 46.54  ? 55  HIS A CD2 1 
ATOM   365  C CE1 . HIS A 1 55  ? 17.371  -1.562  10.014  1.00 50.59  ? 55  HIS A CE1 1 
ATOM   366  N NE2 . HIS A 1 55  ? 16.305  -2.241  10.473  1.00 47.82  ? 55  HIS A NE2 1 
ATOM   367  N N   . CYS A 1 56  ? 12.781  3.305   9.085   1.00 44.57  ? 56  CYS A N   1 
ATOM   368  C CA  . CYS A 1 56  ? 11.975  4.395   8.464   1.00 44.11  ? 56  CYS A CA  1 
ATOM   369  C C   . CYS A 1 56  ? 11.743  5.509   9.491   1.00 44.48  ? 56  CYS A C   1 
ATOM   370  O O   . CYS A 1 56  ? 11.434  5.203   10.653  1.00 43.05  ? 56  CYS A O   1 
ATOM   371  C CB  . CYS A 1 56  ? 10.649  3.860   7.927   1.00 42.89  ? 56  CYS A CB  1 
ATOM   372  S SG  . CYS A 1 56  ? 9.339   5.109   7.770   1.00 42.34  ? 56  CYS A SG  1 
ATOM   373  N N   . LYS A 1 57  ? 11.864  6.760   9.060   1.00 45.85  ? 57  LYS A N   1 
ATOM   374  C CA  . LYS A 1 57  ? 11.718  7.943   9.943   1.00 50.87  ? 57  LYS A CA  1 
ATOM   375  C C   . LYS A 1 57  ? 10.515  8.774   9.472   1.00 45.04  ? 57  LYS A C   1 
ATOM   376  O O   . LYS A 1 57  ? 9.834   9.356   10.331  1.00 48.84  ? 57  LYS A O   1 
ATOM   377  C CB  . LYS A 1 57  ? 13.037  8.731   9.964   1.00 57.77  ? 57  LYS A CB  1 
ATOM   378  C CG  . LYS A 1 57  ? 14.295  7.895   9.744   1.00 64.86  ? 57  LYS A CG  1 
ATOM   379  C CD  . LYS A 1 57  ? 15.605  8.662   9.874   1.00 74.12  ? 57  LYS A CD  1 
ATOM   380  C CE  . LYS A 1 57  ? 16.684  8.160   8.932   1.00 76.39  ? 57  LYS A CE  1 
ATOM   381  N NZ  . LYS A 1 57  ? 18.019  8.707   9.277   1.00 82.09  ? 57  LYS A NZ  1 
ATOM   382  N N   . GLU A 1 58  ? 10.255  8.829   8.165   1.00 40.40  ? 58  GLU A N   1 
ATOM   383  C CA  . GLU A 1 58  ? 9.152   9.640   7.586   1.00 38.73  ? 58  GLU A CA  1 
ATOM   384  C C   . GLU A 1 58  ? 8.265   8.778   6.693   1.00 32.85  ? 58  GLU A C   1 
ATOM   385  O O   . GLU A 1 58  ? 8.780   8.034   5.841   1.00 30.52  ? 58  GLU A O   1 
ATOM   386  C CB  . GLU A 1 58  ? 9.698   10.813  6.774   1.00 42.74  ? 58  GLU A CB  1 
ATOM   387  C CG  . GLU A 1 58  ? 9.415   12.157  7.413   1.00 48.94  ? 58  GLU A CG  1 
ATOM   388  C CD  . GLU A 1 58  ? 10.453  12.639  8.405   1.00 52.02  ? 58  GLU A CD  1 
ATOM   389  O OE1 . GLU A 1 58  ? 11.593  12.135  8.373   1.00 54.22  ? 58  GLU A OE1 1 
ATOM   390  O OE2 . GLU A 1 58  ? 10.127  13.550  9.183   1.00 61.76  ? 58  GLU A OE2 1 
ATOM   391  N N   . ILE A 1 59  ? 6.963   8.914   6.877   1.00 28.63  ? 59  ILE A N   1 
ATOM   392  C CA  . ILE A 1 59  ? 5.944   8.289   6.002   1.00 26.01  ? 59  ILE A CA  1 
ATOM   393  C C   . ILE A 1 59  ? 5.175   9.435   5.355   1.00 25.68  ? 59  ILE A C   1 
ATOM   394  O O   . ILE A 1 59  ? 4.768   10.370  6.104   1.00 24.47  ? 59  ILE A O   1 
ATOM   395  C CB  . ILE A 1 59  ? 5.059   7.326   6.804   1.00 24.67  ? 59  ILE A CB  1 
ATOM   396  C CG1 . ILE A 1 59  ? 5.899   6.240   7.480   1.00 24.34  ? 59  ILE A CG1 1 
ATOM   397  C CG2 . ILE A 1 59  ? 3.983   6.746   5.909   1.00 25.26  ? 59  ILE A CG2 1 
ATOM   398  C CD1 . ILE A 1 59  ? 5.116   5.348   8.412   1.00 25.50  ? 59  ILE A CD1 1 
ATOM   399  N N   . ILE A 1 60  ? 5.051   9.399   4.028   1.00 22.35  ? 60  ILE A N   1 
ATOM   400  C CA  . ILE A 1 60  ? 4.303   10.439  3.267   1.00 24.14  ? 60  ILE A CA  1 
ATOM   401  C C   . ILE A 1 60  ? 3.094   9.748   2.631   1.00 24.40  ? 60  ILE A C   1 
ATOM   402  O O   . ILE A 1 60  ? 3.286   8.844   1.794   1.00 22.12  ? 60  ILE A O   1 
ATOM   403  C CB  . ILE A 1 60  ? 5.183   11.178  2.237   1.00 25.85  ? 60  ILE A CB  1 
ATOM   404  C CG1 . ILE A 1 60  ? 6.447   11.771  2.883   1.00 26.70  ? 60  ILE A CG1 1 
ATOM   405  C CG2 . ILE A 1 60  ? 4.365   12.237  1.512   1.00 25.94  ? 60  ILE A CG2 1 
ATOM   406  C CD1 . ILE A 1 60  ? 7.522   12.227  1.901   1.00 27.60  ? 60  ILE A CD1 1 
ATOM   407  N N   . VAL A 1 61  ? 1.898   10.162  3.067   1.00 23.66  ? 61  VAL A N   1 
ATOM   408  C CA  . VAL A 1 61  ? 0.579   9.759   2.511   1.00 22.99  ? 61  VAL A CA  1 
ATOM   409  C C   . VAL A 1 61  ? 0.079   10.913  1.646   1.00 22.23  ? 61  VAL A C   1 
ATOM   410  O O   . VAL A 1 61  ? -0.073  12.008  2.161   1.00 21.84  ? 61  VAL A O   1 
ATOM   411  C CB  . VAL A 1 61  ? -0.408  9.419   3.634   1.00 24.43  ? 61  VAL A CB  1 
ATOM   412  C CG1 . VAL A 1 61  ? -1.718  8.890   3.076   1.00 24.24  ? 61  VAL A CG1 1 
ATOM   413  C CG2 . VAL A 1 61  ? 0.201   8.430   4.629   1.00 25.49  ? 61  VAL A CG2 1 
ATOM   414  N N   . THR A 1 62  ? -0.128  10.679  0.357   1.00 21.18  ? 62  THR A N   1 
ATOM   415  C CA  . THR A 1 62  ? -0.592  11.726  -0.573  1.00 20.41  ? 62  THR A CA  1 
ATOM   416  C C   . THR A 1 62  ? -1.948  11.298  -1.133  1.00 20.22  ? 62  THR A C   1 
ATOM   417  O O   . THR A 1 62  ? -2.068  10.133  -1.580  1.00 20.55  ? 62  THR A O   1 
ATOM   418  C CB  . THR A 1 62  ? 0.476   12.024  -1.639  1.00 20.70  ? 62  THR A CB  1 
ATOM   419  O OG1 . THR A 1 62  ? 1.743   12.336  -1.054  1.00 20.40  ? 62  THR A OG1 1 
ATOM   420  C CG2 . THR A 1 62  ? 0.112   13.211  -2.490  1.00 20.81  ? 62  THR A CG2 1 
ATOM   421  N N   . ILE A 1 63  ? -2.921  12.217  -1.111  1.00 20.70  ? 63  ILE A N   1 
ATOM   422  C CA  . ILE A 1 63  ? -4.170  12.132  -1.921  1.00 22.27  ? 63  ILE A CA  1 
ATOM   423  C C   . ILE A 1 63  ? -3.913  12.820  -3.266  1.00 22.25  ? 63  ILE A C   1 
ATOM   424  O O   . ILE A 1 63  ? -3.724  14.052  -3.307  1.00 20.22  ? 63  ILE A O   1 
ATOM   425  C CB  . ILE A 1 63  ? -5.393  12.744  -1.214  1.00 23.34  ? 63  ILE A CB  1 
ATOM   426  C CG1 . ILE A 1 63  ? -5.552  12.236  0.222   1.00 23.59  ? 63  ILE A CG1 1 
ATOM   427  C CG2 . ILE A 1 63  ? -6.646  12.489  -2.061  1.00 23.73  ? 63  ILE A CG2 1 
ATOM   428  C CD1 . ILE A 1 63  ? -6.660  12.915  1.006   1.00 22.79  ? 63  ILE A CD1 1 
ATOM   429  N N   . HIS A 1 64  ? -3.927  12.049  -4.342  1.00 23.69  ? 64  HIS A N   1 
ATOM   430  C CA  . HIS A 1 64  ? -3.684  12.586  -5.702  1.00 24.83  ? 64  HIS A CA  1 
ATOM   431  C C   . HIS A 1 64  ? -5.010  13.088  -6.283  1.00 25.45  ? 64  HIS A C   1 
ATOM   432  O O   . HIS A 1 64  ? -6.058  12.789  -5.717  1.00 28.39  ? 64  HIS A O   1 
ATOM   433  C CB  . HIS A 1 64  ? -2.965  11.531  -6.542  1.00 23.37  ? 64  HIS A CB  1 
ATOM   434  C CG  . HIS A 1 64  ? -1.622  11.134  -6.028  1.00 22.51  ? 64  HIS A CG  1 
ATOM   435  N ND1 . HIS A 1 64  ? -0.454  11.679  -6.525  1.00 22.07  ? 64  HIS A ND1 1 
ATOM   436  C CD2 . HIS A 1 64  ? -1.249  10.185  -5.139  1.00 23.07  ? 64  HIS A CD2 1 
ATOM   437  C CE1 . HIS A 1 64  ? 0.582   11.096  -5.949  1.00 23.26  ? 64  HIS A CE1 1 
ATOM   438  N NE2 . HIS A 1 64  ? 0.130   10.174  -5.093  1.00 22.21  ? 64  HIS A NE2 1 
ATOM   439  N N   . ALA A 1 65  ? -4.947  13.848  -7.374  1.00 29.04  ? 65  ALA A N   1 
ATOM   440  C CA  . ALA A 1 65  ? -6.100  14.500  -8.044  1.00 28.75  ? 65  ALA A CA  1 
ATOM   441  C C   . ALA A 1 65  ? -7.026  13.456  -8.672  1.00 29.47  ? 65  ALA A C   1 
ATOM   442  O O   . ALA A 1 65  ? -8.231  13.738  -8.748  1.00 30.01  ? 65  ALA A O   1 
ATOM   443  C CB  . ALA A 1 65  ? -5.604  15.466  -9.091  1.00 30.50  ? 65  ALA A CB  1 
ATOM   444  N N   . ASP A 1 66  ? -6.488  12.293  -9.061  1.00 28.45  ? 66  ASP A N   1 
ATOM   445  C CA  . ASP A 1 66  ? -7.227  11.215  -9.775  1.00 28.73  ? 66  ASP A CA  1 
ATOM   446  C C   . ASP A 1 66  ? -7.865  10.254  -8.776  1.00 28.50  ? 66  ASP A C   1 
ATOM   447  O O   . ASP A 1 66  ? -8.274  9.182   -9.192  1.00 28.94  ? 66  ASP A O   1 
ATOM   448  C CB  . ASP A 1 66  ? -6.315  10.464  -10.752 1.00 28.49  ? 66  ASP A CB  1 
ATOM   449  C CG  . ASP A 1 66  ? -5.090  9.819   -10.133 1.00 28.27  ? 66  ASP A CG  1 
ATOM   450  O OD1 . ASP A 1 66  ? -4.906  9.919   -8.911  1.00 29.70  ? 66  ASP A OD1 1 
ATOM   451  O OD2 . ASP A 1 66  ? -4.326  9.230   -10.887 1.00 30.75  ? 66  ASP A OD2 1 
ATOM   452  N N   . ASN A 1 67  ? -7.933  10.654  -7.507  1.00 31.09  ? 67  ASN A N   1 
ATOM   453  C CA  . ASN A 1 67  ? -8.452  9.874   -6.354  1.00 30.92  ? 67  ASN A CA  1 
ATOM   454  C C   . ASN A 1 67  ? -7.733  8.525   -6.232  1.00 26.66  ? 67  ASN A C   1 
ATOM   455  O O   . ASN A 1 67  ? -8.359  7.529   -5.838  1.00 28.41  ? 67  ASN A O   1 
ATOM   456  C CB  . ASN A 1 67  ? -9.982  9.849   -6.309  1.00 33.42  ? 67  ASN A CB  1 
ATOM   457  C CG  . ASN A 1 67  ? -10.447 10.806  -5.226  1.00 39.42  ? 67  ASN A CG  1 
ATOM   458  O OD1 . ASN A 1 67  ? -10.530 10.411  -4.050  1.00 36.96  ? 67  ASN A OD1 1 
ATOM   459  N ND2 . ASN A 1 67  ? -10.571 12.088  -5.579  1.00 34.68  ? 67  ASN A ND2 1 
ATOM   460  N N   . SER A 1 68  ? -6.420  8.552   -6.402  1.00 22.90  ? 68  SER A N   1 
ATOM   461  C CA  . SER A 1 68  ? -5.500  7.488   -5.934  1.00 21.01  ? 68  SER A CA  1 
ATOM   462  C C   . SER A 1 68  ? -4.740  7.993   -4.707  1.00 19.71  ? 68  SER A C   1 
ATOM   463  O O   . SER A 1 68  ? -4.739  9.200   -4.481  1.00 18.74  ? 68  SER A O   1 
ATOM   464  C CB  . SER A 1 68  ? -4.579  7.043   -7.040  1.00 20.18  ? 68  SER A CB  1 
ATOM   465  O OG  . SER A 1 68  ? -3.620  8.032   -7.348  1.00 19.87  ? 68  SER A OG  1 
ATOM   466  N N   . VAL A 1 69  ? -4.172  7.081   -3.915  1.00 19.56  ? 69  VAL A N   1 
ATOM   467  C CA  . VAL A 1 69  ? -3.391  7.413   -2.697  1.00 18.89  ? 69  VAL A CA  1 
ATOM   468  C C   . VAL A 1 69  ? -2.051  6.701   -2.816  1.00 18.92  ? 69  VAL A C   1 
ATOM   469  O O   . VAL A 1 69  ? -2.039  5.507   -3.160  1.00 19.31  ? 69  VAL A O   1 
ATOM   470  C CB  . VAL A 1 69  ? -4.120  7.024   -1.400  1.00 20.70  ? 69  VAL A CB  1 
ATOM   471  C CG1 . VAL A 1 69  ? -3.181  7.098   -0.202  1.00 21.13  ? 69  VAL A CG1 1 
ATOM   472  C CG2 . VAL A 1 69  ? -5.378  7.850   -1.149  1.00 19.56  ? 69  VAL A CG2 1 
ATOM   473  N N   . SER A 1 70  ? -0.968  7.419   -2.540  1.00 18.18  ? 70  SER A N   1 
ATOM   474  C CA  . SER A 1 70  ? 0.382   6.837   -2.429  1.00 18.05  ? 70  SER A CA  1 
ATOM   475  C C   . SER A 1 70  ? 0.819   6.887   -0.965  1.00 18.33  ? 70  SER A C   1 
ATOM   476  O O   . SER A 1 70  ? 0.402   7.808   -0.222  1.00 18.76  ? 70  SER A O   1 
ATOM   477  C CB  . SER A 1 70  ? 1.341   7.518   -3.365  1.00 17.51  ? 70  SER A CB  1 
ATOM   478  O OG  . SER A 1 70  ? 1.414   8.890   -3.064  1.00 17.55  ? 70  SER A OG  1 
ATOM   479  N N   . VAL A 1 71  ? 1.570   5.877   -0.558  1.00 20.14  ? 71  VAL A N   1 
ATOM   480  C CA  . VAL A 1 71  ? 2.294   5.833   0.739   1.00 21.55  ? 71  VAL A CA  1 
ATOM   481  C C   . VAL A 1 71  ? 3.776   5.615   0.453   1.00 22.93  ? 71  VAL A C   1 
ATOM   482  O O   . VAL A 1 71  ? 4.116   4.589   -0.180  1.00 25.11  ? 71  VAL A O   1 
ATOM   483  C CB  . VAL A 1 71  ? 1.722   4.742   1.647   1.00 21.30  ? 71  VAL A CB  1 
ATOM   484  C CG1 . VAL A 1 71  ? 2.407   4.748   2.995   1.00 20.33  ? 71  VAL A CG1 1 
ATOM   485  C CG2 . VAL A 1 71  ? 0.214   4.906   1.779   1.00 22.26  ? 71  VAL A CG2 1 
ATOM   486  N N   . GLN A 1 72  ? 4.609   6.542   0.921   1.00 23.05  ? 72  GLN A N   1 
ATOM   487  C CA  . GLN A 1 72  ? 6.070   6.544   0.709   1.00 24.33  ? 72  GLN A CA  1 
ATOM   488  C C   . GLN A 1 72  ? 6.735   6.360   2.072   1.00 25.02  ? 72  GLN A C   1 
ATOM   489  O O   . GLN A 1 72  ? 6.333   7.031   3.043   1.00 22.77  ? 72  GLN A O   1 
ATOM   490  C CB  . GLN A 1 72  ? 6.473   7.843   0.014   1.00 27.15  ? 72  GLN A CB  1 
ATOM   491  C CG  . GLN A 1 72  ? 7.976   8.100   -0.023  1.00 30.75  ? 72  GLN A CG  1 
ATOM   492  C CD  . GLN A 1 72  ? 8.641   7.486   -1.237  1.00 35.77  ? 72  GLN A CD  1 
ATOM   493  O OE1 . GLN A 1 72  ? 8.417   7.922   -2.372  1.00 38.06  ? 72  GLN A OE1 1 
ATOM   494  N NE2 . GLN A 1 72  ? 9.462   6.465   -1.005  1.00 33.90  ? 72  GLN A NE2 1 
ATOM   495  N N   . ASP A 1 73  ? 7.721   5.467   2.158   1.00 25.58  ? 73  ASP A N   1 
ATOM   496  C CA  . ASP A 1 73  ? 8.569   5.377   3.365   1.00 25.27  ? 73  ASP A CA  1 
ATOM   497  C C   . ASP A 1 73  ? 10.016  5.512   2.921   1.00 26.39  ? 73  ASP A C   1 
ATOM   498  O O   . ASP A 1 73  ? 10.307  5.320   1.719   1.00 26.80  ? 73  ASP A O   1 
ATOM   499  C CB  . ASP A 1 73  ? 8.264   4.120   4.182   1.00 26.89  ? 73  ASP A CB  1 
ATOM   500  C CG  . ASP A 1 73  ? 8.828   2.821   3.640   1.00 25.95  ? 73  ASP A CG  1 
ATOM   501  O OD1 . ASP A 1 73  ? 10.029  2.790   3.292   1.00 24.37  ? 73  ASP A OD1 1 
ATOM   502  O OD2 . ASP A 1 73  ? 8.060   1.836   3.598   1.00 26.60  ? 73  ASP A OD2 1 
ATOM   503  N N   . ASP A 1 74  ? 10.867  5.855   3.876   1.00 27.06  ? 74  ASP A N   1 
ATOM   504  C CA  . ASP A 1 74  ? 12.328  6.024   3.687   1.00 29.16  ? 74  ASP A CA  1 
ATOM   505  C C   . ASP A 1 74  ? 13.044  4.876   4.408   1.00 27.57  ? 74  ASP A C   1 
ATOM   506  O O   . ASP A 1 74  ? 14.209  5.064   4.766   1.00 30.76  ? 74  ASP A O   1 
ATOM   507  C CB  . ASP A 1 74  ? 12.764  7.433   4.114   1.00 30.20  ? 74  ASP A CB  1 
ATOM   508  C CG  . ASP A 1 74  ? 12.570  7.807   5.581   1.00 30.95  ? 74  ASP A CG  1 
ATOM   509  O OD1 . ASP A 1 74  ? 11.875  7.066   6.328   1.00 31.25  ? 74  ASP A OD1 1 
ATOM   510  O OD2 . ASP A 1 74  ? 13.113  8.864   5.966   1.00 34.90  ? 74  ASP A OD2 1 
ATOM   511  N N   . GLY A 1 75  ? 12.373  3.727   4.559   1.00 25.84  ? 75  GLY A N   1 
ATOM   512  C CA  . GLY A 1 75  ? 12.929  2.463   5.094   1.00 26.82  ? 75  GLY A CA  1 
ATOM   513  C C   . GLY A 1 75  ? 13.944  1.844   4.146   1.00 25.94  ? 75  GLY A C   1 
ATOM   514  O O   . GLY A 1 75  ? 14.414  2.562   3.265   1.00 27.74  ? 75  GLY A O   1 
ATOM   515  N N   . ARG A 1 76  ? 14.275  0.557   4.289   1.00 26.99  ? 76  ARG A N   1 
ATOM   516  C CA  . ARG A 1 76  ? 15.388  -0.034  3.499   1.00 30.05  ? 76  ARG A CA  1 
ATOM   517  C C   . ARG A 1 76  ? 14.873  -0.593  2.168   1.00 29.08  ? 76  ARG A C   1 
ATOM   518  O O   . ARG A 1 76  ? 15.722  -0.965  1.360   1.00 32.27  ? 76  ARG A O   1 
ATOM   519  C CB  . ARG A 1 76  ? 16.241  -1.011  4.323   1.00 32.89  ? 76  ARG A CB  1 
ATOM   520  C CG  . ARG A 1 76  ? 15.535  -2.241  4.865   1.00 34.22  ? 76  ARG A CG  1 
ATOM   521  C CD  . ARG A 1 76  ? 15.905  -2.584  6.304   1.00 31.87  ? 76  ARG A CD  1 
ATOM   522  N NE  . ARG A 1 76  ? 14.714  -3.127  6.939   1.00 33.34  ? 76  ARG A NE  1 
ATOM   523  C CZ  . ARG A 1 76  ? 14.556  -4.349  7.444   1.00 35.94  ? 76  ARG A CZ  1 
ATOM   524  N NH1 . ARG A 1 76  ? 13.371  -4.686  7.931   1.00 34.45  ? 76  ARG A NH1 1 
ATOM   525  N NH2 . ARG A 1 76  ? 15.545  -5.232  7.455   1.00 37.93  ? 76  ARG A NH2 1 
ATOM   526  N N   . GLY A 1 77  ? 13.561  -0.533  1.898   1.00 29.72  ? 77  GLY A N   1 
ATOM   527  C CA  . GLY A 1 77  ? 12.948  -1.035  0.651   1.00 27.90  ? 77  GLY A CA  1 
ATOM   528  C C   . GLY A 1 77  ? 12.658  -2.529  0.731   1.00 27.37  ? 77  GLY A C   1 
ATOM   529  O O   . GLY A 1 77  ? 13.454  -3.262  1.343   1.00 26.51  ? 77  GLY A O   1 
ATOM   530  N N   . ILE A 1 78  ? 11.559  -2.977  0.123   1.00 27.75  ? 78  ILE A N   1 
ATOM   531  C CA  . ILE A 1 78  ? 11.129  -4.408  0.127   1.00 28.06  ? 78  ILE A CA  1 
ATOM   532  C C   . ILE A 1 78  ? 12.210  -5.185  -0.610  1.00 29.10  ? 78  ILE A C   1 
ATOM   533  O O   . ILE A 1 78  ? 12.599  -4.760  -1.690  1.00 29.68  ? 78  ILE A O   1 
ATOM   534  C CB  . ILE A 1 78  ? 9.743   -4.613  -0.530  1.00 28.28  ? 78  ILE A CB  1 
ATOM   535  C CG1 . ILE A 1 78  ? 8.692   -3.609  -0.036  1.00 28.42  ? 78  ILE A CG1 1 
ATOM   536  C CG2 . ILE A 1 78  ? 9.286   -6.050  -0.324  1.00 28.22  ? 78  ILE A CG2 1 
ATOM   537  C CD1 . ILE A 1 78  ? 7.287   -3.841  -0.590  1.00 27.42  ? 78  ILE A CD1 1 
ATOM   538  N N   . PRO A 1 79  ? 12.728  -6.314  -0.063  1.00 29.95  ? 79  PRO A N   1 
ATOM   539  C CA  . PRO A 1 79  ? 13.763  -7.092  -0.740  1.00 31.19  ? 79  PRO A CA  1 
ATOM   540  C C   . PRO A 1 79  ? 13.286  -7.482  -2.141  1.00 31.18  ? 79  PRO A C   1 
ATOM   541  O O   . PRO A 1 79  ? 12.144  -7.821  -2.280  1.00 30.73  ? 79  PRO A O   1 
ATOM   542  C CB  . PRO A 1 79  ? 13.968  -8.359  0.105   1.00 32.69  ? 79  PRO A CB  1 
ATOM   543  C CG  . PRO A 1 79  ? 13.341  -8.034  1.451   1.00 33.36  ? 79  PRO A CG  1 
ATOM   544  C CD  . PRO A 1 79  ? 12.332  -6.921  1.213   1.00 31.35  ? 79  PRO A CD  1 
ATOM   545  N N   . THR A 1 80  ? 14.175  -7.398  -3.127  1.00 34.20  ? 80  THR A N   1 
ATOM   546  C CA  . THR A 1 80  ? 13.870  -7.569  -4.573  1.00 34.15  ? 80  THR A CA  1 
ATOM   547  C C   . THR A 1 80  ? 14.426  -8.909  -5.081  1.00 35.19  ? 80  THR A C   1 
ATOM   548  O O   . THR A 1 80  ? 14.009  -9.336  -6.192  1.00 34.55  ? 80  THR A O   1 
ATOM   549  C CB  . THR A 1 80  ? 14.455  -6.398  -5.367  1.00 33.50  ? 80  THR A CB  1 
ATOM   550  O OG1 . THR A 1 80  ? 15.863  -6.509  -5.210  1.00 32.09  ? 80  THR A OG1 1 
ATOM   551  C CG2 . THR A 1 80  ? 13.985  -5.042  -4.887  1.00 34.54  ? 80  THR A CG2 1 
ATOM   552  N N   . GLY A 1 81  ? 15.358  -9.515  -4.328  1.00 36.10  ? 81  GLY A N   1 
ATOM   553  C CA  . GLY A 1 81  ? 15.954  -10.827 -4.632  1.00 36.38  ? 81  GLY A CA  1 
ATOM   554  C C   . GLY A 1 81  ? 14.877  -11.832 -4.989  1.00 38.39  ? 81  GLY A C   1 
ATOM   555  O O   . GLY A 1 81  ? 13.940  -12.012 -4.192  1.00 36.68  ? 81  GLY A O   1 
ATOM   556  N N   . ILE A 1 82  ? 14.979  -12.451 -6.164  1.00 43.45  ? 82  ILE A N   1 
ATOM   557  C CA  . ILE A 1 82  ? 14.026  -13.509 -6.603  1.00 45.33  ? 82  ILE A CA  1 
ATOM   558  C C   . ILE A 1 82  ? 14.119  -14.643 -5.587  1.00 49.35  ? 82  ILE A C   1 
ATOM   559  O O   . ILE A 1 82  ? 15.224  -15.179 -5.415  1.00 50.20  ? 82  ILE A O   1 
ATOM   560  C CB  . ILE A 1 82  ? 14.320  -13.980 -8.036  1.00 44.21  ? 82  ILE A CB  1 
ATOM   561  C CG1 . ILE A 1 82  ? 14.152  -12.832 -9.033  1.00 43.95  ? 82  ILE A CG1 1 
ATOM   562  C CG2 . ILE A 1 82  ? 13.440  -15.167 -8.392  1.00 43.97  ? 82  ILE A CG2 1 
ATOM   563  C CD1 . ILE A 1 82  ? 14.496  -13.192 -10.452 1.00 42.60  ? 82  ILE A CD1 1 
ATOM   564  N N   . HIS A 1 83  ? 13.014  -14.937 -4.904  1.00 58.32  ? 83  HIS A N   1 
ATOM   565  C CA  . HIS A 1 83  ? 12.888  -16.103 -3.995  1.00 67.31  ? 83  HIS A CA  1 
ATOM   566  C C   . HIS A 1 83  ? 13.360  -17.352 -4.731  1.00 69.48  ? 83  HIS A C   1 
ATOM   567  O O   . HIS A 1 83  ? 12.814  -17.712 -5.775  1.00 69.54  ? 83  HIS A O   1 
ATOM   568  C CB  . HIS A 1 83  ? 11.454  -16.272 -3.479  1.00 71.25  ? 83  HIS A CB  1 
ATOM   569  C CG  . HIS A 1 83  ? 11.257  -15.757 -2.094  1.00 78.09  ? 83  HIS A CG  1 
ATOM   570  N ND1 . HIS A 1 83  ? 11.826  -16.372 -0.993  1.00 83.27  ? 83  HIS A ND1 1 
ATOM   571  C CD2 . HIS A 1 83  ? 10.563  -14.697 -1.623  1.00 80.54  ? 83  HIS A CD2 1 
ATOM   572  C CE1 . HIS A 1 83  ? 11.486  -15.712 0.099   1.00 83.93  ? 83  HIS A CE1 1 
ATOM   573  N NE2 . HIS A 1 83  ? 10.706  -14.679 -0.261  1.00 78.88  ? 83  HIS A NE2 1 
ATOM   574  N N   . PRO A 1 84  ? 14.401  -18.043 -4.221  1.00 72.96  ? 84  PRO A N   1 
ATOM   575  C CA  . PRO A 1 84  ? 14.805  -19.330 -4.788  1.00 75.45  ? 84  PRO A CA  1 
ATOM   576  C C   . PRO A 1 84  ? 13.623  -20.315 -4.787  1.00 76.20  ? 84  PRO A C   1 
ATOM   577  O O   . PRO A 1 84  ? 13.527  -21.101 -5.703  1.00 72.18  ? 84  PRO A O   1 
ATOM   578  C CB  . PRO A 1 84  ? 15.955  -19.806 -3.880  1.00 76.70  ? 84  PRO A CB  1 
ATOM   579  C CG  . PRO A 1 84  ? 15.840  -18.957 -2.620  1.00 75.97  ? 84  PRO A CG  1 
ATOM   580  C CD  . PRO A 1 84  ? 15.223  -17.646 -3.066  1.00 74.94  ? 84  PRO A CD  1 
ATOM   581  N N   . GLU A 1 85  ? 12.739  -20.205 -3.787  1.00 78.37  ? 85  GLU A N   1 
ATOM   582  C CA  . GLU A 1 85  ? 11.601  -21.135 -3.556  1.00 81.28  ? 85  GLU A CA  1 
ATOM   583  C C   . GLU A 1 85  ? 10.603  -21.013 -4.714  1.00 75.29  ? 85  GLU A C   1 
ATOM   584  O O   . GLU A 1 85  ? 10.487  -21.989 -5.475  1.00 67.16  ? 85  GLU A O   1 
ATOM   585  C CB  . GLU A 1 85  ? 10.914  -20.868 -2.214  1.00 90.10  ? 85  GLU A CB  1 
ATOM   586  C CG  . GLU A 1 85  ? 11.856  -20.491 -1.081  1.00 95.90  ? 85  GLU A CG  1 
ATOM   587  C CD  . GLU A 1 85  ? 11.169  -20.231 0.248   1.00 101.13 ? 85  GLU A CD  1 
ATOM   588  O OE1 . GLU A 1 85  ? 9.961   -19.906 0.233   1.00 105.63 ? 85  GLU A OE1 1 
ATOM   589  O OE2 . GLU A 1 85  ? 11.846  -20.340 1.292   1.00 100.28 ? 85  GLU A OE2 1 
ATOM   590  N N   . GLU A 1 86  ? 9.932   -19.860 -4.859  1.00 75.04  ? 86  GLU A N   1 
ATOM   591  C CA  . GLU A 1 86  ? 8.770   -19.701 -5.786  1.00 67.00  ? 86  GLU A CA  1 
ATOM   592  C C   . GLU A 1 86  ? 9.127   -18.818 -6.993  1.00 58.08  ? 86  GLU A C   1 
ATOM   593  O O   . GLU A 1 86  ? 8.195   -18.457 -7.735  1.00 53.13  ? 86  GLU A O   1 
ATOM   594  C CB  . GLU A 1 86  ? 7.520   -19.186 -5.064  1.00 67.48  ? 86  GLU A CB  1 
ATOM   595  C CG  . GLU A 1 86  ? 7.717   -17.907 -4.268  1.00 66.97  ? 86  GLU A CG  1 
ATOM   596  C CD  . GLU A 1 86  ? 8.066   -18.135 -2.808  1.00 64.67  ? 86  GLU A CD  1 
ATOM   597  O OE1 . GLU A 1 86  ? 7.133   -18.193 -1.981  1.00 57.01  ? 86  GLU A OE1 1 
ATOM   598  O OE2 . GLU A 1 86  ? 9.271   -18.248 -2.504  1.00 65.99  ? 86  GLU A OE2 1 
ATOM   599  N N   . GLY A 1 87  ? 10.408  -18.496 -7.199  1.00 51.18  ? 87  GLY A N   1 
ATOM   600  C CA  . GLY A 1 87  ? 10.936  -17.978 -8.479  1.00 48.62  ? 87  GLY A CA  1 
ATOM   601  C C   . GLY A 1 87  ? 10.254  -16.703 -8.965  1.00 46.05  ? 87  GLY A C   1 
ATOM   602  O O   . GLY A 1 87  ? 9.929   -16.632 -10.168 1.00 45.02  ? 87  GLY A O   1 
ATOM   603  N N   . VAL A 1 88  ? 10.062  -15.732 -8.064  1.00 42.28  ? 88  VAL A N   1 
ATOM   604  C CA  . VAL A 1 88  ? 9.689   -14.310 -8.344  1.00 38.08  ? 88  VAL A CA  1 
ATOM   605  C C   . VAL A 1 88  ? 10.226  -13.456 -7.191  1.00 34.26  ? 88  VAL A C   1 
ATOM   606  O O   . VAL A 1 88  ? 10.477  -14.027 -6.096  1.00 31.39  ? 88  VAL A O   1 
ATOM   607  C CB  . VAL A 1 88  ? 8.166   -14.110 -8.497  1.00 39.66  ? 88  VAL A CB  1 
ATOM   608  C CG1 . VAL A 1 88  ? 7.670   -14.437 -9.904  1.00 39.95  ? 88  VAL A CG1 1 
ATOM   609  C CG2 . VAL A 1 88  ? 7.380   -14.885 -7.450  1.00 38.32  ? 88  VAL A CG2 1 
ATOM   610  N N   . SER A 1 89  ? 10.355  -12.143 -7.415  1.00 29.90  ? 89  SER A N   1 
ATOM   611  C CA  . SER A 1 89  ? 10.859  -11.159 -6.418  1.00 27.64  ? 89  SER A CA  1 
ATOM   612  C C   . SER A 1 89  ? 10.132  -11.347 -5.081  1.00 26.26  ? 89  SER A C   1 
ATOM   613  O O   . SER A 1 89  ? 8.916   -11.702 -5.057  1.00 23.37  ? 89  SER A O   1 
ATOM   614  C CB  . SER A 1 89  ? 10.713  -9.752  -6.903  1.00 27.37  ? 89  SER A CB  1 
ATOM   615  O OG  . SER A 1 89  ? 9.352   -9.457  -7.126  1.00 26.89  ? 89  SER A OG  1 
ATOM   616  N N   . ALA A 1 90  ? 10.864  -11.164 -3.991  1.00 25.66  ? 90  ALA A N   1 
ATOM   617  C CA  . ALA A 1 90  ? 10.303  -11.224 -2.626  1.00 26.55  ? 90  ALA A CA  1 
ATOM   618  C C   . ALA A 1 90  ? 9.182   -10.170 -2.517  1.00 24.24  ? 90  ALA A C   1 
ATOM   619  O O   . ALA A 1 90  ? 8.197   -10.427 -1.852  1.00 25.51  ? 90  ALA A O   1 
ATOM   620  C CB  . ALA A 1 90  ? 11.413  -11.040 -1.612  1.00 25.54  ? 90  ALA A CB  1 
ATOM   621  N N   . ALA A 1 91  ? 9.330   -9.039  -3.203  1.00 23.52  ? 91  ALA A N   1 
ATOM   622  C CA  . ALA A 1 91  ? 8.369   -7.916  -3.235  1.00 25.09  ? 91  ALA A CA  1 
ATOM   623  C C   . ALA A 1 91  ? 7.023   -8.421  -3.744  1.00 24.06  ? 91  ALA A C   1 
ATOM   624  O O   . ALA A 1 91  ? 5.993   -8.152  -3.107  1.00 22.36  ? 91  ALA A O   1 
ATOM   625  C CB  . ALA A 1 91  ? 8.910   -6.814  -4.116  1.00 25.36  ? 91  ALA A CB  1 
ATOM   626  N N   . GLU A 1 92  ? 7.061   -9.152  -4.854  1.00 24.94  ? 92  GLU A N   1 
ATOM   627  C CA  . GLU A 1 92  ? 5.856   -9.683  -5.518  1.00 24.36  ? 92  GLU A CA  1 
ATOM   628  C C   . GLU A 1 92  ? 5.153   -10.693 -4.594  1.00 24.63  ? 92  GLU A C   1 
ATOM   629  O O   . GLU A 1 92  ? 3.908   -10.652 -4.514  1.00 25.33  ? 92  GLU A O   1 
ATOM   630  C CB  . GLU A 1 92  ? 6.230   -10.283 -6.865  1.00 23.15  ? 92  GLU A CB  1 
ATOM   631  C CG  . GLU A 1 92  ? 5.009   -10.853 -7.559  1.00 23.93  ? 92  GLU A CG  1 
ATOM   632  C CD  . GLU A 1 92  ? 5.149   -11.269 -9.007  1.00 23.10  ? 92  GLU A CD  1 
ATOM   633  O OE1 . GLU A 1 92  ? 6.066   -10.811 -9.681  1.00 26.74  ? 92  GLU A OE1 1 
ATOM   634  O OE2 . GLU A 1 92  ? 4.322   -12.054 -9.436  1.00 22.62  ? 92  GLU A OE2 1 
ATOM   635  N N   . VAL A 1 93  ? 5.902   -11.557 -3.912  1.00 24.35  ? 93  VAL A N   1 
ATOM   636  C CA  . VAL A 1 93  ? 5.358   -12.476 -2.867  1.00 25.56  ? 93  VAL A CA  1 
ATOM   637  C C   . VAL A 1 93  ? 4.589   -11.643 -1.836  1.00 26.43  ? 93  VAL A C   1 
ATOM   638  O O   . VAL A 1 93  ? 3.413   -11.946 -1.548  1.00 26.00  ? 93  VAL A O   1 
ATOM   639  C CB  . VAL A 1 93  ? 6.481   -13.284 -2.195  1.00 27.07  ? 93  VAL A CB  1 
ATOM   640  C CG1 . VAL A 1 93  ? 5.992   -14.066 -0.983  1.00 28.16  ? 93  VAL A CG1 1 
ATOM   641  C CG2 . VAL A 1 93  ? 7.161   -14.196 -3.207  1.00 28.58  ? 93  VAL A CG2 1 
ATOM   642  N N   . ILE A 1 94  ? 5.231   -10.609 -1.305  1.00 26.85  ? 94  ILE A N   1 
ATOM   643  C CA  . ILE A 1 94  ? 4.614   -9.733  -0.272  1.00 27.02  ? 94  ILE A CA  1 
ATOM   644  C C   . ILE A 1 94  ? 3.365   -9.042  -0.855  1.00 26.49  ? 94  ILE A C   1 
ATOM   645  O O   . ILE A 1 94  ? 2.385   -8.875  -0.116  1.00 27.65  ? 94  ILE A O   1 
ATOM   646  C CB  . ILE A 1 94  ? 5.698   -8.781  0.281   1.00 28.02  ? 94  ILE A CB  1 
ATOM   647  C CG1 . ILE A 1 94  ? 6.684   -9.563  1.155   1.00 28.36  ? 94  ILE A CG1 1 
ATOM   648  C CG2 . ILE A 1 94  ? 5.109   -7.599  1.035   1.00 28.60  ? 94  ILE A CG2 1 
ATOM   649  C CD1 . ILE A 1 94  ? 7.963   -8.822  1.458   1.00 29.67  ? 94  ILE A CD1 1 
ATOM   650  N N   . MET A 1 95  ? 3.372   -8.652  -2.130  1.00 25.94  ? 95  MET A N   1 
ATOM   651  C CA  . MET A 1 95  ? 2.295   -7.799  -2.704  1.00 24.58  ? 95  MET A CA  1 
ATOM   652  C C   . MET A 1 95  ? 1.084   -8.654  -3.102  1.00 25.21  ? 95  MET A C   1 
ATOM   653  O O   . MET A 1 95  ? 0.028   -8.047  -3.349  1.00 22.68  ? 95  MET A O   1 
ATOM   654  C CB  . MET A 1 95  ? 2.774   -7.022  -3.937  1.00 24.97  ? 95  MET A CB  1 
ATOM   655  C CG  . MET A 1 95  ? 3.803   -5.936  -3.651  1.00 24.67  ? 95  MET A CG  1 
ATOM   656  S SD  . MET A 1 95  ? 3.337   -4.743  -2.376  1.00 27.24  ? 95  MET A SD  1 
ATOM   657  C CE  . MET A 1 95  ? 2.018   -3.884  -3.235  1.00 26.87  ? 95  MET A CE  1 
ATOM   658  N N   . THR A 1 96  ? 1.230   -9.989  -3.198  1.00 25.22  ? 96  THR A N   1 
ATOM   659  C CA  . THR A 1 96  ? 0.230   -10.889 -3.840  1.00 26.27  ? 96  THR A CA  1 
ATOM   660  C C   . THR A 1 96  ? -0.245  -12.014 -2.910  1.00 27.22  ? 96  THR A C   1 
ATOM   661  O O   . THR A 1 96  ? -1.391  -12.464 -3.117  1.00 24.95  ? 96  THR A O   1 
ATOM   662  C CB  . THR A 1 96  ? 0.736   -11.465 -5.172  1.00 26.57  ? 96  THR A CB  1 
ATOM   663  O OG1 . THR A 1 96  ? 1.935   -12.209 -4.958  1.00 26.10  ? 96  THR A OG1 1 
ATOM   664  C CG2 . THR A 1 96  ? 0.975   -10.390 -6.213  1.00 27.74  ? 96  THR A CG2 1 
ATOM   665  N N   . VAL A 1 97  ? 0.563   -12.471 -1.951  1.00 29.05  ? 97  VAL A N   1 
ATOM   666  C CA  . VAL A 1 97  ? 0.176   -13.616 -1.068  1.00 32.92  ? 97  VAL A CA  1 
ATOM   667  C C   . VAL A 1 97  ? -0.635  -13.095 0.137   1.00 35.24  ? 97  VAL A C   1 
ATOM   668  O O   . VAL A 1 97  ? -0.201  -12.128 0.811   1.00 32.94  ? 97  VAL A O   1 
ATOM   669  C CB  . VAL A 1 97  ? 1.399   -14.468 -0.670  1.00 33.54  ? 97  VAL A CB  1 
ATOM   670  C CG1 . VAL A 1 97  ? 1.102   -15.374 0.513   1.00 32.40  ? 97  VAL A CG1 1 
ATOM   671  C CG2 . VAL A 1 97  ? 1.894   -15.284 -1.867  1.00 34.23  ? 97  VAL A CG2 1 
ATOM   672  N N   . LEU A 1 98  ? -1.793  -13.724 0.350   1.00 37.91  ? 98  LEU A N   1 
ATOM   673  C CA  . LEU A 1 98  ? -2.785  -13.486 1.435   1.00 42.60  ? 98  LEU A CA  1 
ATOM   674  C C   . LEU A 1 98  ? -2.113  -13.889 2.761   1.00 48.33  ? 98  LEU A C   1 
ATOM   675  O O   . LEU A 1 98  ? -1.698  -15.052 2.847   1.00 52.56  ? 98  LEU A O   1 
ATOM   676  C CB  . LEU A 1 98  ? -3.996  -14.361 1.070   1.00 43.15  ? 98  LEU A CB  1 
ATOM   677  C CG  . LEU A 1 98  ? -5.436  -13.928 1.390   1.00 46.07  ? 98  LEU A CG  1 
ATOM   678  C CD1 . LEU A 1 98  ? -5.645  -12.422 1.522   1.00 46.85  ? 98  LEU A CD1 1 
ATOM   679  C CD2 . LEU A 1 98  ? -6.373  -14.484 0.322   1.00 46.76  ? 98  LEU A CD2 1 
ATOM   680  N N   . HIS A 1 99  ? -1.903  -12.960 3.705   1.00 55.25  ? 99  HIS A N   1 
ATOM   681  C CA  . HIS A 1 99  ? -1.373  -13.250 5.072   1.00 64.90  ? 99  HIS A CA  1 
ATOM   682  C C   . HIS A 1 99  ? -0.017  -13.969 4.976   1.00 64.32  ? 99  HIS A C   1 
ATOM   683  O O   . HIS A 1 99  ? 0.978   -13.294 4.642   1.00 62.61  ? 99  HIS A O   1 
ATOM   684  C CB  . HIS A 1 99  ? -2.436  -14.036 5.878   1.00 72.88  ? 99  HIS A CB  1 
ATOM   685  C CG  . HIS A 1 99  ? -1.952  -15.218 6.670   1.00 80.58  ? 99  HIS A CG  1 
ATOM   686  N ND1 . HIS A 1 99  ? -1.800  -15.182 8.051   1.00 78.51  ? 99  HIS A ND1 1 
ATOM   687  C CD2 . HIS A 1 99  ? -1.651  -16.489 6.302   1.00 83.36  ? 99  HIS A CD2 1 
ATOM   688  C CE1 . HIS A 1 99  ? -1.396  -16.362 8.486   1.00 78.76  ? 99  HIS A CE1 1 
ATOM   689  N NE2 . HIS A 1 99  ? -1.293  -17.183 7.432   1.00 79.88  ? 99  HIS A NE2 1 
ATOM   690  N N   . GLY A 1 114 ? -8.641  -11.012 11.602  1.00 73.61  ? 114 GLY A N   1 
ATOM   691  C CA  . GLY A 1 114 ? -10.025 -10.566 11.343  1.00 72.91  ? 114 GLY A CA  1 
ATOM   692  C C   . GLY A 1 114 ? -10.074 -9.550  10.213  1.00 75.56  ? 114 GLY A C   1 
ATOM   693  O O   . GLY A 1 114 ? -9.630  -9.901  9.103   1.00 76.30  ? 114 GLY A O   1 
ATOM   694  N N   . LEU A 1 115 ? -10.575 -8.339  10.492  1.00 74.35  ? 115 LEU A N   1 
ATOM   695  C CA  . LEU A 1 115 ? -10.719 -7.214  9.521   1.00 73.15  ? 115 LEU A CA  1 
ATOM   696  C C   . LEU A 1 115 ? -9.649  -6.136  9.787   1.00 69.35  ? 115 LEU A C   1 
ATOM   697  O O   . LEU A 1 115 ? -9.799  -5.022  9.266   1.00 69.30  ? 115 LEU A O   1 
ATOM   698  C CB  . LEU A 1 115 ? -12.140 -6.646  9.647   1.00 74.56  ? 115 LEU A CB  1 
ATOM   699  C CG  . LEU A 1 115 ? -12.746 -6.045  8.376   1.00 71.16  ? 115 LEU A CG  1 
ATOM   700  C CD1 . LEU A 1 115 ? -14.107 -6.657  8.092   1.00 70.08  ? 115 LEU A CD1 1 
ATOM   701  C CD2 . LEU A 1 115 ? -12.861 -4.532  8.477   1.00 67.48  ? 115 LEU A CD2 1 
ATOM   702  N N   . HIS A 1 116 ? -8.615  -6.457  10.571  1.00 66.75  ? 116 HIS A N   1 
ATOM   703  C CA  . HIS A 1 116 ? -7.393  -5.634  10.805  1.00 61.74  ? 116 HIS A CA  1 
ATOM   704  C C   . HIS A 1 116 ? -6.179  -6.531  10.539  1.00 55.29  ? 116 HIS A C   1 
ATOM   705  O O   . HIS A 1 116 ? -6.341  -7.760  10.691  1.00 53.72  ? 116 HIS A O   1 
ATOM   706  C CB  . HIS A 1 116 ? -7.419  -5.047  12.227  1.00 65.69  ? 116 HIS A CB  1 
ATOM   707  C CG  . HIS A 1 116 ? -6.256  -4.176  12.580  1.00 70.55  ? 116 HIS A CG  1 
ATOM   708  N ND1 . HIS A 1 116 ? -6.303  -2.795  12.463  1.00 73.84  ? 116 HIS A ND1 1 
ATOM   709  C CD2 . HIS A 1 116 ? -5.034  -4.471  13.083  1.00 72.29  ? 116 HIS A CD2 1 
ATOM   710  C CE1 . HIS A 1 116 ? -5.152  -2.280  12.860  1.00 75.30  ? 116 HIS A CE1 1 
ATOM   711  N NE2 . HIS A 1 116 ? -4.353  -3.289  13.241  1.00 74.52  ? 116 HIS A NE2 1 
ATOM   712  N N   . GLY A 1 117 ? -5.046  -5.945  10.118  1.00 50.73  ? 117 GLY A N   1 
ATOM   713  C CA  . GLY A 1 117 ? -3.789  -6.642  9.760   1.00 48.65  ? 117 GLY A CA  1 
ATOM   714  C C   . GLY A 1 117 ? -3.970  -7.613  8.600   1.00 47.16  ? 117 GLY A C   1 
ATOM   715  O O   . GLY A 1 117 ? -3.321  -8.671  8.601   1.00 47.58  ? 117 GLY A O   1 
ATOM   716  N N   . VAL A 1 118 ? -4.787  -7.245  7.611   1.00 45.42  ? 118 VAL A N   1 
ATOM   717  C CA  . VAL A 1 118 ? -5.341  -8.178  6.578   1.00 42.93  ? 118 VAL A CA  1 
ATOM   718  C C   . VAL A 1 118 ? -4.284  -8.498  5.503   1.00 40.20  ? 118 VAL A C   1 
ATOM   719  O O   . VAL A 1 118 ? -4.524  -9.439  4.722   1.00 41.23  ? 118 VAL A O   1 
ATOM   720  C CB  . VAL A 1 118 ? -6.654  -7.614  5.987   1.00 44.15  ? 118 VAL A CB  1 
ATOM   721  C CG1 . VAL A 1 118 ? -7.673  -7.317  7.085   1.00 44.99  ? 118 VAL A CG1 1 
ATOM   722  C CG2 . VAL A 1 118 ? -6.440  -6.372  5.126   1.00 41.73  ? 118 VAL A CG2 1 
ATOM   723  N N   . GLY A 1 119 ? -3.155  -7.771  5.467   1.00 37.27  ? 119 GLY A N   1 
ATOM   724  C CA  . GLY A 1 119 ? -2.083  -7.925  4.457   1.00 34.88  ? 119 GLY A CA  1 
ATOM   725  C C   . GLY A 1 119 ? -2.352  -7.051  3.240   1.00 32.11  ? 119 GLY A C   1 
ATOM   726  O O   . GLY A 1 119 ? -3.518  -6.862  2.913   1.00 33.61  ? 119 GLY A O   1 
ATOM   727  N N   . VAL A 1 120 ? -1.313  -6.519  2.599   1.00 30.00  ? 120 VAL A N   1 
ATOM   728  C CA  . VAL A 1 120 ? -1.412  -5.543  1.471   1.00 28.44  ? 120 VAL A CA  1 
ATOM   729  C C   . VAL A 1 120 ? -1.952  -6.216  0.184   1.00 26.70  ? 120 VAL A C   1 
ATOM   730  O O   . VAL A 1 120 ? -2.440  -5.490  -0.676  1.00 23.58  ? 120 VAL A O   1 
ATOM   731  C CB  . VAL A 1 120 ? -0.054  -4.857  1.218   1.00 29.43  ? 120 VAL A CB  1 
ATOM   732  C CG1 . VAL A 1 120 ? 0.986   -5.830  0.693   1.00 28.15  ? 120 VAL A CG1 1 
ATOM   733  C CG2 . VAL A 1 120 ? -0.185  -3.662  0.278   1.00 29.80  ? 120 VAL A CG2 1 
ATOM   734  N N   . SER A 1 121 ? -1.902  -7.544  0.042   1.00 25.63  ? 121 SER A N   1 
ATOM   735  C CA  . SER A 1 121 ? -2.489  -8.253  -1.128  1.00 25.82  ? 121 SER A CA  1 
ATOM   736  C C   . SER A 1 121 ? -3.989  -7.954  -1.247  1.00 24.51  ? 121 SER A C   1 
ATOM   737  O O   . SER A 1 121 ? -4.506  -7.992  -2.362  1.00 23.22  ? 121 SER A O   1 
ATOM   738  C CB  . SER A 1 121 ? -2.231  -9.733  -1.077  1.00 26.98  ? 121 SER A CB  1 
ATOM   739  O OG  . SER A 1 121 ? -2.633  -10.278 0.171   1.00 30.31  ? 121 SER A OG  1 
ATOM   740  N N   . VAL A 1 122 ? -4.668  -7.677  -0.136  1.00 23.56  ? 122 VAL A N   1 
ATOM   741  C CA  . VAL A 1 122 ? -6.131  -7.397  -0.127  1.00 23.39  ? 122 VAL A CA  1 
ATOM   742  C C   . VAL A 1 122 ? -6.355  -6.066  -0.844  1.00 21.34  ? 122 VAL A C   1 
ATOM   743  O O   . VAL A 1 122 ? -7.246  -5.982  -1.682  1.00 22.58  ? 122 VAL A O   1 
ATOM   744  C CB  . VAL A 1 122 ? -6.689  -7.364  1.310   1.00 23.63  ? 122 VAL A CB  1 
ATOM   745  C CG1 . VAL A 1 122 ? -8.037  -6.677  1.396   1.00 23.02  ? 122 VAL A CG1 1 
ATOM   746  C CG2 . VAL A 1 122 ? -6.767  -8.763  1.890   1.00 25.11  ? 122 VAL A CG2 1 
ATOM   747  N N   . VAL A 1 123 ? -5.565  -5.065  -0.497  1.00 20.25  ? 123 VAL A N   1 
ATOM   748  C CA  . VAL A 1 123 ? -5.616  -3.729  -1.142  1.00 19.82  ? 123 VAL A CA  1 
ATOM   749  C C   . VAL A 1 123 ? -5.317  -3.932  -2.631  1.00 19.83  ? 123 VAL A C   1 
ATOM   750  O O   . VAL A 1 123 ? -6.060  -3.388  -3.443  1.00 18.56  ? 123 VAL A O   1 
ATOM   751  C CB  . VAL A 1 123 ? -4.611  -2.766  -0.492  1.00 18.96  ? 123 VAL A CB  1 
ATOM   752  C CG1 . VAL A 1 123 ? -4.527  -1.464  -1.263  1.00 19.89  ? 123 VAL A CG1 1 
ATOM   753  C CG2 . VAL A 1 123 ? -4.928  -2.494  0.970   1.00 19.24  ? 123 VAL A CG2 1 
ATOM   754  N N   . ASN A 1 124 ? -4.250  -4.678  -2.941  1.00 17.75  ? 124 ASN A N   1 
ATOM   755  C CA  . ASN A 1 124 ? -3.810  -5.010  -4.319  1.00 18.42  ? 124 ASN A CA  1 
ATOM   756  C C   . ASN A 1 124 ? -4.985  -5.632  -5.079  1.00 18.08  ? 124 ASN A C   1 
ATOM   757  O O   . ASN A 1 124 ? -5.291  -5.181  -6.209  1.00 16.98  ? 124 ASN A O   1 
ATOM   758  C CB  . ASN A 1 124 ? -2.589  -5.940  -4.306  1.00 18.59  ? 124 ASN A CB  1 
ATOM   759  C CG  . ASN A 1 124 ? -1.691  -5.791  -5.517  1.00 19.55  ? 124 ASN A CG  1 
ATOM   760  O OD1 . ASN A 1 124 ? -1.973  -4.999  -6.425  1.00 20.47  ? 124 ASN A OD1 1 
ATOM   761  N ND2 . ASN A 1 124 ? -0.602  -6.549  -5.533  1.00 19.03  ? 124 ASN A ND2 1 
ATOM   762  N N   . ALA A 1 125 ? -5.632  -6.622  -4.470  1.00 18.02  ? 125 ALA A N   1 
ATOM   763  C CA  . ALA A 1 125 ? -6.748  -7.374  -5.083  1.00 17.87  ? 125 ALA A CA  1 
ATOM   764  C C   . ALA A 1 125 ? -7.862  -6.401  -5.467  1.00 18.40  ? 125 ALA A C   1 
ATOM   765  O O   . ALA A 1 125 ? -8.463  -6.575  -6.542  1.00 20.08  ? 125 ALA A O   1 
ATOM   766  C CB  . ALA A 1 125 ? -7.225  -8.428  -4.127  1.00 17.95  ? 125 ALA A CB  1 
ATOM   767  N N   . LEU A 1 126 ? -8.135  -5.414  -4.610  1.00 18.24  ? 126 LEU A N   1 
ATOM   768  C CA  . LEU A 1 126 ? -9.312  -4.519  -4.746  1.00 18.82  ? 126 LEU A CA  1 
ATOM   769  C C   . LEU A 1 126 ? -8.898  -3.174  -5.341  1.00 18.81  ? 126 LEU A C   1 
ATOM   770  O O   . LEU A 1 126 ? -9.657  -2.221  -5.200  1.00 18.48  ? 126 LEU A O   1 
ATOM   771  C CB  . LEU A 1 126 ? -9.942  -4.340  -3.371  1.00 18.87  ? 126 LEU A CB  1 
ATOM   772  C CG  . LEU A 1 126 ? -10.490 -5.614  -2.734  1.00 18.66  ? 126 LEU A CG  1 
ATOM   773  C CD1 . LEU A 1 126 ? -11.102 -5.302  -1.382  1.00 18.43  ? 126 LEU A CD1 1 
ATOM   774  C CD2 . LEU A 1 126 ? -11.496 -6.300  -3.646  1.00 18.99  ? 126 LEU A CD2 1 
ATOM   775  N N   . SER A 1 127 ? -7.746  -3.140  -6.001  1.00 20.30  ? 127 SER A N   1 
ATOM   776  C CA  . SER A 1 127 ? -7.186  -1.978  -6.725  1.00 21.82  ? 127 SER A CA  1 
ATOM   777  C C   . SER A 1 127 ? -7.221  -2.262  -8.231  1.00 23.96  ? 127 SER A C   1 
ATOM   778  O O   . SER A 1 127 ? -6.592  -3.249  -8.672  1.00 21.55  ? 127 SER A O   1 
ATOM   779  C CB  . SER A 1 127 ? -5.783  -1.699  -6.246  1.00 21.07  ? 127 SER A CB  1 
ATOM   780  O OG  . SER A 1 127 ? -5.804  -1.180  -4.924  1.00 20.26  ? 127 SER A OG  1 
ATOM   781  N N   . GLN A 1 128 ? -7.930  -1.418  -8.982  1.00 25.86  ? 128 GLN A N   1 
ATOM   782  C CA  . GLN A 1 128 ? -7.902  -1.351  -10.466 1.00 26.95  ? 128 GLN A CA  1 
ATOM   783  C C   . GLN A 1 128 ? -6.438  -1.314  -10.930 1.00 27.86  ? 128 GLN A C   1 
ATOM   784  O O   . GLN A 1 128 ? -6.093  -1.969  -11.943 1.00 24.95  ? 128 GLN A O   1 
ATOM   785  C CB  . GLN A 1 128 ? -8.709  -0.114  -10.859 1.00 31.43  ? 128 GLN A CB  1 
ATOM   786  C CG  . GLN A 1 128 ? -8.750  0.227   -12.336 1.00 36.79  ? 128 GLN A CG  1 
ATOM   787  C CD  . GLN A 1 128 ? -9.582  1.473   -12.573 1.00 44.88  ? 128 GLN A CD  1 
ATOM   788  O OE1 . GLN A 1 128 ? -9.509  2.104   -13.634 1.00 48.16  ? 128 GLN A OE1 1 
ATOM   789  N NE2 . GLN A 1 128 ? -10.391 1.852   -11.588 1.00 43.58  ? 128 GLN A NE2 1 
ATOM   790  N N   . LYS A 1 129 ? -5.596  -0.582  -10.197 1.00 27.91  ? 129 LYS A N   1 
ATOM   791  C CA  . LYS A 1 129 ? -4.157  -0.406  -10.510 1.00 27.63  ? 129 LYS A CA  1 
ATOM   792  C C   . LYS A 1 129 ? -3.370  -0.181  -9.217  1.00 24.48  ? 129 LYS A C   1 
ATOM   793  O O   . LYS A 1 129 ? -3.911  0.379   -8.265  1.00 21.38  ? 129 LYS A O   1 
ATOM   794  C CB  . LYS A 1 129 ? -3.990  0.773   -11.458 1.00 30.92  ? 129 LYS A CB  1 
ATOM   795  C CG  . LYS A 1 129 ? -2.593  0.941   -12.019 1.00 36.77  ? 129 LYS A CG  1 
ATOM   796  C CD  . LYS A 1 129 ? -2.615  1.389   -13.470 1.00 43.22  ? 129 LYS A CD  1 
ATOM   797  C CE  . LYS A 1 129 ? -3.293  2.727   -13.671 1.00 44.18  ? 129 LYS A CE  1 
ATOM   798  N NZ  . LYS A 1 129 ? -2.477  3.825   -13.095 1.00 44.61  ? 129 LYS A NZ  1 
ATOM   799  N N   . LEU A 1 130 ? -2.144  -0.672  -9.171  1.00 23.46  ? 130 LEU A N   1 
ATOM   800  C CA  . LEU A 1 130 ? -1.226  -0.456  -8.030  1.00 23.09  ? 130 LEU A CA  1 
ATOM   801  C C   . LEU A 1 130 ? 0.204   -0.358  -8.554  1.00 22.78  ? 130 LEU A C   1 
ATOM   802  O O   . LEU A 1 130 ? 0.639   -1.279  -9.301  1.00 22.05  ? 130 LEU A O   1 
ATOM   803  C CB  . LEU A 1 130 ? -1.367  -1.582  -7.006  1.00 21.82  ? 130 LEU A CB  1 
ATOM   804  C CG  . LEU A 1 130 ? -0.574  -1.343  -5.720  1.00 21.63  ? 130 LEU A CG  1 
ATOM   805  C CD1 . LEU A 1 130 ? -1.356  -1.770  -4.495  1.00 21.79  ? 130 LEU A CD1 1 
ATOM   806  C CD2 . LEU A 1 130 ? 0.779   -2.043  -5.768  1.00 22.82  ? 130 LEU A CD2 1 
ATOM   807  N N   . GLU A 1 131 ? 0.878   0.727   -8.183  1.00 22.39  ? 131 GLU A N   1 
ATOM   808  C CA  . GLU A 1 131 ? 2.275   1.045   -8.587  1.00 22.42  ? 131 GLU A CA  1 
ATOM   809  C C   . GLU A 1 131 ? 3.194   0.793   -7.393  1.00 19.99  ? 131 GLU A C   1 
ATOM   810  O O   . GLU A 1 131 ? 2.916   1.345   -6.320  1.00 18.15  ? 131 GLU A O   1 
ATOM   811  C CB  . GLU A 1 131 ? 2.349   2.498   -9.067  1.00 23.97  ? 131 GLU A CB  1 
ATOM   812  C CG  . GLU A 1 131 ? 3.687   2.839   -9.679  1.00 26.16  ? 131 GLU A CG  1 
ATOM   813  C CD  . GLU A 1 131 ? 4.035   4.306   -9.860  1.00 26.94  ? 131 GLU A CD  1 
ATOM   814  O OE1 . GLU A 1 131 ? 3.332   5.204   -9.319  1.00 29.38  ? 131 GLU A OE1 1 
ATOM   815  O OE2 . GLU A 1 131 ? 5.044   4.539   -10.540 1.00 30.39  ? 131 GLU A OE2 1 
ATOM   816  N N   . LEU A 1 132 ? 4.217   -0.051  -7.566  1.00 20.27  ? 132 LEU A N   1 
ATOM   817  C CA  . LEU A 1 132 ? 5.268   -0.313  -6.553  1.00 20.10  ? 132 LEU A CA  1 
ATOM   818  C C   . LEU A 1 132 ? 6.578   0.312   -7.041  1.00 20.34  ? 132 LEU A C   1 
ATOM   819  O O   . LEU A 1 132 ? 7.040   -0.120  -8.116  1.00 21.21  ? 132 LEU A O   1 
ATOM   820  C CB  . LEU A 1 132 ? 5.443   -1.819  -6.349  1.00 20.76  ? 132 LEU A CB  1 
ATOM   821  C CG  . LEU A 1 132 ? 6.557   -2.212  -5.372  1.00 20.77  ? 132 LEU A CG  1 
ATOM   822  C CD1 . LEU A 1 132 ? 6.268   -1.687  -3.979  1.00 19.92  ? 132 LEU A CD1 1 
ATOM   823  C CD2 . LEU A 1 132 ? 6.745   -3.713  -5.321  1.00 20.76  ? 132 LEU A CD2 1 
ATOM   824  N N   . VAL A 1 133 ? 7.173   1.227   -6.265  1.00 18.58  ? 133 VAL A N   1 
ATOM   825  C CA  . VAL A 1 133 ? 8.571   1.703   -6.478  1.00 19.56  ? 133 VAL A CA  1 
ATOM   826  C C   . VAL A 1 133 ? 9.417   1.406   -5.232  1.00 20.76  ? 133 VAL A C   1 
ATOM   827  O O   . VAL A 1 133 ? 9.098   1.911   -4.124  1.00 20.71  ? 133 VAL A O   1 
ATOM   828  C CB  . VAL A 1 133 ? 8.628   3.185   -6.879  1.00 19.49  ? 133 VAL A CB  1 
ATOM   829  C CG1 . VAL A 1 133 ? 10.055  3.649   -7.157  1.00 20.82  ? 133 VAL A CG1 1 
ATOM   830  C CG2 . VAL A 1 133 ? 7.763   3.456   -8.091  1.00 19.35  ? 133 VAL A CG2 1 
ATOM   831  N N   . ILE A 1 134 ? 10.484  0.631   -5.424  1.00 21.73  ? 134 ILE A N   1 
ATOM   832  C CA  . ILE A 1 134 ? 11.477  0.263   -4.372  1.00 25.21  ? 134 ILE A CA  1 
ATOM   833  C C   . ILE A 1 134 ? 12.824  0.895   -4.741  1.00 26.96  ? 134 ILE A C   1 
ATOM   834  O O   . ILE A 1 134 ? 13.283  0.686   -5.866  1.00 27.64  ? 134 ILE A O   1 
ATOM   835  C CB  . ILE A 1 134 ? 11.629  -1.264  -4.225  1.00 24.65  ? 134 ILE A CB  1 
ATOM   836  C CG1 . ILE A 1 134 ? 10.332  -1.942  -3.795  1.00 24.77  ? 134 ILE A CG1 1 
ATOM   837  C CG2 . ILE A 1 134 ? 12.770  -1.600  -3.272  1.00 23.87  ? 134 ILE A CG2 1 
ATOM   838  C CD1 . ILE A 1 134 ? 10.328  -3.428  -4.097  1.00 25.30  ? 134 ILE A CD1 1 
ATOM   839  N N   . GLN A 1 135 ? 13.425  1.618   -3.802  1.00 27.64  ? 135 GLN A N   1 
ATOM   840  C CA  . GLN A 1 135 ? 14.822  2.122   -3.878  1.00 27.59  ? 135 GLN A CA  1 
ATOM   841  C C   . GLN A 1 135 ? 15.638  1.289   -2.883  1.00 28.97  ? 135 GLN A C   1 
ATOM   842  O O   . GLN A 1 135 ? 15.242  1.290   -1.693  1.00 27.95  ? 135 GLN A O   1 
ATOM   843  C CB  . GLN A 1 135 ? 14.814  3.620   -3.592  1.00 27.14  ? 135 GLN A CB  1 
ATOM   844  C CG  . GLN A 1 135 ? 14.003  4.389   -4.631  1.00 28.15  ? 135 GLN A CG  1 
ATOM   845  C CD  . GLN A 1 135 ? 13.934  5.860   -4.313  1.00 29.01  ? 135 GLN A CD  1 
ATOM   846  O OE1 . GLN A 1 135 ? 13.078  6.309   -3.554  1.00 28.12  ? 135 GLN A OE1 1 
ATOM   847  N NE2 . GLN A 1 135 ? 14.877  6.608   -4.863  1.00 29.44  ? 135 GLN A NE2 1 
ATOM   848  N N   . ARG A 1 136 ? 16.645  0.534   -3.356  1.00 28.74  ? 136 ARG A N   1 
ATOM   849  C CA  . ARG A 1 136 ? 17.436  -0.401  -2.505  1.00 32.68  ? 136 ARG A CA  1 
ATOM   850  C C   . ARG A 1 136 ? 18.685  -0.911  -3.243  1.00 33.52  ? 136 ARG A C   1 
ATOM   851  O O   . ARG A 1 136 ? 18.586  -1.249  -4.432  1.00 34.85  ? 136 ARG A O   1 
ATOM   852  C CB  . ARG A 1 136 ? 16.527  -1.556  -2.063  1.00 33.40  ? 136 ARG A CB  1 
ATOM   853  C CG  . ARG A 1 136 ? 17.257  -2.801  -1.581  1.00 33.30  ? 136 ARG A CG  1 
ATOM   854  C CD  . ARG A 1 136 ? 16.296  -3.701  -0.835  1.00 33.95  ? 136 ARG A CD  1 
ATOM   855  N NE  . ARG A 1 136 ? 16.928  -4.855  -0.202  1.00 31.66  ? 136 ARG A NE  1 
ATOM   856  C CZ  . ARG A 1 136 ? 16.644  -5.310  1.018   1.00 30.52  ? 136 ARG A CZ  1 
ATOM   857  N NH1 . ARG A 1 136 ? 17.276  -6.375  1.476   1.00 32.38  ? 136 ARG A NH1 1 
ATOM   858  N NH2 . ARG A 1 136 ? 15.760  -4.699  1.792   1.00 29.09  ? 136 ARG A NH2 1 
ATOM   859  N N   . GLU A 1 137 ? 19.812  -0.975  -2.525  1.00 41.09  ? 137 GLU A N   1 
ATOM   860  C CA  . GLU A 1 137 ? 21.141  -1.471  -2.989  1.00 41.99  ? 137 GLU A CA  1 
ATOM   861  C C   . GLU A 1 137 ? 21.572  -0.747  -4.268  1.00 39.03  ? 137 GLU A C   1 
ATOM   862  O O   . GLU A 1 137 ? 22.151  -1.413  -5.138  1.00 43.20  ? 137 GLU A O   1 
ATOM   863  C CB  . GLU A 1 137 ? 21.113  -2.983  -3.219  1.00 44.49  ? 137 GLU A CB  1 
ATOM   864  C CG  . GLU A 1 137 ? 21.029  -3.795  -1.936  1.00 47.24  ? 137 GLU A CG  1 
ATOM   865  C CD  . GLU A 1 137 ? 20.995  -5.298  -2.167  1.00 48.42  ? 137 GLU A CD  1 
ATOM   866  O OE1 . GLU A 1 137 ? 21.230  -6.050  -1.196  1.00 48.66  ? 137 GLU A OE1 1 
ATOM   867  O OE2 . GLU A 1 137 ? 20.719  -5.713  -3.316  1.00 43.83  ? 137 GLU A OE2 1 
ATOM   868  N N   . GLY A 1 138 ? 21.304  0.558   -4.366  1.00 37.55  ? 138 GLY A N   1 
ATOM   869  C CA  . GLY A 1 138 ? 21.789  1.416   -5.462  1.00 38.04  ? 138 GLY A CA  1 
ATOM   870  C C   . GLY A 1 138 ? 20.826  1.542   -6.630  1.00 36.62  ? 138 GLY A C   1 
ATOM   871  O O   . GLY A 1 138 ? 21.107  2.359   -7.518  1.00 35.37  ? 138 GLY A O   1 
ATOM   872  N N   . LYS A 1 139 ? 19.717  0.798   -6.658  1.00 39.44  ? 139 LYS A N   1 
ATOM   873  C CA  . LYS A 1 139 ? 18.800  0.826   -7.833  1.00 39.70  ? 139 LYS A CA  1 
ATOM   874  C C   . LYS A 1 139 ? 17.345  1.126   -7.437  1.00 40.95  ? 139 LYS A C   1 
ATOM   875  O O   . LYS A 1 139 ? 16.909  0.776   -6.306  1.00 37.33  ? 139 LYS A O   1 
ATOM   876  C CB  . LYS A 1 139 ? 18.915  -0.449  -8.681  1.00 44.18  ? 139 LYS A CB  1 
ATOM   877  C CG  . LYS A 1 139 ? 19.715  -1.623  -8.120  1.00 45.56  ? 139 LYS A CG  1 
ATOM   878  C CD  . LYS A 1 139 ? 21.206  -1.586  -8.425  1.00 48.70  ? 139 LYS A CD  1 
ATOM   879  C CE  . LYS A 1 139 ? 21.553  -1.890  -9.870  1.00 52.78  ? 139 LYS A CE  1 
ATOM   880  N NZ  . LYS A 1 139 ? 22.775  -1.165  -10.304 1.00 52.63  ? 139 LYS A NZ  1 
ATOM   881  N N   . ILE A 1 140 ? 16.635  1.787   -8.361  1.00 41.50  ? 140 ILE A N   1 
ATOM   882  C CA  . ILE A 1 140 ? 15.147  1.929   -8.383  1.00 43.39  ? 140 ILE A CA  1 
ATOM   883  C C   . ILE A 1 140 ? 14.562  0.666   -9.047  1.00 38.59  ? 140 ILE A C   1 
ATOM   884  O O   . ILE A 1 140 ? 15.074  0.273   -10.119 1.00 34.27  ? 140 ILE A O   1 
ATOM   885  C CB  . ILE A 1 140 ? 14.724  3.218   -9.128  1.00 46.21  ? 140 ILE A CB  1 
ATOM   886  C CG1 . ILE A 1 140 ? 15.469  4.466   -8.625  1.00 46.40  ? 140 ILE A CG1 1 
ATOM   887  C CG2 . ILE A 1 140 ? 13.213  3.398   -9.071  1.00 44.92  ? 140 ILE A CG2 1 
ATOM   888  C CD1 . ILE A 1 140 ? 15.143  5.750   -9.388  1.00 43.04  ? 140 ILE A CD1 1 
ATOM   889  N N   . HIS A 1 141 ? 13.566  0.033   -8.416  1.00 35.54  ? 141 HIS A N   1 
ATOM   890  C CA  . HIS A 1 141 ? 12.772  -1.094  -8.983  1.00 33.78  ? 141 HIS A CA  1 
ATOM   891  C C   . HIS A 1 141 ? 11.307  -0.680  -9.110  1.00 31.29  ? 141 HIS A C   1 
ATOM   892  O O   . HIS A 1 141 ? 10.794  -0.086  -8.152  1.00 27.34  ? 141 HIS A O   1 
ATOM   893  C CB  . HIS A 1 141 ? 12.905  -2.357  -8.131  1.00 33.16  ? 141 HIS A CB  1 
ATOM   894  C CG  . HIS A 1 141 ? 14.300  -2.690  -7.743  1.00 35.73  ? 141 HIS A CG  1 
ATOM   895  N ND1 . HIS A 1 141 ? 14.992  -3.743  -8.314  1.00 37.52  ? 141 HIS A ND1 1 
ATOM   896  C CD2 . HIS A 1 141 ? 15.133  -2.122  -6.845  1.00 38.16  ? 141 HIS A CD2 1 
ATOM   897  C CE1 . HIS A 1 141 ? 16.186  -3.822  -7.771  1.00 37.44  ? 141 HIS A CE1 1 
ATOM   898  N NE2 . HIS A 1 141 ? 16.304  -2.829  -6.872  1.00 39.86  ? 141 HIS A NE2 1 
ATOM   899  N N   . ARG A 1 142 ? 10.658  -1.007  -10.236 1.00 32.94  ? 142 ARG A N   1 
ATOM   900  C CA  . ARG A 1 142 ? 9.225   -0.691  -10.484 1.00 33.03  ? 142 ARG A CA  1 
ATOM   901  C C   . ARG A 1 142 ? 8.421   -1.898  -11.001 1.00 32.15  ? 142 ARG A C   1 
ATOM   902  O O   . ARG A 1 142 ? 8.950   -2.783  -11.739 1.00 26.44  ? 142 ARG A O   1 
ATOM   903  C CB  . ARG A 1 142 ? 9.100   0.485   -11.451 1.00 37.48  ? 142 ARG A CB  1 
ATOM   904  C CG  . ARG A 1 142 ? 7.731   1.153   -11.431 1.00 39.86  ? 142 ARG A CG  1 
ATOM   905  C CD  . ARG A 1 142 ? 7.835   2.596   -11.886 1.00 44.31  ? 142 ARG A CD  1 
ATOM   906  N NE  . ARG A 1 142 ? 6.554   3.241   -12.133 1.00 45.05  ? 142 ARG A NE  1 
ATOM   907  C CZ  . ARG A 1 142 ? 5.875   3.179   -13.281 1.00 52.31  ? 142 ARG A CZ  1 
ATOM   908  N NH1 . ARG A 1 142 ? 4.719   3.819   -13.400 1.00 52.68  ? 142 ARG A NH1 1 
ATOM   909  N NH2 . ARG A 1 142 ? 6.333   2.468   -14.300 1.00 52.83  ? 142 ARG A NH2 1 
ATOM   910  N N   . GLN A 1 143 ? 7.137   -1.899  -10.643 1.00 28.58  ? 143 GLN A N   1 
ATOM   911  C CA  . GLN A 1 143 ? 6.178   -2.967  -10.996 1.00 25.50  ? 143 GLN A CA  1 
ATOM   912  C C   . GLN A 1 143 ? 4.783   -2.353  -11.030 1.00 25.23  ? 143 GLN A C   1 
ATOM   913  O O   . GLN A 1 143 ? 4.475   -1.452  -10.224 1.00 22.21  ? 143 GLN A O   1 
ATOM   914  C CB  . GLN A 1 143 ? 6.255   -4.145  -10.027 1.00 24.63  ? 143 GLN A CB  1 
ATOM   915  C CG  . GLN A 1 143 ? 5.568   -5.396  -10.571 1.00 24.42  ? 143 GLN A CG  1 
ATOM   916  C CD  . GLN A 1 143 ? 5.858   -6.654  -9.782  1.00 23.99  ? 143 GLN A CD  1 
ATOM   917  O OE1 . GLN A 1 143 ? 5.749   -7.783  -10.280 1.00 24.10  ? 143 GLN A OE1 1 
ATOM   918  N NE2 . GLN A 1 143 ? 6.269   -6.478  -8.542  1.00 22.91  ? 143 GLN A NE2 1 
ATOM   919  N N   . ILE A 1 144 ? 3.969   -2.829  -11.952 1.00 25.44  ? 144 ILE A N   1 
ATOM   920  C CA  . ILE A 1 144 ? 2.546   -2.415  -12.049 1.00 26.72  ? 144 ILE A CA  1 
ATOM   921  C C   . ILE A 1 144 ? 1.697   -3.664  -11.825 1.00 25.14  ? 144 ILE A C   1 
ATOM   922  O O   . ILE A 1 144 ? 2.086   -4.728  -12.304 1.00 25.39  ? 144 ILE A O   1 
ATOM   923  C CB  . ILE A 1 144 ? 2.249   -1.734  -13.397 1.00 26.56  ? 144 ILE A CB  1 
ATOM   924  C CG1 . ILE A 1 144 ? 3.235   -0.608  -13.692 1.00 28.87  ? 144 ILE A CG1 1 
ATOM   925  C CG2 . ILE A 1 144 ? 0.816   -1.241  -13.424 1.00 27.82  ? 144 ILE A CG2 1 
ATOM   926  C CD1 . ILE A 1 144 ? 3.053   0.600   -12.814 1.00 30.62  ? 144 ILE A CD1 1 
ATOM   927  N N   . TYR A 1 145 ? 0.593   -3.516  -11.099 1.00 25.95  ? 145 TYR A N   1 
ATOM   928  C CA  . TYR A 1 145 ? -0.458  -4.548  -10.921 1.00 24.50  ? 145 TYR A CA  1 
ATOM   929  C C   . TYR A 1 145 ? -1.795  -3.974  -11.383 1.00 23.78  ? 145 TYR A C   1 
ATOM   930  O O   . TYR A 1 145 ? -2.014  -2.740  -11.318 1.00 20.72  ? 145 TYR A O   1 
ATOM   931  C CB  . TYR A 1 145 ? -0.557  -5.005  -9.463  1.00 24.30  ? 145 TYR A CB  1 
ATOM   932  C CG  . TYR A 1 145 ? 0.710   -5.556  -8.868  1.00 23.85  ? 145 TYR A CG  1 
ATOM   933  C CD1 . TYR A 1 145 ? 1.750   -4.724  -8.477  1.00 23.93  ? 145 TYR A CD1 1 
ATOM   934  C CD2 . TYR A 1 145 ? 0.843   -6.912  -8.643  1.00 23.77  ? 145 TYR A CD2 1 
ATOM   935  C CE1 . TYR A 1 145 ? 2.891   -5.231  -7.874  1.00 24.12  ? 145 TYR A CE1 1 
ATOM   936  C CE2 . TYR A 1 145 ? 1.986   -7.436  -8.067  1.00 24.20  ? 145 TYR A CE2 1 
ATOM   937  C CZ  . TYR A 1 145 ? 3.013   -6.597  -7.681  1.00 24.87  ? 145 TYR A CZ  1 
ATOM   938  O OH  . TYR A 1 145 ? 4.142   -7.138  -7.133  1.00 29.21  ? 145 TYR A OH  1 
ATOM   939  N N   . GLU A 1 146 ? -2.651  -4.870  -11.865 1.00 25.56  ? 146 GLU A N   1 
ATOM   940  C CA  . GLU A 1 146 ? -4.064  -4.589  -12.193 1.00 28.20  ? 146 GLU A CA  1 
ATOM   941  C C   . GLU A 1 146 ? -4.882  -5.669  -11.500 1.00 27.32  ? 146 GLU A C   1 
ATOM   942  O O   . GLU A 1 146 ? -4.595  -6.877  -11.746 1.00 27.30  ? 146 GLU A O   1 
ATOM   943  C CB  . GLU A 1 146 ? -4.292  -4.606  -13.702 1.00 30.27  ? 146 GLU A CB  1 
ATOM   944  C CG  . GLU A 1 146 ? -3.506  -3.548  -14.451 1.00 32.63  ? 146 GLU A CG  1 
ATOM   945  C CD  . GLU A 1 146 ? -3.716  -3.637  -15.961 1.00 36.66  ? 146 GLU A CD  1 
ATOM   946  O OE1 . GLU A 1 146 ? -4.531  -2.852  -16.497 1.00 40.04  ? 146 GLU A OE1 1 
ATOM   947  O OE2 . GLU A 1 146 ? -3.092  -4.514  -16.596 1.00 34.99  ? 146 GLU A OE2 1 
ATOM   948  N N   . HIS A 1 147 ? -5.783  -5.255  -10.610 1.00 25.15  ? 147 HIS A N   1 
ATOM   949  C CA  . HIS A 1 147 ? -6.635  -6.173  -9.816  1.00 24.96  ? 147 HIS A CA  1 
ATOM   950  C C   . HIS A 1 147 ? -5.740  -7.236  -9.167  1.00 25.15  ? 147 HIS A C   1 
ATOM   951  O O   . HIS A 1 147 ? -6.165  -8.402  -9.090  1.00 26.48  ? 147 HIS A O   1 
ATOM   952  C CB  . HIS A 1 147 ? -7.726  -6.769  -10.717 1.00 24.64  ? 147 HIS A CB  1 
ATOM   953  C CG  . HIS A 1 147 ? -8.545  -5.772  -11.460 1.00 25.31  ? 147 HIS A CG  1 
ATOM   954  N ND1 . HIS A 1 147 ? -9.554  -5.035  -10.844 1.00 26.79  ? 147 HIS A ND1 1 
ATOM   955  C CD2 . HIS A 1 147 ? -8.540  -5.399  -12.759 1.00 25.59  ? 147 HIS A CD2 1 
ATOM   956  C CE1 . HIS A 1 147 ? -10.123 -4.242  -11.738 1.00 25.62  ? 147 HIS A CE1 1 
ATOM   957  N NE2 . HIS A 1 147 ? -9.511  -4.437  -12.912 1.00 25.16  ? 147 HIS A NE2 1 
ATOM   958  N N   . GLY A 1 148 ? -4.538  -6.848  -8.729  1.00 26.05  ? 148 GLY A N   1 
ATOM   959  C CA  . GLY A 1 148 ? -3.651  -7.692  -7.904  1.00 24.51  ? 148 GLY A CA  1 
ATOM   960  C C   . GLY A 1 148 ? -2.650  -8.470  -8.727  1.00 23.09  ? 148 GLY A C   1 
ATOM   961  O O   . GLY A 1 148 ? -1.794  -9.128  -8.140  1.00 25.05  ? 148 GLY A O   1 
ATOM   962  N N   . VAL A 1 149 ? -2.743  -8.393  -10.048 1.00 24.40  ? 149 VAL A N   1 
ATOM   963  C CA  . VAL A 1 149 ? -1.955  -9.235  -10.992 1.00 24.38  ? 149 VAL A CA  1 
ATOM   964  C C   . VAL A 1 149 ? -0.804  -8.420  -11.565 1.00 23.83  ? 149 VAL A C   1 
ATOM   965  O O   . VAL A 1 149 ? -1.024  -7.414  -12.237 1.00 22.10  ? 149 VAL A O   1 
ATOM   966  C CB  . VAL A 1 149 ? -2.830  -9.773  -12.135 1.00 25.64  ? 149 VAL A CB  1 
ATOM   967  C CG1 . VAL A 1 149 ? -2.017  -10.680 -13.033 1.00 27.28  ? 149 VAL A CG1 1 
ATOM   968  C CG2 . VAL A 1 149 ? -4.079  -10.484 -11.638 1.00 24.83  ? 149 VAL A CG2 1 
ATOM   969  N N   . PRO A 1 150 ? 0.455   -8.886  -11.415 1.00 24.66  ? 150 PRO A N   1 
ATOM   970  C CA  . PRO A 1 150 ? 1.605   -8.142  -11.918 1.00 24.78  ? 150 PRO A CA  1 
ATOM   971  C C   . PRO A 1 150 ? 1.579   -8.078  -13.445 1.00 23.27  ? 150 PRO A C   1 
ATOM   972  O O   . PRO A 1 150 ? 1.505   -9.081  -14.072 1.00 23.48  ? 150 PRO A O   1 
ATOM   973  C CB  . PRO A 1 150 ? 2.820   -8.946  -11.427 1.00 24.89  ? 150 PRO A CB  1 
ATOM   974  C CG  . PRO A 1 150 ? 2.285   -10.357 -11.291 1.00 24.35  ? 150 PRO A CG  1 
ATOM   975  C CD  . PRO A 1 150 ? 0.846   -10.187 -10.843 1.00 24.80  ? 150 PRO A CD  1 
ATOM   976  N N   . GLN A 1 151 ? 1.642   -6.871  -13.987 1.00 24.79  ? 151 GLN A N   1 
ATOM   977  C CA  . GLN A 1 151 ? 1.824   -6.620  -15.429 1.00 25.09  ? 151 GLN A CA  1 
ATOM   978  C C   . GLN A 1 151 ? 3.133   -7.254  -15.909 1.00 26.55  ? 151 GLN A C   1 
ATOM   979  O O   . GLN A 1 151 ? 3.155   -7.747  -17.040 1.00 26.54  ? 151 GLN A O   1 
ATOM   980  C CB  . GLN A 1 151 ? 1.864   -5.125  -15.693 1.00 27.11  ? 151 GLN A CB  1 
ATOM   981  C CG  . GLN A 1 151 ? 0.657   -4.615  -16.443 1.00 29.30  ? 151 GLN A CG  1 
ATOM   982  C CD  . GLN A 1 151 ? 0.863   -3.185  -16.870 1.00 31.00  ? 151 GLN A CD  1 
ATOM   983  O OE1 . GLN A 1 151 ? -0.091  -2.494  -17.215 1.00 36.75  ? 151 GLN A OE1 1 
ATOM   984  N NE2 . GLN A 1 151 ? 2.108   -2.733  -16.859 1.00 29.33  ? 151 GLN A NE2 1 
ATOM   985  N N   . ALA A 1 152 ? 4.195   -7.186  -15.106 1.00 27.78  ? 152 ALA A N   1 
ATOM   986  C CA  . ALA A 1 152 ? 5.540   -7.695  -15.453 1.00 28.23  ? 152 ALA A CA  1 
ATOM   987  C C   . ALA A 1 152 ? 6.320   -7.965  -14.174 1.00 28.67  ? 152 ALA A C   1 
ATOM   988  O O   . ALA A 1 152 ? 6.032   -7.372  -13.134 1.00 31.71  ? 152 ALA A O   1 
ATOM   989  C CB  . ALA A 1 152 ? 6.257   -6.695  -16.326 1.00 28.89  ? 152 ALA A CB  1 
ATOM   990  N N   . PRO A 1 153 ? 7.313   -8.880  -14.186 1.00 28.36  ? 153 PRO A N   1 
ATOM   991  C CA  . PRO A 1 153 ? 8.152   -9.076  -13.008 1.00 27.72  ? 153 PRO A CA  1 
ATOM   992  C C   . PRO A 1 153 ? 8.755   -7.721  -12.603 1.00 27.82  ? 153 PRO A C   1 
ATOM   993  O O   . PRO A 1 153 ? 8.901   -6.847  -13.451 1.00 27.29  ? 153 PRO A O   1 
ATOM   994  C CB  . PRO A 1 153 ? 9.214   -10.106 -13.422 1.00 27.44  ? 153 PRO A CB  1 
ATOM   995  C CG  . PRO A 1 153 ? 9.068   -10.248 -14.935 1.00 28.53  ? 153 PRO A CG  1 
ATOM   996  C CD  . PRO A 1 153 ? 7.669   -9.778  -15.292 1.00 27.78  ? 153 PRO A CD  1 
ATOM   997  N N   . LEU A 1 154 ? 9.030   -7.548  -11.309 1.00 26.53  ? 154 LEU A N   1 
ATOM   998  C CA  . LEU A 1 154 ? 9.764   -6.369  -10.790 1.00 26.60  ? 154 LEU A CA  1 
ATOM   999  C C   . LEU A 1 154 ? 11.000  -6.139  -11.677 1.00 26.85  ? 154 LEU A C   1 
ATOM   1000 O O   . LEU A 1 154 ? 11.700  -7.148  -11.976 1.00 24.71  ? 154 LEU A O   1 
ATOM   1001 C CB  . LEU A 1 154 ? 10.159  -6.678  -9.345  1.00 26.21  ? 154 LEU A CB  1 
ATOM   1002 C CG  . LEU A 1 154 ? 10.910  -5.569  -8.618  1.00 25.87  ? 154 LEU A CG  1 
ATOM   1003 C CD1 . LEU A 1 154 ? 9.943   -4.479  -8.156  1.00 24.98  ? 154 LEU A CD1 1 
ATOM   1004 C CD2 . LEU A 1 154 ? 11.688  -6.152  -7.446  1.00 27.37  ? 154 LEU A CD2 1 
ATOM   1005 N N   . ALA A 1 155 ? 11.272  -4.889  -12.063 1.00 24.66  ? 155 ALA A N   1 
ATOM   1006 C CA  . ALA A 1 155 ? 12.383  -4.527  -12.976 1.00 26.39  ? 155 ALA A CA  1 
ATOM   1007 C C   . ALA A 1 155 ? 13.078  -3.249  -12.510 1.00 28.63  ? 155 ALA A C   1 
ATOM   1008 O O   . ALA A 1 155 ? 12.398  -2.318  -12.003 1.00 26.57  ? 155 ALA A O   1 
ATOM   1009 C CB  . ALA A 1 155 ? 11.891  -4.351  -14.390 1.00 27.95  ? 155 ALA A CB  1 
ATOM   1010 N N   . VAL A 1 156 ? 14.396  -3.213  -12.716 1.00 28.90  ? 156 VAL A N   1 
ATOM   1011 C CA  . VAL A 1 156 ? 15.266  -2.036  -12.469 1.00 27.98  ? 156 VAL A CA  1 
ATOM   1012 C C   . VAL A 1 156 ? 14.941  -0.997  -13.537 1.00 26.92  ? 156 VAL A C   1 
ATOM   1013 O O   . VAL A 1 156 ? 14.916  -1.381  -14.708 1.00 26.08  ? 156 VAL A O   1 
ATOM   1014 C CB  . VAL A 1 156 ? 16.751  -2.444  -12.473 1.00 29.79  ? 156 VAL A CB  1 
ATOM   1015 C CG1 . VAL A 1 156 ? 17.659  -1.219  -12.399 1.00 29.96  ? 156 VAL A CG1 1 
ATOM   1016 C CG2 . VAL A 1 156 ? 17.040  -3.411  -11.324 1.00 31.41  ? 156 VAL A CG2 1 
ATOM   1017 N N   . THR A 1 157 ? 14.662  0.249   -13.138 1.00 25.59  ? 157 THR A N   1 
ATOM   1018 C CA  . THR A 1 157 ? 14.329  1.365   -14.064 1.00 27.74  ? 157 THR A CA  1 
ATOM   1019 C C   . THR A 1 157 ? 15.369  2.495   -14.003 1.00 30.01  ? 157 THR A C   1 
ATOM   1020 O O   . THR A 1 157 ? 15.176  3.488   -14.748 1.00 31.63  ? 157 THR A O   1 
ATOM   1021 C CB  . THR A 1 157 ? 12.944  1.933   -13.743 1.00 25.67  ? 157 THR A CB  1 
ATOM   1022 O OG1 . THR A 1 157 ? 13.039  2.502   -12.442 1.00 24.68  ? 157 THR A OG1 1 
ATOM   1023 C CG2 . THR A 1 157 ? 11.863  0.879   -13.811 1.00 25.28  ? 157 THR A CG2 1 
ATOM   1024 N N   . GLY A 1 158 ? 16.394  2.383   -13.143 1.00 29.79  ? 158 GLY A N   1 
ATOM   1025 C CA  . GLY A 1 158 ? 17.380  3.457   -12.900 1.00 33.40  ? 158 GLY A CA  1 
ATOM   1026 C C   . GLY A 1 158 ? 18.183  3.219   -11.627 1.00 36.27  ? 158 GLY A C   1 
ATOM   1027 O O   . GLY A 1 158 ? 17.992  2.151   -10.989 1.00 38.00  ? 158 GLY A O   1 
ATOM   1028 N N   . GLU A 1 159 ? 19.049  4.169   -11.254 1.00 38.73  ? 159 GLU A N   1 
ATOM   1029 C CA  . GLU A 1 159 ? 19.897  4.089   -10.031 1.00 38.10  ? 159 GLU A CA  1 
ATOM   1030 C C   . GLU A 1 159 ? 19.507  5.222   -9.080  1.00 35.12  ? 159 GLU A C   1 
ATOM   1031 O O   . GLU A 1 159 ? 18.829  6.179   -9.502  1.00 31.92  ? 159 GLU A O   1 
ATOM   1032 C CB  . GLU A 1 159 ? 21.392  4.130   -10.371 1.00 43.87  ? 159 GLU A CB  1 
ATOM   1033 C CG  . GLU A 1 159 ? 21.821  3.039   -11.346 1.00 47.40  ? 159 GLU A CG  1 
ATOM   1034 C CD  . GLU A 1 159 ? 23.305  2.689   -11.401 1.00 51.88  ? 159 GLU A CD  1 
ATOM   1035 O OE1 . GLU A 1 159 ? 23.976  2.735   -10.339 1.00 43.15  ? 159 GLU A OE1 1 
ATOM   1036 O OE2 . GLU A 1 159 ? 23.787  2.346   -12.522 1.00 58.68  ? 159 GLU A OE2 1 
ATOM   1037 N N   . THR A 1 160 ? 19.919  5.081   -7.824  1.00 36.20  ? 160 THR A N   1 
ATOM   1038 C CA  . THR A 1 160 ? 19.557  5.973   -6.700  1.00 36.48  ? 160 THR A CA  1 
ATOM   1039 C C   . THR A 1 160 ? 20.559  5.797   -5.563  1.00 36.12  ? 160 THR A C   1 
ATOM   1040 O O   . THR A 1 160 ? 21.130  4.705   -5.436  1.00 32.64  ? 160 THR A O   1 
ATOM   1041 C CB  . THR A 1 160 ? 18.163  5.643   -6.161  1.00 36.45  ? 160 THR A CB  1 
ATOM   1042 O OG1 . THR A 1 160 ? 17.906  6.515   -5.066  1.00 36.31  ? 160 THR A OG1 1 
ATOM   1043 C CG2 . THR A 1 160 ? 18.040  4.210   -5.695  1.00 35.64  ? 160 THR A CG2 1 
ATOM   1044 N N   . GLU A 1 161 ? 20.719  6.833   -4.753  1.00 39.06  ? 161 GLU A N   1 
ATOM   1045 C CA  . GLU A 1 161 ? 21.456  6.755   -3.470  1.00 46.21  ? 161 GLU A CA  1 
ATOM   1046 C C   . GLU A 1 161 ? 20.454  6.498   -2.337  1.00 44.49  ? 161 GLU A C   1 
ATOM   1047 O O   . GLU A 1 161 ? 20.903  6.206   -1.223  1.00 42.50  ? 161 GLU A O   1 
ATOM   1048 C CB  . GLU A 1 161 ? 22.245  8.051   -3.244  1.00 52.59  ? 161 GLU A CB  1 
ATOM   1049 C CG  . GLU A 1 161 ? 23.656  8.015   -3.821  1.00 56.70  ? 161 GLU A CG  1 
ATOM   1050 C CD  . GLU A 1 161 ? 24.523  9.199   -3.422  1.00 59.86  ? 161 GLU A CD  1 
ATOM   1051 O OE1 . GLU A 1 161 ? 25.336  9.037   -2.482  1.00 56.19  ? 161 GLU A OE1 1 
ATOM   1052 O OE2 . GLU A 1 161 ? 24.381  10.283  -4.050  1.00 60.24  ? 161 GLU A OE2 1 
ATOM   1053 N N   . LYS A 1 162 ? 19.150  6.627   -2.604  1.00 46.37  ? 162 LYS A N   1 
ATOM   1054 C CA  . LYS A 1 162 ? 18.094  6.621   -1.557  1.00 46.30  ? 162 LYS A CA  1 
ATOM   1055 C C   . LYS A 1 162 ? 17.602  5.191   -1.344  1.00 38.65  ? 162 LYS A C   1 
ATOM   1056 O O   . LYS A 1 162 ? 17.912  4.314   -2.172  1.00 37.72  ? 162 LYS A O   1 
ATOM   1057 C CB  . LYS A 1 162 ? 16.909  7.520   -1.929  1.00 51.38  ? 162 LYS A CB  1 
ATOM   1058 C CG  . LYS A 1 162 ? 17.237  8.982   -2.205  1.00 55.70  ? 162 LYS A CG  1 
ATOM   1059 C CD  . LYS A 1 162 ? 16.017  9.782   -2.629  1.00 59.15  ? 162 LYS A CD  1 
ATOM   1060 C CE  . LYS A 1 162 ? 16.330  11.231  -2.944  1.00 64.07  ? 162 LYS A CE  1 
ATOM   1061 N NZ  . LYS A 1 162 ? 16.796  11.976  -1.746  1.00 60.78  ? 162 LYS A NZ  1 
ATOM   1062 N N   . THR A 1 163 ? 16.883  4.978   -0.245  1.00 35.11  ? 163 THR A N   1 
ATOM   1063 C CA  . THR A 1 163 ? 16.149  3.725   0.034   1.00 33.79  ? 163 THR A CA  1 
ATOM   1064 C C   . THR A 1 163 ? 14.708  4.038   0.455   1.00 31.93  ? 163 THR A C   1 
ATOM   1065 O O   . THR A 1 163 ? 14.424  5.165   0.910   1.00 31.44  ? 163 THR A O   1 
ATOM   1066 C CB  . THR A 1 163 ? 16.911  2.877   1.055   1.00 36.73  ? 163 THR A CB  1 
ATOM   1067 O OG1 . THR A 1 163 ? 17.002  3.629   2.265   1.00 37.67  ? 163 THR A OG1 1 
ATOM   1068 C CG2 . THR A 1 163 ? 18.284  2.479   0.561   1.00 36.02  ? 163 THR A CG2 1 
ATOM   1069 N N   . GLY A 1 164 ? 13.822  3.057   0.285   1.00 31.48  ? 164 GLY A N   1 
ATOM   1070 C CA  . GLY A 1 164 ? 12.413  3.133   0.705   1.00 29.48  ? 164 GLY A CA  1 
ATOM   1071 C C   . GLY A 1 164 ? 11.464  2.391   -0.226  1.00 27.33  ? 164 GLY A C   1 
ATOM   1072 O O   . GLY A 1 164 ? 11.912  1.804   -1.232  1.00 23.32  ? 164 GLY A O   1 
ATOM   1073 N N   . THR A 1 165 ? 10.180  2.428   0.127   1.00 25.33  ? 165 THR A N   1 
ATOM   1074 C CA  . THR A 1 165 ? 9.066   1.774   -0.595  1.00 22.95  ? 165 THR A CA  1 
ATOM   1075 C C   . THR A 1 165 ? 7.968   2.807   -0.816  1.00 21.50  ? 165 THR A C   1 
ATOM   1076 O O   . THR A 1 165 ? 7.644   3.518   0.141   1.00 23.27  ? 165 THR A O   1 
ATOM   1077 C CB  . THR A 1 165 ? 8.587   0.567   0.204   1.00 22.69  ? 165 THR A CB  1 
ATOM   1078 O OG1 . THR A 1 165 ? 9.727   -0.265  0.359   1.00 23.61  ? 165 THR A OG1 1 
ATOM   1079 C CG2 . THR A 1 165 ? 7.464   -0.197  -0.452  1.00 21.93  ? 165 THR A CG2 1 
ATOM   1080 N N   . MET A 1 166 ? 7.491   2.918   -2.053  1.00 21.66  ? 166 MET A N   1 
ATOM   1081 C CA  . MET A 1 166 ? 6.367   3.790   -2.479  1.00 21.98  ? 166 MET A CA  1 
ATOM   1082 C C   . MET A 1 166 ? 5.300   2.871   -3.074  1.00 20.69  ? 166 MET A C   1 
ATOM   1083 O O   . MET A 1 166 ? 5.651   2.132   -3.977  1.00 19.66  ? 166 MET A O   1 
ATOM   1084 C CB  . MET A 1 166 ? 6.812   4.795   -3.548  1.00 24.07  ? 166 MET A CB  1 
ATOM   1085 C CG  . MET A 1 166 ? 5.845   5.968   -3.737  1.00 26.42  ? 166 MET A CG  1 
ATOM   1086 S SD  . MET A 1 166 ? 4.280   5.447   -4.461  1.00 27.64  ? 166 MET A SD  1 
ATOM   1087 C CE  . MET A 1 166 ? 4.864   4.916   -6.072  1.00 27.80  ? 166 MET A CE  1 
ATOM   1088 N N   . VAL A 1 167 ? 4.068   2.908   -2.557  1.00 20.22  ? 167 VAL A N   1 
ATOM   1089 C CA  . VAL A 1 167 ? 2.886   2.177   -3.101  1.00 18.96  ? 167 VAL A CA  1 
ATOM   1090 C C   . VAL A 1 167 ? 1.804   3.208   -3.391  1.00 19.43  ? 167 VAL A C   1 
ATOM   1091 O O   . VAL A 1 167 ? 1.418   3.940   -2.468  1.00 18.62  ? 167 VAL A O   1 
ATOM   1092 C CB  . VAL A 1 167 ? 2.376   1.102   -2.126  1.00 18.27  ? 167 VAL A CB  1 
ATOM   1093 C CG1 . VAL A 1 167 ? 1.081   0.474   -2.596  1.00 17.93  ? 167 VAL A CG1 1 
ATOM   1094 C CG2 . VAL A 1 167 ? 3.432   0.046   -1.880  1.00 18.86  ? 167 VAL A CG2 1 
ATOM   1095 N N   . ARG A 1 168 ? 1.355   3.265   -4.641  1.00 20.39  ? 168 ARG A N   1 
ATOM   1096 C CA  . ARG A 1 168 ? 0.222   4.126   -5.078  1.00 19.17  ? 168 ARG A CA  1 
ATOM   1097 C C   . ARG A 1 168 ? -0.875  3.183   -5.562  1.00 19.18  ? 168 ARG A C   1 
ATOM   1098 O O   . ARG A 1 168 ? -0.537  2.225   -6.298  1.00 19.18  ? 168 ARG A O   1 
ATOM   1099 C CB  . ARG A 1 168 ? 0.691   5.094   -6.159  1.00 18.10  ? 168 ARG A CB  1 
ATOM   1100 C CG  . ARG A 1 168 ? -0.338  6.135   -6.553  1.00 18.33  ? 168 ARG A CG  1 
ATOM   1101 C CD  . ARG A 1 168 ? 0.246   7.179   -7.474  1.00 18.94  ? 168 ARG A CD  1 
ATOM   1102 N NE  . ARG A 1 168 ? -0.809  8.009   -8.037  1.00 20.96  ? 168 ARG A NE  1 
ATOM   1103 C CZ  . ARG A 1 168 ? -0.619  8.981   -8.930  1.00 23.06  ? 168 ARG A CZ  1 
ATOM   1104 N NH1 . ARG A 1 168 ? -1.655  9.657   -9.405  1.00 22.71  ? 168 ARG A NH1 1 
ATOM   1105 N NH2 . ARG A 1 168 ? 0.604   9.302   -9.326  1.00 23.34  ? 168 ARG A NH2 1 
ATOM   1106 N N   . PHE A 1 169 ? -2.119  3.386   -5.123  1.00 18.53  ? 169 PHE A N   1 
ATOM   1107 C CA  . PHE A 1 169 ? -3.230  2.490   -5.518  1.00 18.97  ? 169 PHE A CA  1 
ATOM   1108 C C   . PHE A 1 169 ? -4.430  3.341   -5.952  1.00 19.86  ? 169 PHE A C   1 
ATOM   1109 O O   . PHE A 1 169 ? -4.734  4.365   -5.304  1.00 19.15  ? 169 PHE A O   1 
ATOM   1110 C CB  . PHE A 1 169 ? -3.474  1.448   -4.417  1.00 18.25  ? 169 PHE A CB  1 
ATOM   1111 C CG  . PHE A 1 169 ? -4.145  1.978   -3.174  1.00 18.68  ? 169 PHE A CG  1 
ATOM   1112 C CD1 . PHE A 1 169 ? -5.530  2.052   -3.084  1.00 18.61  ? 169 PHE A CD1 1 
ATOM   1113 C CD2 . PHE A 1 169 ? -3.394  2.431   -2.103  1.00 19.25  ? 169 PHE A CD2 1 
ATOM   1114 C CE1 . PHE A 1 169 ? -6.148  2.565   -1.955  1.00 18.57  ? 169 PHE A CE1 1 
ATOM   1115 C CE2 . PHE A 1 169 ? -4.018  2.940   -0.970  1.00 20.02  ? 169 PHE A CE2 1 
ATOM   1116 C CZ  . PHE A 1 169 ? -5.391  3.003   -0.895  1.00 18.38  ? 169 PHE A CZ  1 
ATOM   1117 N N   . TRP A 1 170 ? -5.059  2.907   -7.048  1.00 21.09  ? 170 TRP A N   1 
ATOM   1118 C CA  . TRP A 1 170 ? -6.348  3.373   -7.614  1.00 22.59  ? 170 TRP A CA  1 
ATOM   1119 C C   . TRP A 1 170 ? -7.409  2.345   -7.235  1.00 23.90  ? 170 TRP A C   1 
ATOM   1120 O O   . TRP A 1 170 ? -7.415  1.235   -7.762  1.00 23.39  ? 170 TRP A O   1 
ATOM   1121 C CB  . TRP A 1 170 ? -6.260  3.510   -9.133  1.00 23.70  ? 170 TRP A CB  1 
ATOM   1122 C CG  . TRP A 1 170 ? -5.255  4.514   -9.597  1.00 24.64  ? 170 TRP A CG  1 
ATOM   1123 C CD1 . TRP A 1 170 ? -5.522  5.748   -10.116 1.00 25.06  ? 170 TRP A CD1 1 
ATOM   1124 C CD2 . TRP A 1 170 ? -3.824  4.373   -9.597  1.00 26.09  ? 170 TRP A CD2 1 
ATOM   1125 N NE1 . TRP A 1 170 ? -4.356  6.399   -10.405 1.00 26.17  ? 170 TRP A NE1 1 
ATOM   1126 C CE2 . TRP A 1 170 ? -3.299  5.583   -10.107 1.00 26.49  ? 170 TRP A CE2 1 
ATOM   1127 C CE3 . TRP A 1 170 ? -2.930  3.363   -9.203  1.00 25.94  ? 170 TRP A CE3 1 
ATOM   1128 C CZ2 . TRP A 1 170 ? -1.929  5.790   -10.264 1.00 25.70  ? 170 TRP A CZ2 1 
ATOM   1129 C CZ3 . TRP A 1 170 ? -1.577  3.587   -9.321  1.00 24.87  ? 170 TRP A CZ3 1 
ATOM   1130 C CH2 . TRP A 1 170 ? -1.086  4.776   -9.860  1.00 25.52  ? 170 TRP A CH2 1 
ATOM   1131 N N   . PRO A 1 171 ? -8.300  2.653   -6.267  1.00 25.35  ? 171 PRO A N   1 
ATOM   1132 C CA  . PRO A 1 171 ? -9.333  1.708   -5.851  1.00 26.05  ? 171 PRO A CA  1 
ATOM   1133 C C   . PRO A 1 171 ? -10.271 1.299   -6.998  1.00 25.98  ? 171 PRO A C   1 
ATOM   1134 O O   . PRO A 1 171 ? -10.708 2.160   -7.736  1.00 24.10  ? 171 PRO A O   1 
ATOM   1135 C CB  . PRO A 1 171 ? -10.086 2.484   -4.753  1.00 27.96  ? 171 PRO A CB  1 
ATOM   1136 C CG  . PRO A 1 171 ? -9.781  3.933   -5.033  1.00 28.41  ? 171 PRO A CG  1 
ATOM   1137 C CD  . PRO A 1 171 ? -8.350  3.920   -5.519  1.00 25.91  ? 171 PRO A CD  1 
ATOM   1138 N N   . SER A 1 172 ? -10.559 0.001   -7.112  1.00 27.09  ? 172 SER A N   1 
ATOM   1139 C CA  . SER A 1 172 ? -11.536 -0.553  -8.088  1.00 28.69  ? 172 SER A CA  1 
ATOM   1140 C C   . SER A 1 172 ? -12.949 -0.017  -7.805  1.00 29.40  ? 172 SER A C   1 
ATOM   1141 O O   . SER A 1 172 ? -13.482 -0.330  -6.721  1.00 28.56  ? 172 SER A O   1 
ATOM   1142 C CB  . SER A 1 172 ? -11.540 -2.039  -8.058  1.00 28.26  ? 172 SER A CB  1 
ATOM   1143 O OG  . SER A 1 172 ? -12.493 -2.525  -8.976  1.00 29.81  ? 172 SER A OG  1 
ATOM   1144 N N   . LEU A 1 173 ? -13.522 0.732   -8.756  1.00 30.52  ? 173 LEU A N   1 
ATOM   1145 C CA  . LEU A 1 173 ? -14.933 1.206   -8.753  1.00 32.66  ? 173 LEU A CA  1 
ATOM   1146 C C   . LEU A 1 173 ? -15.873 0.057   -9.136  1.00 29.92  ? 173 LEU A C   1 
ATOM   1147 O O   . LEU A 1 173 ? -17.103 0.278   -9.150  1.00 31.55  ? 173 LEU A O   1 
ATOM   1148 C CB  . LEU A 1 173 ? -15.086 2.404   -9.702  1.00 34.13  ? 173 LEU A CB  1 
ATOM   1149 C CG  . LEU A 1 173 ? -14.382 3.696   -9.265  1.00 39.22  ? 173 LEU A CG  1 
ATOM   1150 C CD1 . LEU A 1 173 ? -15.091 4.924   -9.823  1.00 39.84  ? 173 LEU A CD1 1 
ATOM   1151 C CD2 . LEU A 1 173 ? -14.265 3.809   -7.748  1.00 36.65  ? 173 LEU A CD2 1 
ATOM   1152 N N   . GLU A 1 174 ? -15.321 -1.120  -9.424  1.00 31.26  ? 174 GLU A N   1 
ATOM   1153 C CA  . GLU A 1 174 ? -16.060 -2.414  -9.436  1.00 34.86  ? 174 GLU A CA  1 
ATOM   1154 C C   . GLU A 1 174 ? -16.409 -2.756  -7.994  1.00 32.06  ? 174 GLU A C   1 
ATOM   1155 O O   . GLU A 1 174 ? -17.576 -3.023  -7.730  1.00 38.29  ? 174 GLU A O   1 
ATOM   1156 C CB  . GLU A 1 174 ? -15.248 -3.548  -10.082 1.00 36.67  ? 174 GLU A CB  1 
ATOM   1157 C CG  . GLU A 1 174 ? -15.516 -3.755  -11.575 1.00 41.16  ? 174 GLU A CG  1 
ATOM   1158 C CD  . GLU A 1 174 ? -16.541 -2.796  -12.162 1.00 44.92  ? 174 GLU A CD  1 
ATOM   1159 O OE1 . GLU A 1 174 ? -16.140 -1.694  -12.576 1.00 48.68  ? 174 GLU A OE1 1 
ATOM   1160 O OE2 . GLU A 1 174 ? -17.752 -3.135  -12.151 1.00 46.12  ? 174 GLU A OE2 1 
ATOM   1161 N N   . THR A 1 175 ? -15.420 -2.699  -7.105  1.00 28.65  ? 175 THR A N   1 
ATOM   1162 C CA  . THR A 1 175 ? -15.543 -3.049  -5.673  1.00 27.22  ? 175 THR A CA  1 
ATOM   1163 C C   . THR A 1 175 ? -16.244 -1.909  -4.918  1.00 25.12  ? 175 THR A C   1 
ATOM   1164 O O   . THR A 1 175 ? -17.192 -2.208  -4.209  1.00 24.47  ? 175 THR A O   1 
ATOM   1165 C CB  . THR A 1 175 ? -14.172 -3.392  -5.076  1.00 26.41  ? 175 THR A CB  1 
ATOM   1166 O OG1 . THR A 1 175 ? -13.583 -4.440  -5.844  1.00 29.07  ? 175 THR A OG1 1 
ATOM   1167 C CG2 . THR A 1 175 ? -14.263 -3.833  -3.637  1.00 24.93  ? 175 THR A CG2 1 
ATOM   1168 N N   . PHE A 1 176 ? -15.812 -0.655  -5.066  1.00 23.39  ? 176 PHE A N   1 
ATOM   1169 C CA  . PHE A 1 176 ? -16.269 0.467   -4.200  1.00 24.96  ? 176 PHE A CA  1 
ATOM   1170 C C   . PHE A 1 176 ? -17.315 1.335   -4.905  1.00 23.90  ? 176 PHE A C   1 
ATOM   1171 O O   . PHE A 1 176 ? -17.060 1.808   -6.013  1.00 25.01  ? 176 PHE A O   1 
ATOM   1172 C CB  . PHE A 1 176 ? -15.077 1.308   -3.728  1.00 22.64  ? 176 PHE A CB  1 
ATOM   1173 C CG  . PHE A 1 176 ? -14.106 0.506   -2.908  1.00 20.83  ? 176 PHE A CG  1 
ATOM   1174 C CD1 . PHE A 1 176 ? -14.323 0.312   -1.552  1.00 19.84  ? 176 PHE A CD1 1 
ATOM   1175 C CD2 . PHE A 1 176 ? -13.018 -0.112  -3.502  1.00 19.18  ? 176 PHE A CD2 1 
ATOM   1176 C CE1 . PHE A 1 176 ? -13.443 -0.448  -0.804  1.00 18.22  ? 176 PHE A CE1 1 
ATOM   1177 C CE2 . PHE A 1 176 ? -12.136 -0.867  -2.748  1.00 18.96  ? 176 PHE A CE2 1 
ATOM   1178 C CZ  . PHE A 1 176 ? -12.350 -1.023  -1.398  1.00 19.19  ? 176 PHE A CZ  1 
ATOM   1179 N N   . THR A 1 177 ? -18.455 1.549   -4.245  1.00 26.63  ? 177 THR A N   1 
ATOM   1180 C CA  . THR A 1 177 ? -19.573 2.399   -4.747  1.00 27.85  ? 177 THR A CA  1 
ATOM   1181 C C   . THR A 1 177 ? -19.924 3.433   -3.693  1.00 25.61  ? 177 THR A C   1 
ATOM   1182 O O   . THR A 1 177 ? -19.529 3.225   -2.542  1.00 29.05  ? 177 THR A O   1 
ATOM   1183 C CB  . THR A 1 177 ? -20.857 1.612   -5.059  1.00 29.37  ? 177 THR A CB  1 
ATOM   1184 O OG1 . THR A 1 177 ? -21.356 0.879   -3.934  1.00 29.54  ? 177 THR A OG1 1 
ATOM   1185 C CG2 . THR A 1 177 ? -20.667 0.655   -6.203  1.00 29.79  ? 177 THR A CG2 1 
ATOM   1186 N N   . ASN A 1 178 ? -20.686 4.448   -4.098  1.00 26.79  ? 178 ASN A N   1 
ATOM   1187 C CA  . ASN A 1 178 ? -21.311 5.485   -3.232  1.00 28.26  ? 178 ASN A CA  1 
ATOM   1188 C C   . ASN A 1 178 ? -20.195 6.415   -2.773  1.00 29.17  ? 178 ASN A C   1 
ATOM   1189 O O   . ASN A 1 178 ? -19.964 7.416   -3.461  1.00 31.76  ? 178 ASN A O   1 
ATOM   1190 C CB  . ASN A 1 178 ? -22.141 4.887   -2.086  1.00 27.81  ? 178 ASN A CB  1 
ATOM   1191 C CG  . ASN A 1 178 ? -22.768 5.939   -1.189  1.00 27.76  ? 178 ASN A CG  1 
ATOM   1192 O OD1 . ASN A 1 178 ? -23.254 6.956   -1.667  1.00 30.95  ? 178 ASN A OD1 1 
ATOM   1193 N ND2 . ASN A 1 178 ? -22.742 5.727   0.112   1.00 26.53  ? 178 ASN A ND2 1 
ATOM   1194 N N   . VAL A 1 179 ? -19.511 6.086   -1.683  1.00 29.98  ? 179 VAL A N   1 
ATOM   1195 C CA  . VAL A 1 179 ? -18.328 6.862   -1.215  1.00 32.44  ? 179 VAL A CA  1 
ATOM   1196 C C   . VAL A 1 179 ? -17.095 6.318   -1.943  1.00 31.75  ? 179 VAL A C   1 
ATOM   1197 O O   . VAL A 1 179 ? -16.593 5.270   -1.513  1.00 33.86  ? 179 VAL A O   1 
ATOM   1198 C CB  . VAL A 1 179 ? -18.200 6.784   0.317   1.00 35.77  ? 179 VAL A CB  1 
ATOM   1199 C CG1 . VAL A 1 179 ? -16.997 7.563   0.818   1.00 34.81  ? 179 VAL A CG1 1 
ATOM   1200 C CG2 . VAL A 1 179 ? -19.482 7.265   1.002   1.00 36.76  ? 179 VAL A CG2 1 
ATOM   1201 N N   . THR A 1 180 ? -16.669 6.999   -3.015  1.00 31.97  ? 180 THR A N   1 
ATOM   1202 C CA  . THR A 1 180 ? -15.522 6.644   -3.896  1.00 31.92  ? 180 THR A CA  1 
ATOM   1203 C C   . THR A 1 180 ? -14.380 7.670   -3.822  1.00 31.40  ? 180 THR A C   1 
ATOM   1204 O O   . THR A 1 180 ? -13.306 7.389   -4.402  1.00 29.29  ? 180 THR A O   1 
ATOM   1205 C CB  . THR A 1 180 ? -15.980 6.545   -5.352  1.00 31.67  ? 180 THR A CB  1 
ATOM   1206 O OG1 . THR A 1 180 ? -16.769 7.717   -5.568  1.00 30.77  ? 180 THR A OG1 1 
ATOM   1207 C CG2 . THR A 1 180 ? -16.745 5.269   -5.631  1.00 32.24  ? 180 THR A CG2 1 
ATOM   1208 N N   . GLU A 1 181 ? -14.599 8.815   -3.174  1.00 30.69  ? 181 GLU A N   1 
ATOM   1209 C CA  . GLU A 1 181 ? -13.597 9.895   -3.043  1.00 32.49  ? 181 GLU A CA  1 
ATOM   1210 C C   . GLU A 1 181 ? -13.057 9.884   -1.610  1.00 31.76  ? 181 GLU A C   1 
ATOM   1211 O O   . GLU A 1 181 ? -13.871 9.998   -0.684  1.00 34.46  ? 181 GLU A O   1 
ATOM   1212 C CB  . GLU A 1 181 ? -14.231 11.239  -3.399  1.00 36.03  ? 181 GLU A CB  1 
ATOM   1213 C CG  . GLU A 1 181 ? -15.007 11.202  -4.700  1.00 40.91  ? 181 GLU A CG  1 
ATOM   1214 C CD  . GLU A 1 181 ? -14.813 12.412  -5.592  1.00 46.17  ? 181 GLU A CD  1 
ATOM   1215 O OE1 . GLU A 1 181 ? -14.944 12.253  -6.819  1.00 49.88  ? 181 GLU A OE1 1 
ATOM   1216 O OE2 . GLU A 1 181 ? -14.551 13.513  -5.059  1.00 51.12  ? 181 GLU A OE2 1 
ATOM   1217 N N   . PHE A 1 182 ? -11.736 9.747   -1.452  1.00 28.39  ? 182 PHE A N   1 
ATOM   1218 C CA  . PHE A 1 182 ? -11.015 9.860   -0.161  1.00 26.12  ? 182 PHE A CA  1 
ATOM   1219 C C   . PHE A 1 182 ? -11.292 11.223  0.474   1.00 26.69  ? 182 PHE A C   1 
ATOM   1220 O O   . PHE A 1 182 ? -11.271 12.237  -0.247  1.00 25.28  ? 182 PHE A O   1 
ATOM   1221 C CB  . PHE A 1 182 ? -9.519  9.643   -0.351  1.00 23.98  ? 182 PHE A CB  1 
ATOM   1222 C CG  . PHE A 1 182 ? -9.192  8.242   -0.773  1.00 23.19  ? 182 PHE A CG  1 
ATOM   1223 C CD1 . PHE A 1 182 ? -9.277  7.198   0.134   1.00 22.48  ? 182 PHE A CD1 1 
ATOM   1224 C CD2 . PHE A 1 182 ? -8.853  7.964   -2.080  1.00 22.95  ? 182 PHE A CD2 1 
ATOM   1225 C CE1 . PHE A 1 182 ? -9.008  5.900   -0.263  1.00 21.57  ? 182 PHE A CE1 1 
ATOM   1226 C CE2 . PHE A 1 182 ? -8.593  6.665   -2.477  1.00 23.20  ? 182 PHE A CE2 1 
ATOM   1227 C CZ  . PHE A 1 182 ? -8.663  5.638   -1.567  1.00 22.83  ? 182 PHE A CZ  1 
ATOM   1228 N N   . GLU A 1 183 ? -11.586 11.210  1.781   1.00 27.18  ? 183 GLU A N   1 
ATOM   1229 C CA  . GLU A 1 183 ? -11.843 12.404  2.620   1.00 28.38  ? 183 GLU A CA  1 
ATOM   1230 C C   . GLU A 1 183 ? -10.615 12.648  3.514   1.00 29.85  ? 183 GLU A C   1 
ATOM   1231 O O   . GLU A 1 183 ? -10.222 11.745  4.314   1.00 27.29  ? 183 GLU A O   1 
ATOM   1232 C CB  . GLU A 1 183 ? -13.117 12.213  3.436   1.00 31.81  ? 183 GLU A CB  1 
ATOM   1233 C CG  . GLU A 1 183 ? -14.362 12.022  2.586   1.00 36.88  ? 183 GLU A CG  1 
ATOM   1234 C CD  . GLU A 1 183 ? -15.615 11.662  3.373   1.00 39.72  ? 183 GLU A CD  1 
ATOM   1235 O OE1 . GLU A 1 183 ? -16.482 10.934  2.819   1.00 41.34  ? 183 GLU A OE1 1 
ATOM   1236 O OE2 . GLU A 1 183 ? -15.730 12.116  4.533   1.00 42.28  ? 183 GLU A OE2 1 
ATOM   1237 N N   . TYR A 1 184 ? -10.036 13.836  3.371   1.00 28.42  ? 184 TYR A N   1 
ATOM   1238 C CA  . TYR A 1 184 ? -8.843  14.322  4.099   1.00 28.07  ? 184 TYR A CA  1 
ATOM   1239 C C   . TYR A 1 184 ? -9.001  14.072  5.606   1.00 28.80  ? 184 TYR A C   1 
ATOM   1240 O O   . TYR A 1 184 ? -8.071  13.502  6.199   1.00 27.98  ? 184 TYR A O   1 
ATOM   1241 C CB  . TYR A 1 184 ? -8.613  15.807  3.806   1.00 27.70  ? 184 TYR A CB  1 
ATOM   1242 C CG  . TYR A 1 184 ? -7.301  16.298  4.363   1.00 28.05  ? 184 TYR A CG  1 
ATOM   1243 C CD1 . TYR A 1 184 ? -7.197  16.724  5.676   1.00 26.99  ? 184 TYR A CD1 1 
ATOM   1244 C CD2 . TYR A 1 184 ? -6.152  16.269  3.594   1.00 25.58  ? 184 TYR A CD2 1 
ATOM   1245 C CE1 . TYR A 1 184 ? -5.985  17.131  6.208   1.00 26.30  ? 184 TYR A CE1 1 
ATOM   1246 C CE2 . TYR A 1 184 ? -4.937  16.690  4.102   1.00 25.44  ? 184 TYR A CE2 1 
ATOM   1247 C CZ  . TYR A 1 184 ? -4.847  17.090  5.422   1.00 25.73  ? 184 TYR A CZ  1 
ATOM   1248 O OH  . TYR A 1 184 ? -3.652  17.491  5.934   1.00 25.67  ? 184 TYR A OH  1 
ATOM   1249 N N   . GLU A 1 185 ? -10.129 14.490  6.195   1.00 29.30  ? 185 GLU A N   1 
ATOM   1250 C CA  . GLU A 1 185 ? -10.389 14.459  7.659   1.00 30.61  ? 185 GLU A CA  1 
ATOM   1251 C C   . GLU A 1 185 ? -10.328 13.013  8.170   1.00 27.62  ? 185 GLU A C   1 
ATOM   1252 O O   . GLU A 1 185 ? -9.781  12.803  9.248   1.00 25.96  ? 185 GLU A O   1 
ATOM   1253 C CB  . GLU A 1 185 ? -11.728 15.119  8.006   1.00 37.25  ? 185 GLU A CB  1 
ATOM   1254 C CG  . GLU A 1 185 ? -11.635 16.629  8.189   1.00 46.69  ? 185 GLU A CG  1 
ATOM   1255 C CD  . GLU A 1 185 ? -12.902 17.343  8.661   1.00 54.74  ? 185 GLU A CD  1 
ATOM   1256 O OE1 . GLU A 1 185 ? -13.948 16.660  8.826   1.00 56.19  ? 185 GLU A OE1 1 
ATOM   1257 O OE2 . GLU A 1 185 ? -12.848 18.595  8.869   1.00 58.34  ? 185 GLU A OE2 1 
ATOM   1258 N N   . ILE A 1 186 ? -10.870 12.051  7.431   1.00 24.84  ? 186 ILE A N   1 
ATOM   1259 C CA  . ILE A 1 186 ? -10.884 10.619  7.845   1.00 24.11  ? 186 ILE A CA  1 
ATOM   1260 C C   . ILE A 1 186 ? -9.442  10.086  7.854   1.00 23.37  ? 186 ILE A C   1 
ATOM   1261 O O   . ILE A 1 186 ? -9.064  9.454   8.844   1.00 23.77  ? 186 ILE A O   1 
ATOM   1262 C CB  . ILE A 1 186 ? -11.840 9.791   6.962   1.00 26.09  ? 186 ILE A CB  1 
ATOM   1263 C CG1 . ILE A 1 186 ? -13.296 10.232  7.164   1.00 25.66  ? 186 ILE A CG1 1 
ATOM   1264 C CG2 . ILE A 1 186 ? -11.645 8.293   7.202   1.00 26.93  ? 186 ILE A CG2 1 
ATOM   1265 C CD1 . ILE A 1 186 ? -14.301 9.630   6.181   1.00 25.90  ? 186 ILE A CD1 1 
ATOM   1266 N N   . LEU A 1 187 ? -8.649  10.347  6.813   1.00 22.03  ? 187 LEU A N   1 
ATOM   1267 C CA  . LEU A 1 187 ? -7.211  9.976   6.790   1.00 20.39  ? 187 LEU A CA  1 
ATOM   1268 C C   . LEU A 1 187 ? -6.471  10.723  7.906   1.00 20.57  ? 187 LEU A C   1 
ATOM   1269 O O   . LEU A 1 187 ? -5.650  10.101  8.597   1.00 21.62  ? 187 LEU A O   1 
ATOM   1270 C CB  . LEU A 1 187 ? -6.614  10.276  5.406   1.00 19.97  ? 187 LEU A CB  1 
ATOM   1271 C CG  . LEU A 1 187 ? -7.190  9.477   4.236   1.00 19.48  ? 187 LEU A CG  1 
ATOM   1272 C CD1 . LEU A 1 187 ? -6.389  9.720   2.958   1.00 19.45  ? 187 LEU A CD1 1 
ATOM   1273 C CD2 . LEU A 1 187 ? -7.217  7.986   4.564   1.00 19.48  ? 187 LEU A CD2 1 
ATOM   1274 N N   . ALA A 1 188 ? -6.759  12.009  8.093   1.00 22.45  ? 188 ALA A N   1 
ATOM   1275 C CA  . ALA A 1 188 ? -6.104  12.889  9.093   1.00 21.81  ? 188 ALA A CA  1 
ATOM   1276 C C   . ALA A 1 188 ? -6.285  12.316  10.504  1.00 20.52  ? 188 ALA A C   1 
ATOM   1277 O O   . ALA A 1 188 ? -5.288  12.178  11.251  1.00 20.64  ? 188 ALA A O   1 
ATOM   1278 C CB  . ALA A 1 188 ? -6.675  14.273  8.965   1.00 22.01  ? 188 ALA A CB  1 
ATOM   1279 N N   . LYS A 1 189 ? -7.512  11.948  10.856  1.00 20.85  ? 189 LYS A N   1 
ATOM   1280 C CA  . LYS A 1 189 ? -7.835  11.398  12.200  1.00 20.68  ? 189 LYS A CA  1 
ATOM   1281 C C   . LYS A 1 189 ? -6.977  10.162  12.465  1.00 20.69  ? 189 LYS A C   1 
ATOM   1282 O O   . LYS A 1 189 ? -6.309  10.117  13.519  1.00 21.51  ? 189 LYS A O   1 
ATOM   1283 C CB  . LYS A 1 189 ? -9.321  11.073  12.274  1.00 21.47  ? 189 LYS A CB  1 
ATOM   1284 C CG  . LYS A 1 189 ? -9.804  10.578  13.626  1.00 20.77  ? 189 LYS A CG  1 
ATOM   1285 C CD  . LYS A 1 189 ? -11.296 10.393  13.701  1.00 20.27  ? 189 LYS A CD  1 
ATOM   1286 C CE  . LYS A 1 189 ? -11.738 9.863   15.056  1.00 21.72  ? 189 LYS A CE  1 
ATOM   1287 N NZ  . LYS A 1 189 ? -11.221 8.494   15.351  1.00 21.08  ? 189 LYS A NZ  1 
ATOM   1288 N N   . ARG A 1 190 ? -6.969  9.200   11.539  1.00 22.05  ? 190 ARG A N   1 
ATOM   1289 C CA  . ARG A 1 190 ? -6.345  7.872   11.782  1.00 23.42  ? 190 ARG A CA  1 
ATOM   1290 C C   . ARG A 1 190 ? -4.828  8.021   11.792  1.00 22.03  ? 190 ARG A C   1 
ATOM   1291 O O   . ARG A 1 190 ? -4.188  7.352   12.598  1.00 21.63  ? 190 ARG A O   1 
ATOM   1292 C CB  . ARG A 1 190 ? -6.803  6.831   10.757  1.00 25.88  ? 190 ARG A CB  1 
ATOM   1293 C CG  . ARG A 1 190 ? -6.260  5.424   10.997  1.00 27.06  ? 190 ARG A CG  1 
ATOM   1294 C CD  . ARG A 1 190 ? -6.742  4.782   12.291  1.00 30.41  ? 190 ARG A CD  1 
ATOM   1295 N NE  . ARG A 1 190 ? -6.059  3.513   12.575  1.00 34.02  ? 190 ARG A NE  1 
ATOM   1296 C CZ  . ARG A 1 190 ? -5.785  3.010   13.795  1.00 34.62  ? 190 ARG A CZ  1 
ATOM   1297 N NH1 . ARG A 1 190 ? -6.126  3.658   14.898  1.00 34.37  ? 190 ARG A NH1 1 
ATOM   1298 N NH2 . ARG A 1 190 ? -5.156  1.848   13.897  1.00 32.25  ? 190 ARG A NH2 1 
ATOM   1299 N N   . LEU A 1 191 ? -4.279  8.861   10.915  1.00 23.27  ? 191 LEU A N   1 
ATOM   1300 C CA  . LEU A 1 191 ? -2.813  9.059   10.809  1.00 22.34  ? 191 LEU A CA  1 
ATOM   1301 C C   . LEU A 1 191 ? -2.328  9.738   12.092  1.00 23.58  ? 191 LEU A C   1 
ATOM   1302 O O   . LEU A 1 191 ? -1.255  9.373   12.580  1.00 24.13  ? 191 LEU A O   1 
ATOM   1303 C CB  . LEU A 1 191 ? -2.481  9.884   9.558   1.00 21.75  ? 191 LEU A CB  1 
ATOM   1304 C CG  . LEU A 1 191 ? -2.667  9.149   8.228   1.00 21.68  ? 191 LEU A CG  1 
ATOM   1305 C CD1 . LEU A 1 191 ? -2.151  9.978   7.072   1.00 21.29  ? 191 LEU A CD1 1 
ATOM   1306 C CD2 . LEU A 1 191 ? -2.002  7.779   8.243   1.00 20.80  ? 191 LEU A CD2 1 
ATOM   1307 N N   . ARG A 1 192 ? -3.115  10.658  12.646  1.00 24.26  ? 192 ARG A N   1 
ATOM   1308 C CA  . ARG A 1 192 ? -2.737  11.348  13.904  1.00 24.67  ? 192 ARG A CA  1 
ATOM   1309 C C   . ARG A 1 192 ? -2.787  10.317  15.019  1.00 23.72  ? 192 ARG A C   1 
ATOM   1310 O O   . ARG A 1 192 ? -1.951  10.371  15.936  1.00 25.08  ? 192 ARG A O   1 
ATOM   1311 C CB  . ARG A 1 192 ? -3.673  12.523  14.169  1.00 25.43  ? 192 ARG A CB  1 
ATOM   1312 C CG  . ARG A 1 192 ? -3.238  13.432  15.310  1.00 28.43  ? 192 ARG A CG  1 
ATOM   1313 C CD  . ARG A 1 192 ? -4.065  14.704  15.371  1.00 31.02  ? 192 ARG A CD  1 
ATOM   1314 N NE  . ARG A 1 192 ? -5.374  14.493  14.766  1.00 34.40  ? 192 ARG A NE  1 
ATOM   1315 C CZ  . ARG A 1 192 ? -5.909  15.205  13.782  1.00 33.99  ? 192 ARG A CZ  1 
ATOM   1316 N NH1 . ARG A 1 192 ? -5.286  16.249  13.272  1.00 35.61  ? 192 ARG A NH1 1 
ATOM   1317 N NH2 . ARG A 1 192 ? -7.108  14.890  13.337  1.00 36.61  ? 192 ARG A NH2 1 
ATOM   1318 N N   . GLU A 1 193 ? -3.755  9.416   14.926  1.00 23.65  ? 193 GLU A N   1 
ATOM   1319 C CA  . GLU A 1 193 ? -3.933  8.318   15.904  1.00 25.37  ? 193 GLU A CA  1 
ATOM   1320 C C   . GLU A 1 193 ? -2.714  7.388   15.854  1.00 24.83  ? 193 GLU A C   1 
ATOM   1321 O O   . GLU A 1 193 ? -2.193  7.027   16.913  1.00 24.39  ? 193 GLU A O   1 
ATOM   1322 C CB  . GLU A 1 193 ? -5.231  7.570   15.627  1.00 24.10  ? 193 GLU A CB  1 
ATOM   1323 C CG  . GLU A 1 193 ? -6.458  8.238   16.211  1.00 23.74  ? 193 GLU A CG  1 
ATOM   1324 C CD  . GLU A 1 193 ? -7.762  7.621   15.730  1.00 23.11  ? 193 GLU A CD  1 
ATOM   1325 O OE1 . GLU A 1 193 ? -8.787  7.998   16.236  1.00 25.04  ? 193 GLU A OE1 1 
ATOM   1326 O OE2 . GLU A 1 193 ? -7.748  6.791   14.817  1.00 27.37  ? 193 GLU A OE2 1 
ATOM   1327 N N   . LEU A 1 194 ? -2.287  7.022   14.656  1.00 26.51  ? 194 LEU A N   1 
ATOM   1328 C CA  . LEU A 1 194 ? -1.170  6.079   14.442  1.00 27.67  ? 194 LEU A CA  1 
ATOM   1329 C C   . LEU A 1 194 ? 0.140   6.699   14.937  1.00 27.83  ? 194 LEU A C   1 
ATOM   1330 O O   . LEU A 1 194 ? 0.971   5.956   15.472  1.00 26.18  ? 194 LEU A O   1 
ATOM   1331 C CB  . LEU A 1 194 ? -1.109  5.736   12.953  1.00 28.40  ? 194 LEU A CB  1 
ATOM   1332 C CG  . LEU A 1 194 ? -2.188  4.771   12.461  1.00 28.91  ? 194 LEU A CG  1 
ATOM   1333 C CD1 . LEU A 1 194 ? -2.137  4.633   10.937  1.00 29.57  ? 194 LEU A CD1 1 
ATOM   1334 C CD2 . LEU A 1 194 ? -2.053  3.410   13.122  1.00 26.51  ? 194 LEU A CD2 1 
ATOM   1335 N N   . SER A 1 195 ? 0.321   8.010   14.779  1.00 29.77  ? 195 SER A N   1 
ATOM   1336 C CA  . SER A 1 195 ? 1.548   8.703   15.247  1.00 31.67  ? 195 SER A CA  1 
ATOM   1337 C C   . SER A 1 195 ? 1.552   8.774   16.779  1.00 31.92  ? 195 SER A C   1 
ATOM   1338 O O   . SER A 1 195 ? 2.644   8.708   17.372  1.00 33.41  ? 195 SER A O   1 
ATOM   1339 C CB  . SER A 1 195 ? 1.719   10.045  14.595  1.00 32.44  ? 195 SER A CB  1 
ATOM   1340 O OG  . SER A 1 195 ? 0.904   11.018  15.206  1.00 32.00  ? 195 SER A OG  1 
ATOM   1341 N N   . PHE A 1 196 ? 0.380   8.871   17.404  1.00 31.61  ? 196 PHE A N   1 
ATOM   1342 C CA  . PHE A 1 196 ? 0.226   8.818   18.880  1.00 32.35  ? 196 PHE A CA  1 
ATOM   1343 C C   . PHE A 1 196 ? 0.560   7.410   19.394  1.00 31.89  ? 196 PHE A C   1 
ATOM   1344 O O   . PHE A 1 196 ? 1.140   7.288   20.474  1.00 34.05  ? 196 PHE A O   1 
ATOM   1345 C CB  . PHE A 1 196 ? -1.187  9.248   19.278  1.00 33.42  ? 196 PHE A CB  1 
ATOM   1346 C CG  . PHE A 1 196 ? -1.559  9.000   20.717  1.00 34.58  ? 196 PHE A CG  1 
ATOM   1347 C CD1 . PHE A 1 196 ? -2.084  7.788   21.114  1.00 35.99  ? 196 PHE A CD1 1 
ATOM   1348 C CD2 . PHE A 1 196 ? -1.430  10.003  21.665  1.00 39.98  ? 196 PHE A CD2 1 
ATOM   1349 C CE1 . PHE A 1 196 ? -2.452  7.570   22.433  1.00 39.67  ? 196 PHE A CE1 1 
ATOM   1350 C CE2 . PHE A 1 196 ? -1.808  9.789   22.981  1.00 40.72  ? 196 PHE A CE2 1 
ATOM   1351 C CZ  . PHE A 1 196 ? -2.324  8.573   23.363  1.00 39.91  ? 196 PHE A CZ  1 
ATOM   1352 N N   . LEU A 1 197 ? 0.194   6.361   18.667  1.00 32.02  ? 197 LEU A N   1 
ATOM   1353 C CA  . LEU A 1 197 ? 0.441   4.966   19.118  1.00 32.16  ? 197 LEU A CA  1 
ATOM   1354 C C   . LEU A 1 197 ? 1.905   4.589   18.909  1.00 31.65  ? 197 LEU A C   1 
ATOM   1355 O O   . LEU A 1 197 ? 2.378   3.699   19.634  1.00 31.48  ? 197 LEU A O   1 
ATOM   1356 C CB  . LEU A 1 197 ? -0.472  4.010   18.352  1.00 32.69  ? 197 LEU A CB  1 
ATOM   1357 C CG  . LEU A 1 197 ? -1.908  3.947   18.857  1.00 33.52  ? 197 LEU A CG  1 
ATOM   1358 C CD1 . LEU A 1 197 ? -2.821  3.354   17.795  1.00 33.64  ? 197 LEU A CD1 1 
ATOM   1359 C CD2 . LEU A 1 197 ? -1.994  3.148   20.153  1.00 32.63  ? 197 LEU A CD2 1 
ATOM   1360 N N   . ASN A 1 198 ? 2.578   5.204   17.934  1.00 33.40  ? 198 ASN A N   1 
ATOM   1361 C CA  . ASN A 1 198 ? 3.983   4.872   17.566  1.00 35.51  ? 198 ASN A CA  1 
ATOM   1362 C C   . ASN A 1 198 ? 4.826   6.148   17.695  1.00 36.17  ? 198 ASN A C   1 
ATOM   1363 O O   . ASN A 1 198 ? 5.025   6.826   16.689  1.00 35.02  ? 198 ASN A O   1 
ATOM   1364 C CB  . ASN A 1 198 ? 4.078   4.233   16.172  1.00 35.70  ? 198 ASN A CB  1 
ATOM   1365 C CG  . ASN A 1 198 ? 3.012   3.190   15.879  1.00 37.13  ? 198 ASN A CG  1 
ATOM   1366 O OD1 . ASN A 1 198 ? 1.864   3.518   15.585  1.00 32.72  ? 198 ASN A OD1 1 
ATOM   1367 N ND2 . ASN A 1 198 ? 3.400   1.925   15.868  1.00 37.99  ? 198 ASN A ND2 1 
ATOM   1368 N N   . SER A 1 199 ? 5.258   6.518   18.904  1.00 37.71  ? 199 SER A N   1 
ATOM   1369 C CA  . SER A 1 199 ? 6.102   7.723   19.102  1.00 40.44  ? 199 SER A CA  1 
ATOM   1370 C C   . SER A 1 199 ? 7.407   7.514   18.337  1.00 39.54  ? 199 SER A C   1 
ATOM   1371 O O   . SER A 1 199 ? 7.857   6.356   18.208  1.00 39.63  ? 199 SER A O   1 
ATOM   1372 C CB  . SER A 1 199 ? 6.346   8.059   20.564  1.00 46.37  ? 199 SER A CB  1 
ATOM   1373 O OG  . SER A 1 199 ? 6.349   6.893   21.372  1.00 45.23  ? 199 SER A OG  1 
ATOM   1374 N N   . GLY A 1 200 ? 7.958   8.594   17.803  1.00 39.89  ? 200 GLY A N   1 
ATOM   1375 C CA  . GLY A 1 200 ? 9.104   8.519   16.887  1.00 42.30  ? 200 GLY A CA  1 
ATOM   1376 C C   . GLY A 1 200 ? 8.656   8.674   15.452  1.00 43.26  ? 200 GLY A C   1 
ATOM   1377 O O   . GLY A 1 200 ? 9.268   9.504   14.749  1.00 49.64  ? 200 GLY A O   1 
ATOM   1378 N N   . VAL A 1 201 ? 7.625   7.940   15.017  1.00 39.02  ? 201 VAL A N   1 
ATOM   1379 C CA  . VAL A 1 201 ? 7.243   7.926   13.574  1.00 36.83  ? 201 VAL A CA  1 
ATOM   1380 C C   . VAL A 1 201 ? 6.617   9.279   13.222  1.00 35.75  ? 201 VAL A C   1 
ATOM   1381 O O   . VAL A 1 201 ? 5.771   9.777   13.985  1.00 36.12  ? 201 VAL A O   1 
ATOM   1382 C CB  . VAL A 1 201 ? 6.345   6.740   13.183  1.00 36.68  ? 201 VAL A CB  1 
ATOM   1383 C CG1 . VAL A 1 201 ? 6.857   5.443   13.789  1.00 37.08  ? 201 VAL A CG1 1 
ATOM   1384 C CG2 . VAL A 1 201 ? 4.880   6.970   13.514  1.00 35.97  ? 201 VAL A CG2 1 
ATOM   1385 N N   . SER A 1 202 ? 7.109   9.874   12.135  1.00 34.73  ? 202 SER A N   1 
ATOM   1386 C CA  . SER A 1 202 ? 6.642   11.156  11.557  1.00 32.84  ? 202 SER A CA  1 
ATOM   1387 C C   . SER A 1 202 ? 5.783   10.863  10.320  1.00 30.82  ? 202 SER A C   1 
ATOM   1388 O O   . SER A 1 202 ? 6.201   10.073  9.451   1.00 28.31  ? 202 SER A O   1 
ATOM   1389 C CB  . SER A 1 202 ? 7.796   12.048  11.221  1.00 31.25  ? 202 SER A CB  1 
ATOM   1390 O OG  . SER A 1 202 ? 7.322   13.264  10.677  1.00 29.90  ? 202 SER A OG  1 
ATOM   1391 N N   . ILE A 1 203 ? 4.601   11.470  10.256  1.00 28.74  ? 203 ILE A N   1 
ATOM   1392 C CA  . ILE A 1 203 ? 3.654   11.226  9.143   1.00 24.93  ? 203 ILE A CA  1 
ATOM   1393 C C   . ILE A 1 203 ? 3.225   12.550  8.542   1.00 24.72  ? 203 ILE A C   1 
ATOM   1394 O O   . ILE A 1 203 ? 2.729   13.458  9.276   1.00 24.04  ? 203 ILE A O   1 
ATOM   1395 C CB  . ILE A 1 203 ? 2.460   10.377  9.584   1.00 25.24  ? 203 ILE A CB  1 
ATOM   1396 C CG1 . ILE A 1 203 ? 2.958   9.084   10.236  1.00 23.49  ? 203 ILE A CG1 1 
ATOM   1397 C CG2 . ILE A 1 203 ? 1.536   10.144  8.383   1.00 24.50  ? 203 ILE A CG2 1 
ATOM   1398 C CD1 . ILE A 1 203 ? 1.863   8.156   10.665  1.00 24.65  ? 203 ILE A CD1 1 
ATOM   1399 N N   . ARG A 1 204 ? 3.421   12.618  7.232   1.00 23.99  ? 204 ARG A N   1 
ATOM   1400 C CA  . ARG A 1 204 ? 2.943   13.712  6.384   1.00 24.54  ? 204 ARG A CA  1 
ATOM   1401 C C   . ARG A 1 204 ? 1.726   13.212  5.612   1.00 23.84  ? 204 ARG A C   1 
ATOM   1402 O O   . ARG A 1 204 ? 1.735   12.069  5.117   1.00 21.84  ? 204 ARG A O   1 
ATOM   1403 C CB  . ARG A 1 204 ? 4.051   14.177  5.456   1.00 26.99  ? 204 ARG A CB  1 
ATOM   1404 C CG  . ARG A 1 204 ? 3.647   15.362  4.597   1.00 29.24  ? 204 ARG A CG  1 
ATOM   1405 C CD  . ARG A 1 204 ? 4.736   16.400  4.659   1.00 31.48  ? 204 ARG A CD  1 
ATOM   1406 N NE  . ARG A 1 204 ? 4.340   17.387  5.620   1.00 34.88  ? 204 ARG A NE  1 
ATOM   1407 C CZ  . ARG A 1 204 ? 5.141   18.217  6.265   1.00 34.47  ? 204 ARG A CZ  1 
ATOM   1408 N NH1 . ARG A 1 204 ? 6.455   18.191  6.102   1.00 34.50  ? 204 ARG A NH1 1 
ATOM   1409 N NH2 . ARG A 1 204 ? 4.593   19.073  7.105   1.00 36.97  ? 204 ARG A NH2 1 
ATOM   1410 N N   . LEU A 1 205 ? 0.698   14.043  5.599   1.00 22.54  ? 205 LEU A N   1 
ATOM   1411 C CA  . LEU A 1 205 ? -0.497  13.877  4.765   1.00 22.91  ? 205 LEU A CA  1 
ATOM   1412 C C   . LEU A 1 205 ? -0.564  15.120  3.883   1.00 22.46  ? 205 LEU A C   1 
ATOM   1413 O O   . LEU A 1 205 ? -0.392  16.223  4.421   1.00 20.68  ? 205 LEU A O   1 
ATOM   1414 C CB  . LEU A 1 205 ? -1.705  13.717  5.684   1.00 22.01  ? 205 LEU A CB  1 
ATOM   1415 C CG  . LEU A 1 205 ? -3.062  13.798  4.993   1.00 22.54  ? 205 LEU A CG  1 
ATOM   1416 C CD1 . LEU A 1 205 ? -3.246  12.625  4.046   1.00 22.88  ? 205 LEU A CD1 1 
ATOM   1417 C CD2 . LEU A 1 205 ? -4.183  13.848  6.018   1.00 21.96  ? 205 LEU A CD2 1 
ATOM   1418 N N   . ARG A 1 206 ? -0.735  14.925  2.581   1.00 22.57  ? 206 ARG A N   1 
ATOM   1419 C CA  . ARG A 1 206 ? -0.828  16.030  1.595   1.00 23.84  ? 206 ARG A CA  1 
ATOM   1420 C C   . ARG A 1 206 ? -1.958  15.726  0.617   1.00 22.80  ? 206 ARG A C   1 
ATOM   1421 O O   . ARG A 1 206 ? -2.032  14.604  0.101   1.00 19.83  ? 206 ARG A O   1 
ATOM   1422 C CB  . ARG A 1 206 ? 0.506   16.234  0.870   1.00 25.93  ? 206 ARG A CB  1 
ATOM   1423 C CG  . ARG A 1 206 ? 0.548   17.503  0.022   1.00 28.21  ? 206 ARG A CG  1 
ATOM   1424 C CD  . ARG A 1 206 ? 1.923   17.849  -0.539  1.00 28.49  ? 206 ARG A CD  1 
ATOM   1425 N NE  . ARG A 1 206 ? 2.892   18.182  0.503   1.00 29.01  ? 206 ARG A NE  1 
ATOM   1426 C CZ  . ARG A 1 206 ? 3.877   17.391  0.955   1.00 29.36  ? 206 ARG A CZ  1 
ATOM   1427 N NH1 . ARG A 1 206 ? 4.694   17.846  1.890   1.00 28.28  ? 206 ARG A NH1 1 
ATOM   1428 N NH2 . ARG A 1 206 ? 4.065   16.176  0.462   1.00 28.10  ? 206 ARG A NH2 1 
ATOM   1429 N N   . ASP A 1 207 ? -2.807  16.718  0.371   1.00 24.71  ? 207 ASP A N   1 
ATOM   1430 C CA  . ASP A 1 207 ? -3.938  16.606  -0.577  1.00 24.11  ? 207 ASP A CA  1 
ATOM   1431 C C   . ASP A 1 207 ? -3.553  17.402  -1.820  1.00 25.81  ? 207 ASP A C   1 
ATOM   1432 O O   . ASP A 1 207 ? -3.526  18.641  -1.737  1.00 27.60  ? 207 ASP A O   1 
ATOM   1433 C CB  . ASP A 1 207 ? -5.218  17.063  0.122   1.00 24.28  ? 207 ASP A CB  1 
ATOM   1434 C CG  . ASP A 1 207 ? -6.504  16.747  -0.612  1.00 24.57  ? 207 ASP A CG  1 
ATOM   1435 O OD1 . ASP A 1 207 ? -6.447  16.476  -1.832  1.00 25.65  ? 207 ASP A OD1 1 
ATOM   1436 O OD2 . ASP A 1 207 ? -7.553  16.807  0.035   1.00 25.90  ? 207 ASP A OD2 1 
ATOM   1437 N N   . LYS A 1 208 ? -3.263  16.710  -2.924  1.00 27.13  ? 208 LYS A N   1 
ATOM   1438 C CA  . LYS A 1 208 ? -2.858  17.348  -4.202  1.00 26.48  ? 208 LYS A CA  1 
ATOM   1439 C C   . LYS A 1 208 ? -4.038  18.126  -4.776  1.00 25.68  ? 208 LYS A C   1 
ATOM   1440 O O   . LYS A 1 208 ? -3.797  18.956  -5.632  1.00 27.91  ? 208 LYS A O   1 
ATOM   1441 C CB  . LYS A 1 208 ? -2.389  16.324  -5.239  1.00 29.05  ? 208 LYS A CB  1 
ATOM   1442 C CG  . LYS A 1 208 ? -1.100  15.573  -4.939  1.00 31.25  ? 208 LYS A CG  1 
ATOM   1443 C CD  . LYS A 1 208 ? -0.022  16.389  -4.276  1.00 35.51  ? 208 LYS A CD  1 
ATOM   1444 C CE  . LYS A 1 208 ? 0.586   17.441  -5.179  1.00 36.16  ? 208 LYS A CE  1 
ATOM   1445 N NZ  . LYS A 1 208 ? 1.498   18.329  -4.424  1.00 37.25  ? 208 LYS A NZ  1 
ATOM   1446 N N   . ARG A 1 209 ? -5.258  17.862  -4.317  1.00 25.50  ? 209 ARG A N   1 
ATOM   1447 C CA  . ARG A 1 209 ? -6.504  18.432  -4.881  1.00 25.33  ? 209 ARG A CA  1 
ATOM   1448 C C   . ARG A 1 209 ? -6.651  19.910  -4.478  1.00 24.93  ? 209 ARG A C   1 
ATOM   1449 O O   . ARG A 1 209 ? -7.217  20.667  -5.282  1.00 23.65  ? 209 ARG A O   1 
ATOM   1450 C CB  . ARG A 1 209 ? -7.716  17.605  -4.425  1.00 26.04  ? 209 ARG A CB  1 
ATOM   1451 C CG  . ARG A 1 209 ? -7.713  16.156  -4.896  1.00 27.24  ? 209 ARG A CG  1 
ATOM   1452 C CD  . ARG A 1 209 ? -8.794  15.291  -4.256  1.00 27.51  ? 209 ARG A CD  1 
ATOM   1453 N NE  . ARG A 1 209 ? -8.686  15.235  -2.802  1.00 28.33  ? 209 ARG A NE  1 
ATOM   1454 C CZ  . ARG A 1 209 ? -9.496  14.566  -1.985  1.00 30.40  ? 209 ARG A CZ  1 
ATOM   1455 N NH1 . ARG A 1 209 ? -9.283  14.606  -0.677  1.00 32.53  ? 209 ARG A NH1 1 
ATOM   1456 N NH2 . ARG A 1 209 ? -10.495 13.838  -2.462  1.00 31.14  ? 209 ARG A NH2 1 
ATOM   1457 N N   . ASP A 1 210 ? -6.193  20.306  -3.284  1.00 24.14  ? 210 ASP A N   1 
ATOM   1458 C CA  . ASP A 1 210 ? -6.375  21.681  -2.741  1.00 24.49  ? 210 ASP A CA  1 
ATOM   1459 C C   . ASP A 1 210 ? -5.123  22.191  -1.995  1.00 25.00  ? 210 ASP A C   1 
ATOM   1460 O O   . ASP A 1 210 ? -5.179  23.311  -1.491  1.00 22.87  ? 210 ASP A O   1 
ATOM   1461 C CB  . ASP A 1 210 ? -7.599  21.710  -1.831  1.00 24.68  ? 210 ASP A CB  1 
ATOM   1462 C CG  . ASP A 1 210 ? -7.353  21.049  -0.488  1.00 25.45  ? 210 ASP A CG  1 
ATOM   1463 O OD1 . ASP A 1 210 ? -6.368  20.284  -0.382  1.00 25.39  ? 210 ASP A OD1 1 
ATOM   1464 O OD2 . ASP A 1 210 ? -8.144  21.300  0.430   1.00 23.80  ? 210 ASP A OD2 1 
ATOM   1465 N N   . GLY A 1 211 ? -4.042  21.407  -1.930  1.00 27.99  ? 211 GLY A N   1 
ATOM   1466 C CA  . GLY A 1 211 ? -2.747  21.799  -1.345  1.00 28.39  ? 211 GLY A CA  1 
ATOM   1467 C C   . GLY A 1 211 ? -2.657  21.566  0.157   1.00 29.13  ? 211 GLY A C   1 
ATOM   1468 O O   . GLY A 1 211 ? -1.557  21.711  0.674   1.00 33.51  ? 211 GLY A O   1 
ATOM   1469 N N   . LYS A 1 212 ? -3.755  21.230  0.847   1.00 29.74  ? 212 LYS A N   1 
ATOM   1470 C CA  . LYS A 1 212 ? -3.784  20.996  2.324   1.00 30.60  ? 212 LYS A CA  1 
ATOM   1471 C C   . LYS A 1 212 ? -2.681  20.025  2.746   1.00 28.22  ? 212 LYS A C   1 
ATOM   1472 O O   . LYS A 1 212 ? -2.486  19.022  2.045   1.00 31.05  ? 212 LYS A O   1 
ATOM   1473 C CB  . LYS A 1 212 ? -5.097  20.361  2.783   1.00 32.91  ? 212 LYS A CB  1 
ATOM   1474 C CG  . LYS A 1 212 ? -6.128  21.325  3.336   1.00 38.83  ? 212 LYS A CG  1 
ATOM   1475 C CD  . LYS A 1 212 ? -6.935  20.751  4.484   1.00 41.43  ? 212 LYS A CD  1 
ATOM   1476 C CE  . LYS A 1 212 ? -6.256  20.985  5.817   1.00 43.04  ? 212 LYS A CE  1 
ATOM   1477 N NZ  . LYS A 1 212 ? -7.233  21.074  6.923   1.00 41.55  ? 212 LYS A NZ  1 
ATOM   1478 N N   . GLU A 1 213 ? -2.013  20.258  3.870   1.00 26.74  ? 213 GLU A N   1 
ATOM   1479 C CA  . GLU A 1 213 ? -1.134  19.208  4.446   1.00 27.02  ? 213 GLU A CA  1 
ATOM   1480 C C   . GLU A 1 213 ? -1.086  19.300  5.968   1.00 25.90  ? 213 GLU A C   1 
ATOM   1481 O O   . GLU A 1 213 ? -1.567  20.287  6.544   1.00 27.26  ? 213 GLU A O   1 
ATOM   1482 C CB  . GLU A 1 213 ? 0.267   19.222  3.824   1.00 27.90  ? 213 GLU A CB  1 
ATOM   1483 C CG  . GLU A 1 213 ? 0.962   20.568  3.847   1.00 30.37  ? 213 GLU A CG  1 
ATOM   1484 C CD  . GLU A 1 213 ? 2.335   20.577  3.190   1.00 29.62  ? 213 GLU A CD  1 
ATOM   1485 O OE1 . GLU A 1 213 ? 2.413   20.746  1.960   1.00 29.32  ? 213 GLU A OE1 1 
ATOM   1486 O OE2 . GLU A 1 213 ? 3.317   20.435  3.912   1.00 32.05  ? 213 GLU A OE2 1 
ATOM   1487 N N   . ASP A 1 214 ? -0.605  18.225  6.574   1.00 24.08  ? 214 ASP A N   1 
ATOM   1488 C CA  . ASP A 1 214 ? -0.445  18.089  8.035   1.00 25.88  ? 214 ASP A CA  1 
ATOM   1489 C C   . ASP A 1 214 ? 0.810   17.282  8.296   1.00 25.16  ? 214 ASP A C   1 
ATOM   1490 O O   . ASP A 1 214 ? 1.318   16.620  7.354   1.00 26.66  ? 214 ASP A O   1 
ATOM   1491 C CB  . ASP A 1 214 ? -1.631  17.383  8.684   1.00 27.99  ? 214 ASP A CB  1 
ATOM   1492 C CG  . ASP A 1 214 ? -2.751  18.330  9.057   1.00 28.34  ? 214 ASP A CG  1 
ATOM   1493 O OD1 . ASP A 1 214 ? -2.546  19.116  9.980   1.00 30.40  ? 214 ASP A OD1 1 
ATOM   1494 O OD2 . ASP A 1 214 ? -3.792  18.300  8.384   1.00 30.05  ? 214 ASP A OD2 1 
ATOM   1495 N N   . HIS A 1 215 ? 1.283   17.357  9.529   1.00 24.66  ? 215 HIS A N   1 
ATOM   1496 C CA  . HIS A 1 215 ? 2.470   16.617  10.003  1.00 26.39  ? 215 HIS A CA  1 
ATOM   1497 C C   . HIS A 1 215 ? 2.128   16.078  11.381  1.00 26.19  ? 215 HIS A C   1 
ATOM   1498 O O   . HIS A 1 215 ? 1.817   16.897  12.246  1.00 29.30  ? 215 HIS A O   1 
ATOM   1499 C CB  . HIS A 1 215 ? 3.705   17.529  9.975   1.00 26.49  ? 215 HIS A CB  1 
ATOM   1500 C CG  . HIS A 1 215 ? 4.921   16.911  10.577  1.00 27.58  ? 215 HIS A CG  1 
ATOM   1501 N ND1 . HIS A 1 215 ? 5.873   17.660  11.244  1.00 29.88  ? 215 HIS A ND1 1 
ATOM   1502 C CD2 . HIS A 1 215 ? 5.322   15.623  10.663  1.00 27.95  ? 215 HIS A CD2 1 
ATOM   1503 C CE1 . HIS A 1 215 ? 6.824   16.864  11.692  1.00 29.09  ? 215 HIS A CE1 1 
ATOM   1504 N NE2 . HIS A 1 215 ? 6.512   15.611  11.345  1.00 30.30  ? 215 HIS A NE2 1 
ATOM   1505 N N   . PHE A 1 216 ? 2.147   14.763  11.556  1.00 25.94  ? 216 PHE A N   1 
ATOM   1506 C CA  . PHE A 1 216 ? 1.742   14.114  12.827  1.00 26.63  ? 216 PHE A CA  1 
ATOM   1507 C C   . PHE A 1 216 ? 2.993   13.466  13.406  1.00 28.90  ? 216 PHE A C   1 
ATOM   1508 O O   . PHE A 1 216 ? 3.614   12.634  12.726  1.00 25.06  ? 216 PHE A O   1 
ATOM   1509 C CB  . PHE A 1 216 ? 0.586   13.132  12.616  1.00 25.92  ? 216 PHE A CB  1 
ATOM   1510 C CG  . PHE A 1 216 ? -0.568  13.692  11.815  1.00 25.04  ? 216 PHE A CG  1 
ATOM   1511 C CD1 . PHE A 1 216 ? -1.346  14.721  12.316  1.00 25.82  ? 216 PHE A CD1 1 
ATOM   1512 C CD2 . PHE A 1 216 ? -0.852  13.220  10.545  1.00 26.43  ? 216 PHE A CD2 1 
ATOM   1513 C CE1 . PHE A 1 216 ? -2.401  15.247  11.585  1.00 24.83  ? 216 PHE A CE1 1 
ATOM   1514 C CE2 . PHE A 1 216 ? -1.899  13.753  9.808   1.00 27.81  ? 216 PHE A CE2 1 
ATOM   1515 C CZ  . PHE A 1 216 ? -2.681  14.756  10.339  1.00 26.09  ? 216 PHE A CZ  1 
ATOM   1516 N N   . HIS A 1 217 ? 3.371   13.921  14.594  1.00 32.71  ? 217 HIS A N   1 
ATOM   1517 C CA  . HIS A 1 217 ? 4.548   13.445  15.349  1.00 38.58  ? 217 HIS A CA  1 
ATOM   1518 C C   . HIS A 1 217 ? 4.232   13.553  16.842  1.00 38.57  ? 217 HIS A C   1 
ATOM   1519 O O   . HIS A 1 217 ? 3.692   14.601  17.245  1.00 35.61  ? 217 HIS A O   1 
ATOM   1520 C CB  . HIS A 1 217 ? 5.791   14.243  14.947  1.00 44.94  ? 217 HIS A CB  1 
ATOM   1521 C CG  . HIS A 1 217 ? 7.022   13.729  15.609  1.00 52.20  ? 217 HIS A CG  1 
ATOM   1522 N ND1 . HIS A 1 217 ? 7.442   12.417  15.456  1.00 56.06  ? 217 HIS A ND1 1 
ATOM   1523 C CD2 . HIS A 1 217 ? 7.890   14.314  16.461  1.00 57.67  ? 217 HIS A CD2 1 
ATOM   1524 C CE1 . HIS A 1 217 ? 8.531   12.223  16.172  1.00 57.32  ? 217 HIS A CE1 1 
ATOM   1525 N NE2 . HIS A 1 217 ? 8.830   13.371  16.791  1.00 61.37  ? 217 HIS A NE2 1 
ATOM   1526 N N   . TYR A 1 218 ? 4.510   12.477  17.585  1.00 43.43  ? 218 TYR A N   1 
ATOM   1527 C CA  . TYR A 1 218 ? 4.397   12.343  19.062  1.00 45.45  ? 218 TYR A CA  1 
ATOM   1528 C C   . TYR A 1 218 ? 5.638   11.604  19.575  1.00 44.77  ? 218 TYR A C   1 
ATOM   1529 O O   . TYR A 1 218 ? 6.770   12.058  19.403  1.00 52.99  ? 218 TYR A O   1 
ATOM   1530 C CB  . TYR A 1 218 ? 3.120   11.589  19.449  1.00 49.77  ? 218 TYR A CB  1 
ATOM   1531 C CG  . TYR A 1 218 ? 1.843   12.395  19.379  1.00 55.76  ? 218 TYR A CG  1 
ATOM   1532 C CD1 . TYR A 1 218 ? 1.155   12.544  18.180  1.00 55.15  ? 218 TYR A CD1 1 
ATOM   1533 C CD2 . TYR A 1 218 ? 1.302   12.992  20.511  1.00 56.98  ? 218 TYR A CD2 1 
ATOM   1534 C CE1 . TYR A 1 218 ? -0.016  13.282  18.102  1.00 55.10  ? 218 TYR A CE1 1 
ATOM   1535 C CE2 . TYR A 1 218 ? 0.132   13.735  20.450  1.00 56.24  ? 218 TYR A CE2 1 
ATOM   1536 C CZ  . TYR A 1 218 ? -0.531  13.877  19.242  1.00 57.14  ? 218 TYR A CZ  1 
ATOM   1537 O OH  . TYR A 1 218 ? -1.687  14.598  19.168  1.00 53.79  ? 218 TYR A OH  1 
HETATM 1538 C C2  . FKR B 2 .   ? 5.161   -0.113  2.273   1.00 26.07  ? 301 FKR A C2  1 
HETATM 1539 C C3  . FKR B 2 .   ? 3.631   -1.863  1.619   1.00 25.80  ? 301 FKR A C3  1 
HETATM 1540 C C4  . FKR B 2 .   ? 4.454   -2.884  2.046   1.00 25.95  ? 301 FKR A C4  1 
HETATM 1541 O O10 . FKR B 2 .   ? 9.211   -1.747  4.172   1.00 31.78  ? 301 FKR A O10 1 
HETATM 1542 O O26 . FKR B 2 .   ? 8.317   -5.623  3.810   1.00 35.42  ? 301 FKR A O26 1 
HETATM 1543 C C12 . FKR B 2 .   ? 8.665   -4.467  3.958   1.00 34.88  ? 301 FKR A C12 1 
HETATM 1544 C C11 . FKR B 2 .   ? 7.707   -3.382  3.545   1.00 30.66  ? 301 FKR A C11 1 
HETATM 1545 C C9  . FKR B 2 .   ? 8.097   -1.973  3.681   1.00 30.25  ? 301 FKR A C9  1 
HETATM 1546 N N7  . FKR B 2 .   ? 7.314   -0.959  3.266   1.00 29.07  ? 301 FKR A N7  1 
HETATM 1547 C C6  . FKR B 2 .   ? 6.100   -1.196  2.738   1.00 27.84  ? 301 FKR A C6  1 
HETATM 1548 N N24 . FKR B 2 .   ? 5.511   1.191   2.345   1.00 24.94  ? 301 FKR A N24 1 
HETATM 1549 C C25 . FKR B 2 .   ? 4.727   2.299   1.800   1.00 25.00  ? 301 FKR A C25 1 
HETATM 1550 C C8  . FKR B 2 .   ? 6.474   -3.658  3.001   1.00 29.10  ? 301 FKR A C8  1 
HETATM 1551 C C5  . FKR B 2 .   ? 5.664   -2.609  2.603   1.00 26.30  ? 301 FKR A C5  1 
HETATM 1552 F F23 . FKR B 2 .   ? 2.474   -2.230  1.101   1.00 25.67  ? 301 FKR A F23 1 
HETATM 1553 C C1  . FKR B 2 .   ? 3.942   -0.512  1.728   1.00 26.13  ? 301 FKR A C1  1 
HETATM 1554 N N13 . FKR B 2 .   ? 9.905   -4.093  4.322   1.00 35.09  ? 301 FKR A N13 1 
HETATM 1555 C C14 . FKR B 2 .   ? 10.975  -4.916  4.497   1.00 35.87  ? 301 FKR A C14 1 
HETATM 1556 C C16 . FKR B 2 .   ? 12.197  -4.273  4.487   1.00 34.80  ? 301 FKR A C16 1 
HETATM 1557 C C17 . FKR B 2 .   ? 13.381  -4.990  4.591   1.00 34.69  ? 301 FKR A C17 1 
HETATM 1558 C C19 . FKR B 2 .   ? 13.426  -6.379  4.712   1.00 36.31  ? 301 FKR A C19 1 
HETATM 1559 C C20 . FKR B 2 .   ? 14.787  -7.067  4.819   1.00 33.71  ? 301 FKR A C20 1 
HETATM 1560 O O22 . FKR B 2 .   ? 14.895  -8.280  5.045   1.00 36.27  ? 301 FKR A O22 1 
HETATM 1561 O O21 . FKR B 2 .   ? 15.835  -6.425  4.648   1.00 33.63  ? 301 FKR A O21 1 
HETATM 1562 C C18 . FKR B 2 .   ? 12.189  -7.053  4.721   1.00 36.01  ? 301 FKR A C18 1 
HETATM 1563 C C15 . FKR B 2 .   ? 10.975  -6.328  4.607   1.00 36.36  ? 301 FKR A C15 1 
HETATM 1564 O O   . HOH C 3 .   ? -23.410 -1.307  2.495   1.00 26.72  ? 401 HOH A O   1 
HETATM 1565 O O   . HOH C 3 .   ? 1.816   -1.949  12.106  1.00 27.00  ? 402 HOH A O   1 
HETATM 1566 O O   . HOH C 3 .   ? -0.278  0.235   12.402  1.00 36.40  ? 403 HOH A O   1 
HETATM 1567 O O   . HOH C 3 .   ? -14.389 -15.302 -1.276  1.00 27.95  ? 404 HOH A O   1 
HETATM 1568 O O   . HOH C 3 .   ? -21.885 -4.224  4.735   1.00 20.61  ? 405 HOH A O   1 
HETATM 1569 O O   . HOH C 3 .   ? 4.706   9.990   16.323  1.00 31.04  ? 406 HOH A O   1 
HETATM 1570 O O   . HOH C 3 .   ? -15.003 -6.773  -5.380  1.00 23.73  ? 407 HOH A O   1 
HETATM 1571 O O   . HOH C 3 .   ? 13.788  -8.739  -8.728  1.00 30.75  ? 408 HOH A O   1 
HETATM 1572 O O   . HOH C 3 .   ? 10.477  4.009   -3.366  1.00 26.04  ? 409 HOH A O   1 
HETATM 1573 O O   . HOH C 3 .   ? -18.085 2.891   -8.188  1.00 28.37  ? 410 HOH A O   1 
HETATM 1574 O O   . HOH C 3 .   ? 4.839   20.844  0.910   1.00 24.56  ? 411 HOH A O   1 
HETATM 1575 O O   . HOH C 3 .   ? -10.420 8.066   10.682  1.00 16.53  ? 412 HOH A O   1 
HETATM 1576 O O   . HOH C 3 .   ? -9.959  -4.995  -8.193  1.00 29.98  ? 413 HOH A O   1 
HETATM 1577 O O   . HOH C 3 .   ? 3.370   14.534  -1.585  1.00 28.86  ? 414 HOH A O   1 
HETATM 1578 O O   . HOH C 3 .   ? 17.197  -12.139 -7.713  1.00 28.60  ? 415 HOH A O   1 
HETATM 1579 O O   . HOH C 3 .   ? 11.000  0.272   2.707   1.00 25.39  ? 416 HOH A O   1 
HETATM 1580 O O   . HOH C 3 .   ? -12.660 -5.171  -8.328  1.00 31.64  ? 417 HOH A O   1 
HETATM 1581 O O   . HOH C 3 .   ? -0.277  -9.315  1.348   1.00 43.40  ? 418 HOH A O   1 
HETATM 1582 O O   . HOH C 3 .   ? -17.215 2.770   -0.594  1.00 20.17  ? 419 HOH A O   1 
HETATM 1583 O O   . HOH C 3 .   ? 11.930  -9.641  -10.871 1.00 31.46  ? 420 HOH A O   1 
HETATM 1584 O O   . HOH C 3 .   ? 6.764   -3.705  6.629   1.00 33.56  ? 421 HOH A O   1 
HETATM 1585 O O   . HOH C 3 .   ? 2.933   9.699   -0.808  1.00 28.51  ? 422 HOH A O   1 
HETATM 1586 O O   . HOH C 3 .   ? 3.868   -10.513 -14.316 1.00 34.79  ? 423 HOH A O   1 
HETATM 1587 O O   . HOH C 3 .   ? -3.905  21.785  6.859   1.00 39.12  ? 424 HOH A O   1 
HETATM 1588 O O   . HOH C 3 .   ? -16.187 1.782   1.325   1.00 19.48  ? 425 HOH A O   1 
HETATM 1589 O O   . HOH C 3 .   ? -3.861  -3.931  -8.405  1.00 22.05  ? 426 HOH A O   1 
HETATM 1590 O O   . HOH C 3 .   ? -24.124 0.350   -3.665  1.00 51.22  ? 427 HOH A O   1 
HETATM 1591 O O   . HOH C 3 .   ? 8.876   -12.025 0.394   1.00 27.08  ? 428 HOH A O   1 
HETATM 1592 O O   . HOH C 3 .   ? -8.287  18.840  1.907   1.00 30.39  ? 429 HOH A O   1 
HETATM 1593 O O   . HOH C 3 .   ? 9.193   -4.160  8.045   1.00 28.38  ? 430 HOH A O   1 
HETATM 1594 O O   . HOH C 3 .   ? 3.182   8.160   -8.601  1.00 31.27  ? 431 HOH A O   1 
HETATM 1595 O O   . HOH C 3 .   ? 5.345   -4.180  -14.158 1.00 31.88  ? 432 HOH A O   1 
HETATM 1596 O O   . HOH C 3 .   ? -4.580  1.506   10.983  1.00 30.31  ? 433 HOH A O   1 
HETATM 1597 O O   . HOH C 3 .   ? -2.700  17.370  14.655  1.00 32.67  ? 434 HOH A O   1 
HETATM 1598 O O   . HOH C 3 .   ? 1.341   16.269  15.799  1.00 31.33  ? 435 HOH A O   1 
HETATM 1599 O O   . HOH C 3 .   ? 5.689   13.509  -1.673  1.00 31.65  ? 436 HOH A O   1 
HETATM 1600 O O   . HOH C 3 .   ? 5.713   10.889  -1.170  1.00 29.87  ? 437 HOH A O   1 
# 
loop_
_pdbx_poly_seq_scheme.asym_id 
_pdbx_poly_seq_scheme.entity_id 
_pdbx_poly_seq_scheme.seq_id 
_pdbx_poly_seq_scheme.mon_id 
_pdbx_poly_seq_scheme.ndb_seq_num 
_pdbx_poly_seq_scheme.pdb_seq_num 
_pdbx_poly_seq_scheme.auth_seq_num 
_pdbx_poly_seq_scheme.pdb_mon_id 
_pdbx_poly_seq_scheme.auth_mon_id 
_pdbx_poly_seq_scheme.pdb_strand_id 
_pdbx_poly_seq_scheme.pdb_ins_code 
_pdbx_poly_seq_scheme.hetero 
A 1 1   MET 1   1   ?   ?   ?   A . n 
A 1 2   SER 2   2   ?   ?   ?   A . n 
A 1 3   ASN 3   3   ?   ?   ?   A . n 
A 1 4   SER 4   4   ?   ?   ?   A . n 
A 1 5   TYR 5   5   ?   ?   ?   A . n 
A 1 6   ASP 6   6   ?   ?   ?   A . n 
A 1 7   SER 7   7   7   SER SER A . n 
A 1 8   SER 8   8   8   SER SER A . n 
A 1 9   SER 9   9   9   SER SER A . n 
A 1 10  ILE 10  10  10  ILE ILE A . n 
A 1 11  LYS 11  11  11  LYS LYS A . n 
A 1 12  VAL 12  12  12  VAL VAL A . n 
A 1 13  LEU 13  13  13  LEU LEU A . n 
A 1 14  LYS 14  14  14  LYS LYS A . n 
A 1 15  GLY 15  15  15  GLY GLY A . n 
A 1 16  LEU 16  16  16  LEU LEU A . n 
A 1 17  ASP 17  17  17  ASP ASP A . n 
A 1 18  ALA 18  18  18  ALA ALA A . n 
A 1 19  VAL 19  19  19  VAL VAL A . n 
A 1 20  ARG 20  20  20  ARG ARG A . n 
A 1 21  LYS 21  21  21  LYS LYS A . n 
A 1 22  ARG 22  22  22  ARG ARG A . n 
A 1 23  PRO 23  23  23  PRO PRO A . n 
A 1 24  GLY 24  24  24  GLY GLY A . n 
A 1 25  MET 25  25  25  MET MET A . n 
A 1 26  TYR 26  26  26  TYR TYR A . n 
A 1 27  ILE 27  27  27  ILE ILE A . n 
A 1 28  GLY 28  28  28  GLY GLY A . n 
A 1 29  ASP 29  29  29  ASP ASP A . n 
A 1 30  THR 30  30  30  THR THR A . n 
A 1 31  ASP 31  31  31  ASP ASP A . n 
A 1 32  ASP 32  32  32  ASP ASP A . n 
A 1 33  GLY 33  33  33  GLY GLY A . n 
A 1 34  THR 34  34  34  THR THR A . n 
A 1 35  GLY 35  35  35  GLY GLY A . n 
A 1 36  LEU 36  36  36  LEU LEU A . n 
A 1 37  HIS 37  37  37  HIS HIS A . n 
A 1 38  HIS 38  38  38  HIS HIS A . n 
A 1 39  MET 39  39  39  MET MET A . n 
A 1 40  VAL 40  40  40  VAL VAL A . n 
A 1 41  PHE 41  41  41  PHE PHE A . n 
A 1 42  GLU 42  42  42  GLU GLU A . n 
A 1 43  VAL 43  43  43  VAL VAL A . n 
A 1 44  VAL 44  44  44  VAL VAL A . n 
A 1 45  ASP 45  45  45  ASP ASP A . n 
A 1 46  ASN 46  46  46  ASN ASN A . n 
A 1 47  ALA 47  47  47  ALA ALA A . n 
A 1 48  ILE 48  48  48  ILE ILE A . n 
A 1 49  ASP 49  49  49  ASP ASP A . n 
A 1 50  GLU 50  50  50  GLU GLU A . n 
A 1 51  ALA 51  51  51  ALA ALA A . n 
A 1 52  LEU 52  52  52  LEU LEU A . n 
A 1 53  ALA 53  53  53  ALA ALA A . n 
A 1 54  GLY 54  54  54  GLY GLY A . n 
A 1 55  HIS 55  55  55  HIS HIS A . n 
A 1 56  CYS 56  56  56  CYS CYS A . n 
A 1 57  LYS 57  57  57  LYS LYS A . n 
A 1 58  GLU 58  58  58  GLU GLU A . n 
A 1 59  ILE 59  59  59  ILE ILE A . n 
A 1 60  ILE 60  60  60  ILE ILE A . n 
A 1 61  VAL 61  61  61  VAL VAL A . n 
A 1 62  THR 62  62  62  THR THR A . n 
A 1 63  ILE 63  63  63  ILE ILE A . n 
A 1 64  HIS 64  64  64  HIS HIS A . n 
A 1 65  ALA 65  65  65  ALA ALA A . n 
A 1 66  ASP 66  66  66  ASP ASP A . n 
A 1 67  ASN 67  67  67  ASN ASN A . n 
A 1 68  SER 68  68  68  SER SER A . n 
A 1 69  VAL 69  69  69  VAL VAL A . n 
A 1 70  SER 70  70  70  SER SER A . n 
A 1 71  VAL 71  71  71  VAL VAL A . n 
A 1 72  GLN 72  72  72  GLN GLN A . n 
A 1 73  ASP 73  73  73  ASP ASP A . n 
A 1 74  ASP 74  74  74  ASP ASP A . n 
A 1 75  GLY 75  75  75  GLY GLY A . n 
A 1 76  ARG 76  76  76  ARG ARG A . n 
A 1 77  GLY 77  77  77  GLY GLY A . n 
A 1 78  ILE 78  78  78  ILE ILE A . n 
A 1 79  PRO 79  79  79  PRO PRO A . n 
A 1 80  THR 80  80  80  THR THR A . n 
A 1 81  GLY 81  81  81  GLY GLY A . n 
A 1 82  ILE 82  82  82  ILE ILE A . n 
A 1 83  HIS 83  83  83  HIS HIS A . n 
A 1 84  PRO 84  84  84  PRO PRO A . n 
A 1 85  GLU 85  85  85  GLU GLU A . n 
A 1 86  GLU 86  86  86  GLU GLU A . n 
A 1 87  GLY 87  87  87  GLY GLY A . n 
A 1 88  VAL 88  88  88  VAL VAL A . n 
A 1 89  SER 89  89  89  SER SER A . n 
A 1 90  ALA 90  90  90  ALA ALA A . n 
A 1 91  ALA 91  91  91  ALA ALA A . n 
A 1 92  GLU 92  92  92  GLU GLU A . n 
A 1 93  VAL 93  93  93  VAL VAL A . n 
A 1 94  ILE 94  94  94  ILE ILE A . n 
A 1 95  MET 95  95  95  MET MET A . n 
A 1 96  THR 96  96  96  THR THR A . n 
A 1 97  VAL 97  97  97  VAL VAL A . n 
A 1 98  LEU 98  98  98  LEU LEU A . n 
A 1 99  HIS 99  99  99  HIS HIS A . n 
A 1 100 ALA 100 100 ?   ?   ?   A . n 
A 1 101 GLY 101 101 ?   ?   ?   A . n 
A 1 102 GLY 102 102 ?   ?   ?   A . n 
A 1 103 LYS 103 103 ?   ?   ?   A . n 
A 1 104 PHE 104 104 ?   ?   ?   A . n 
A 1 105 ASP 105 105 ?   ?   ?   A . n 
A 1 106 ASP 106 106 ?   ?   ?   A . n 
A 1 107 ASN 107 107 ?   ?   ?   A . n 
A 1 108 SER 108 108 ?   ?   ?   A . n 
A 1 109 TYR 109 109 ?   ?   ?   A . n 
A 1 110 LYS 110 110 ?   ?   ?   A . n 
A 1 111 VAL 111 111 ?   ?   ?   A . n 
A 1 112 SER 112 112 ?   ?   ?   A . n 
A 1 113 GLY 113 113 ?   ?   ?   A . n 
A 1 114 GLY 114 114 114 GLY GLY A . n 
A 1 115 LEU 115 115 115 LEU LEU A . n 
A 1 116 HIS 116 116 116 HIS HIS A . n 
A 1 117 GLY 117 117 117 GLY GLY A . n 
A 1 118 VAL 118 118 118 VAL VAL A . n 
A 1 119 GLY 119 119 119 GLY GLY A . n 
A 1 120 VAL 120 120 120 VAL VAL A . n 
A 1 121 SER 121 121 121 SER SER A . n 
A 1 122 VAL 122 122 122 VAL VAL A . n 
A 1 123 VAL 123 123 123 VAL VAL A . n 
A 1 124 ASN 124 124 124 ASN ASN A . n 
A 1 125 ALA 125 125 125 ALA ALA A . n 
A 1 126 LEU 126 126 126 LEU LEU A . n 
A 1 127 SER 127 127 127 SER SER A . n 
A 1 128 GLN 128 128 128 GLN GLN A . n 
A 1 129 LYS 129 129 129 LYS LYS A . n 
A 1 130 LEU 130 130 130 LEU LEU A . n 
A 1 131 GLU 131 131 131 GLU GLU A . n 
A 1 132 LEU 132 132 132 LEU LEU A . n 
A 1 133 VAL 133 133 133 VAL VAL A . n 
A 1 134 ILE 134 134 134 ILE ILE A . n 
A 1 135 GLN 135 135 135 GLN GLN A . n 
A 1 136 ARG 136 136 136 ARG ARG A . n 
A 1 137 GLU 137 137 137 GLU GLU A . n 
A 1 138 GLY 138 138 138 GLY GLY A . n 
A 1 139 LYS 139 139 139 LYS LYS A . n 
A 1 140 ILE 140 140 140 ILE ILE A . n 
A 1 141 HIS 141 141 141 HIS HIS A . n 
A 1 142 ARG 142 142 142 ARG ARG A . n 
A 1 143 GLN 143 143 143 GLN GLN A . n 
A 1 144 ILE 144 144 144 ILE ILE A . n 
A 1 145 TYR 145 145 145 TYR TYR A . n 
A 1 146 GLU 146 146 146 GLU GLU A . n 
A 1 147 HIS 147 147 147 HIS HIS A . n 
A 1 148 GLY 148 148 148 GLY GLY A . n 
A 1 149 VAL 149 149 149 VAL VAL A . n 
A 1 150 PRO 150 150 150 PRO PRO A . n 
A 1 151 GLN 151 151 151 GLN GLN A . n 
A 1 152 ALA 152 152 152 ALA ALA A . n 
A 1 153 PRO 153 153 153 PRO PRO A . n 
A 1 154 LEU 154 154 154 LEU LEU A . n 
A 1 155 ALA 155 155 155 ALA ALA A . n 
A 1 156 VAL 156 156 156 VAL VAL A . n 
A 1 157 THR 157 157 157 THR THR A . n 
A 1 158 GLY 158 158 158 GLY GLY A . n 
A 1 159 GLU 159 159 159 GLU GLU A . n 
A 1 160 THR 160 160 160 THR THR A . n 
A 1 161 GLU 161 161 161 GLU GLU A . n 
A 1 162 LYS 162 162 162 LYS LYS A . n 
A 1 163 THR 163 163 163 THR THR A . n 
A 1 164 GLY 164 164 164 GLY GLY A . n 
A 1 165 THR 165 165 165 THR THR A . n 
A 1 166 MET 166 166 166 MET MET A . n 
A 1 167 VAL 167 167 167 VAL VAL A . n 
A 1 168 ARG 168 168 168 ARG ARG A . n 
A 1 169 PHE 169 169 169 PHE PHE A . n 
A 1 170 TRP 170 170 170 TRP TRP A . n 
A 1 171 PRO 171 171 171 PRO PRO A . n 
A 1 172 SER 172 172 172 SER SER A . n 
A 1 173 LEU 173 173 173 LEU LEU A . n 
A 1 174 GLU 174 174 174 GLU GLU A . n 
A 1 175 THR 175 175 175 THR THR A . n 
A 1 176 PHE 176 176 176 PHE PHE A . n 
A 1 177 THR 177 177 177 THR THR A . n 
A 1 178 ASN 178 178 178 ASN ASN A . n 
A 1 179 VAL 179 179 179 VAL VAL A . n 
A 1 180 THR 180 180 180 THR THR A . n 
A 1 181 GLU 181 181 181 GLU GLU A . n 
A 1 182 PHE 182 182 182 PHE PHE A . n 
A 1 183 GLU 183 183 183 GLU GLU A . n 
A 1 184 TYR 184 184 184 TYR TYR A . n 
A 1 185 GLU 185 185 185 GLU GLU A . n 
A 1 186 ILE 186 186 186 ILE ILE A . n 
A 1 187 LEU 187 187 187 LEU LEU A . n 
A 1 188 ALA 188 188 188 ALA ALA A . n 
A 1 189 LYS 189 189 189 LYS LYS A . n 
A 1 190 ARG 190 190 190 ARG ARG A . n 
A 1 191 LEU 191 191 191 LEU LEU A . n 
A 1 192 ARG 192 192 192 ARG ARG A . n 
A 1 193 GLU 193 193 193 GLU GLU A . n 
A 1 194 LEU 194 194 194 LEU LEU A . n 
A 1 195 SER 195 195 195 SER SER A . n 
A 1 196 PHE 196 196 196 PHE PHE A . n 
A 1 197 LEU 197 197 197 LEU LEU A . n 
A 1 198 ASN 198 198 198 ASN ASN A . n 
A 1 199 SER 199 199 199 SER SER A . n 
A 1 200 GLY 200 200 200 GLY GLY A . n 
A 1 201 VAL 201 201 201 VAL VAL A . n 
A 1 202 SER 202 202 202 SER SER A . n 
A 1 203 ILE 203 203 203 ILE ILE A . n 
A 1 204 ARG 204 204 204 ARG ARG A . n 
A 1 205 LEU 205 205 205 LEU LEU A . n 
A 1 206 ARG 206 206 206 ARG ARG A . n 
A 1 207 ASP 207 207 207 ASP ASP A . n 
A 1 208 LYS 208 208 208 LYS LYS A . n 
A 1 209 ARG 209 209 209 ARG ARG A . n 
A 1 210 ASP 210 210 210 ASP ASP A . n 
A 1 211 GLY 211 211 211 GLY GLY A . n 
A 1 212 LYS 212 212 212 LYS LYS A . n 
A 1 213 GLU 213 213 213 GLU GLU A . n 
A 1 214 ASP 214 214 214 ASP ASP A . n 
A 1 215 HIS 215 215 215 HIS HIS A . n 
A 1 216 PHE 216 216 216 PHE PHE A . n 
A 1 217 HIS 217 217 217 HIS HIS A . n 
A 1 218 TYR 218 218 218 TYR TYR A . n 
A 1 219 GLU 219 219 ?   ?   ?   A . n 
A 1 220 GLY 220 220 ?   ?   ?   A . n 
# 
loop_
_pdbx_nonpoly_scheme.asym_id 
_pdbx_nonpoly_scheme.entity_id 
_pdbx_nonpoly_scheme.mon_id 
_pdbx_nonpoly_scheme.ndb_seq_num 
_pdbx_nonpoly_scheme.pdb_seq_num 
_pdbx_nonpoly_scheme.auth_seq_num 
_pdbx_nonpoly_scheme.pdb_mon_id 
_pdbx_nonpoly_scheme.auth_mon_id 
_pdbx_nonpoly_scheme.pdb_strand_id 
_pdbx_nonpoly_scheme.pdb_ins_code 
B 2 FKR 1  301 1218 FKR G99 A . 
C 3 HOH 1  401 1336 HOH HOH A . 
C 3 HOH 2  402 1340 HOH HOH A . 
C 3 HOH 3  403 1351 HOH HOH A . 
C 3 HOH 4  404 1327 HOH HOH A . 
C 3 HOH 5  405 1337 HOH HOH A . 
C 3 HOH 6  406 1331 HOH HOH A . 
C 3 HOH 7  407 1349 HOH HOH A . 
C 3 HOH 8  408 1342 HOH HOH A . 
C 3 HOH 9  409 1322 HOH HOH A . 
C 3 HOH 10 410 1338 HOH HOH A . 
C 3 HOH 11 411 1325 HOH HOH A . 
C 3 HOH 12 412 1319 HOH HOH A . 
C 3 HOH 13 413 1324 HOH HOH A . 
C 3 HOH 14 414 1320 HOH HOH A . 
C 3 HOH 15 415 1344 HOH HOH A . 
C 3 HOH 16 416 1328 HOH HOH A . 
C 3 HOH 17 417 1343 HOH HOH A . 
C 3 HOH 18 418 1333 HOH HOH A . 
C 3 HOH 19 419 1330 HOH HOH A . 
C 3 HOH 20 420 1345 HOH HOH A . 
C 3 HOH 21 421 1350 HOH HOH A . 
C 3 HOH 22 422 1326 HOH HOH A . 
C 3 HOH 23 423 1335 HOH HOH A . 
C 3 HOH 24 424 1341 HOH HOH A . 
C 3 HOH 25 425 1318 HOH HOH A . 
C 3 HOH 26 426 1323 HOH HOH A . 
C 3 HOH 27 427 1347 HOH HOH A . 
C 3 HOH 28 428 1346 HOH HOH A . 
C 3 HOH 29 429 1321 HOH HOH A . 
C 3 HOH 30 430 1348 HOH HOH A . 
C 3 HOH 31 431 1352 HOH HOH A . 
C 3 HOH 32 432 1334 HOH HOH A . 
C 3 HOH 33 433 1332 HOH HOH A . 
C 3 HOH 34 434 1353 HOH HOH A . 
C 3 HOH 35 435 1339 HOH HOH A . 
C 3 HOH 36 436 1354 HOH HOH A . 
C 3 HOH 37 437 1329 HOH HOH A . 
# 
_pdbx_struct_assembly.id                   1 
_pdbx_struct_assembly.details              author_defined_assembly 
_pdbx_struct_assembly.method_details       ? 
_pdbx_struct_assembly.oligomeric_details   monomeric 
_pdbx_struct_assembly.oligomeric_count     1 
# 
_pdbx_struct_assembly_gen.assembly_id       1 
_pdbx_struct_assembly_gen.oper_expression   1 
_pdbx_struct_assembly_gen.asym_id_list      A,B,C 
# 
_pdbx_struct_oper_list.id                   1 
_pdbx_struct_oper_list.type                 'identity operation' 
_pdbx_struct_oper_list.name                 1_555 
_pdbx_struct_oper_list.symmetry_operation   x,y,z 
_pdbx_struct_oper_list.matrix[1][1]         1.0000000000 
_pdbx_struct_oper_list.matrix[1][2]         0.0000000000 
_pdbx_struct_oper_list.matrix[1][3]         0.0000000000 
_pdbx_struct_oper_list.vector[1]            0.0000000000 
_pdbx_struct_oper_list.matrix[2][1]         0.0000000000 
_pdbx_struct_oper_list.matrix[2][2]         1.0000000000 
_pdbx_struct_oper_list.matrix[2][3]         0.0000000000 
_pdbx_struct_oper_list.vector[2]            0.0000000000 
_pdbx_struct_oper_list.matrix[3][1]         0.0000000000 
_pdbx_struct_oper_list.matrix[3][2]         0.0000000000 
_pdbx_struct_oper_list.matrix[3][3]         1.0000000000 
_pdbx_struct_oper_list.vector[3]            0.0000000000 
# 
loop_
_pdbx_audit_revision_history.ordinal 
_pdbx_audit_revision_history.data_content_type 
_pdbx_audit_revision_history.major_revision 
_pdbx_audit_revision_history.minor_revision 
_pdbx_audit_revision_history.revision_date 
1 'Structure model' 1 0 2020-10-14 
2 'Structure model' 1 1 2020-10-21 
3 'Structure model' 1 2 2023-11-29 
# 
_pdbx_audit_revision_details.ordinal             1 
_pdbx_audit_revision_details.revision_ordinal    1 
_pdbx_audit_revision_details.data_content_type   'Structure model' 
_pdbx_audit_revision_details.provider            repository 
_pdbx_audit_revision_details.type                'Initial release' 
_pdbx_audit_revision_details.description         ? 
_pdbx_audit_revision_details.details             ? 
# 
loop_
_pdbx_audit_revision_group.ordinal 
_pdbx_audit_revision_group.revision_ordinal 
_pdbx_audit_revision_group.data_content_type 
_pdbx_audit_revision_group.group 
1 2 'Structure model' 'Database references'    
2 3 'Structure model' 'Data collection'        
3 3 'Structure model' 'Database references'    
4 3 'Structure model' 'Refinement description' 
# 
loop_
_pdbx_audit_revision_category.ordinal 
_pdbx_audit_revision_category.revision_ordinal 
_pdbx_audit_revision_category.data_content_type 
_pdbx_audit_revision_category.category 
1 2 'Structure model' citation                      
2 2 'Structure model' citation_author               
3 3 'Structure model' chem_comp_atom                
4 3 'Structure model' chem_comp_bond                
5 3 'Structure model' database_2                    
6 3 'Structure model' pdbx_initial_refinement_model 
# 
loop_
_pdbx_audit_revision_item.ordinal 
_pdbx_audit_revision_item.revision_ordinal 
_pdbx_audit_revision_item.data_content_type 
_pdbx_audit_revision_item.item 
1 2 'Structure model' '_citation.page_first'                
2 2 'Structure model' '_citation.page_last'                 
3 2 'Structure model' '_citation.pdbx_database_id_PubMed'   
4 2 'Structure model' '_citation_author.identifier_ORCID'   
5 3 'Structure model' '_database_2.pdbx_DOI'                
6 3 'Structure model' '_database_2.pdbx_database_accession' 
# 
loop_
_software.citation_id 
_software.classification 
_software.compiler_name 
_software.compiler_version 
_software.contact_author 
_software.contact_author_email 
_software.date 
_software.description 
_software.dependencies 
_software.hardware 
_software.language 
_software.location 
_software.mods 
_software.name 
_software.os 
_software.os_version 
_software.type 
_software.version 
_software.pdbx_ordinal 
? refinement       ? ? ? ? ? ? ? ? ? ? ? REFMAC       ? ? ? 5.8.0258 1 
? 'data reduction' ? ? ? ? ? ? ? ? ? ? ? CrystalClear ? ? ? .        2 
? 'data scaling'   ? ? ? ? ? ? ? ? ? ? ? CrystalClear ? ? ? .        3 
? phasing          ? ? ? ? ? ? ? ? ? ? ? MOLREP       ? ? ? .        4 
# 
_pdbx_entry_details.entry_id                 7C7N 
_pdbx_entry_details.has_ligand_of_interest   Y 
_pdbx_entry_details.compound_details         ? 
_pdbx_entry_details.source_details           ? 
_pdbx_entry_details.nonpolymer_details       ? 
_pdbx_entry_details.sequence_details         ? 
# 
_pdbx_validate_torsion.id              1 
_pdbx_validate_torsion.PDB_model_num   1 
_pdbx_validate_torsion.auth_comp_id    ASN 
_pdbx_validate_torsion.auth_asym_id    A 
_pdbx_validate_torsion.auth_seq_id     178 
_pdbx_validate_torsion.PDB_ins_code    ? 
_pdbx_validate_torsion.label_alt_id    ? 
_pdbx_validate_torsion.phi             73.41 
_pdbx_validate_torsion.psi             -86.57 
# 
loop_
_pdbx_unobs_or_zero_occ_residues.id 
_pdbx_unobs_or_zero_occ_residues.PDB_model_num 
_pdbx_unobs_or_zero_occ_residues.polymer_flag 
_pdbx_unobs_or_zero_occ_residues.occupancy_flag 
_pdbx_unobs_or_zero_occ_residues.auth_asym_id 
_pdbx_unobs_or_zero_occ_residues.auth_comp_id 
_pdbx_unobs_or_zero_occ_residues.auth_seq_id 
_pdbx_unobs_or_zero_occ_residues.PDB_ins_code 
_pdbx_unobs_or_zero_occ_residues.label_asym_id 
_pdbx_unobs_or_zero_occ_residues.label_comp_id 
_pdbx_unobs_or_zero_occ_residues.label_seq_id 
1  1 Y 1 A MET 1   ? A MET 1   
2  1 Y 1 A SER 2   ? A SER 2   
3  1 Y 1 A ASN 3   ? A ASN 3   
4  1 Y 1 A SER 4   ? A SER 4   
5  1 Y 1 A TYR 5   ? A TYR 5   
6  1 Y 1 A ASP 6   ? A ASP 6   
7  1 Y 1 A ALA 100 ? A ALA 100 
8  1 Y 1 A GLY 101 ? A GLY 101 
9  1 Y 1 A GLY 102 ? A GLY 102 
10 1 Y 1 A LYS 103 ? A LYS 103 
11 1 Y 1 A PHE 104 ? A PHE 104 
12 1 Y 1 A ASP 105 ? A ASP 105 
13 1 Y 1 A ASP 106 ? A ASP 106 
14 1 Y 1 A ASN 107 ? A ASN 107 
15 1 Y 1 A SER 108 ? A SER 108 
16 1 Y 1 A TYR 109 ? A TYR 109 
17 1 Y 1 A LYS 110 ? A LYS 110 
18 1 Y 1 A VAL 111 ? A VAL 111 
19 1 Y 1 A SER 112 ? A SER 112 
20 1 Y 1 A GLY 113 ? A GLY 113 
21 1 Y 1 A GLU 219 ? A GLU 219 
22 1 Y 1 A GLY 220 ? A GLY 220 
# 
loop_
_chem_comp_atom.comp_id 
_chem_comp_atom.atom_id 
_chem_comp_atom.type_symbol 
_chem_comp_atom.pdbx_aromatic_flag 
_chem_comp_atom.pdbx_stereo_config 
_chem_comp_atom.pdbx_ordinal 
ALA N    N N N 1   
ALA CA   C N S 2   
ALA C    C N N 3   
ALA O    O N N 4   
ALA CB   C N N 5   
ALA OXT  O N N 6   
ALA H    H N N 7   
ALA H2   H N N 8   
ALA HA   H N N 9   
ALA HB1  H N N 10  
ALA HB2  H N N 11  
ALA HB3  H N N 12  
ALA HXT  H N N 13  
ARG N    N N N 14  
ARG CA   C N S 15  
ARG C    C N N 16  
ARG O    O N N 17  
ARG CB   C N N 18  
ARG CG   C N N 19  
ARG CD   C N N 20  
ARG NE   N N N 21  
ARG CZ   C N N 22  
ARG NH1  N N N 23  
ARG NH2  N N N 24  
ARG OXT  O N N 25  
ARG H    H N N 26  
ARG H2   H N N 27  
ARG HA   H N N 28  
ARG HB2  H N N 29  
ARG HB3  H N N 30  
ARG HG2  H N N 31  
ARG HG3  H N N 32  
ARG HD2  H N N 33  
ARG HD3  H N N 34  
ARG HE   H N N 35  
ARG HH11 H N N 36  
ARG HH12 H N N 37  
ARG HH21 H N N 38  
ARG HH22 H N N 39  
ARG HXT  H N N 40  
ASN N    N N N 41  
ASN CA   C N S 42  
ASN C    C N N 43  
ASN O    O N N 44  
ASN CB   C N N 45  
ASN CG   C N N 46  
ASN OD1  O N N 47  
ASN ND2  N N N 48  
ASN OXT  O N N 49  
ASN H    H N N 50  
ASN H2   H N N 51  
ASN HA   H N N 52  
ASN HB2  H N N 53  
ASN HB3  H N N 54  
ASN HD21 H N N 55  
ASN HD22 H N N 56  
ASN HXT  H N N 57  
ASP N    N N N 58  
ASP CA   C N S 59  
ASP C    C N N 60  
ASP O    O N N 61  
ASP CB   C N N 62  
ASP CG   C N N 63  
ASP OD1  O N N 64  
ASP OD2  O N N 65  
ASP OXT  O N N 66  
ASP H    H N N 67  
ASP H2   H N N 68  
ASP HA   H N N 69  
ASP HB2  H N N 70  
ASP HB3  H N N 71  
ASP HD2  H N N 72  
ASP HXT  H N N 73  
CYS N    N N N 74  
CYS CA   C N R 75  
CYS C    C N N 76  
CYS O    O N N 77  
CYS CB   C N N 78  
CYS SG   S N N 79  
CYS OXT  O N N 80  
CYS H    H N N 81  
CYS H2   H N N 82  
CYS HA   H N N 83  
CYS HB2  H N N 84  
CYS HB3  H N N 85  
CYS HG   H N N 86  
CYS HXT  H N N 87  
FKR C2   C Y N 88  
FKR C3   C Y N 89  
FKR C4   C Y N 90  
FKR O10  O N N 91  
FKR O26  O N N 92  
FKR C12  C N N 93  
FKR C11  C N N 94  
FKR C9   C N N 95  
FKR N7   N N N 96  
FKR C6   C Y N 97  
FKR N24  N N N 98  
FKR C25  C N N 99  
FKR C8   C N N 100 
FKR C5   C Y N 101 
FKR F23  F N N 102 
FKR C1   C Y N 103 
FKR N13  N N N 104 
FKR C14  C Y N 105 
FKR C16  C Y N 106 
FKR C17  C Y N 107 
FKR C19  C Y N 108 
FKR C20  C N N 109 
FKR O22  O N N 110 
FKR O21  O N N 111 
FKR C18  C Y N 112 
FKR C15  C Y N 113 
FKR H1   H N N 114 
FKR H2   H N N 115 
FKR H3   H N N 116 
FKR H4   H N N 117 
FKR H5   H N N 118 
FKR H6   H N N 119 
FKR H7   H N N 120 
FKR H8   H N N 121 
FKR H9   H N N 122 
FKR H10  H N N 123 
FKR H11  H N N 124 
FKR H12  H N N 125 
FKR H13  H N N 126 
FKR H14  H N N 127 
GLN N    N N N 128 
GLN CA   C N S 129 
GLN C    C N N 130 
GLN O    O N N 131 
GLN CB   C N N 132 
GLN CG   C N N 133 
GLN CD   C N N 134 
GLN OE1  O N N 135 
GLN NE2  N N N 136 
GLN OXT  O N N 137 
GLN H    H N N 138 
GLN H2   H N N 139 
GLN HA   H N N 140 
GLN HB2  H N N 141 
GLN HB3  H N N 142 
GLN HG2  H N N 143 
GLN HG3  H N N 144 
GLN HE21 H N N 145 
GLN HE22 H N N 146 
GLN HXT  H N N 147 
GLU N    N N N 148 
GLU CA   C N S 149 
GLU C    C N N 150 
GLU O    O N N 151 
GLU CB   C N N 152 
GLU CG   C N N 153 
GLU CD   C N N 154 
GLU OE1  O N N 155 
GLU OE2  O N N 156 
GLU OXT  O N N 157 
GLU H    H N N 158 
GLU H2   H N N 159 
GLU HA   H N N 160 
GLU HB2  H N N 161 
GLU HB3  H N N 162 
GLU HG2  H N N 163 
GLU HG3  H N N 164 
GLU HE2  H N N 165 
GLU HXT  H N N 166 
GLY N    N N N 167 
GLY CA   C N N 168 
GLY C    C N N 169 
GLY O    O N N 170 
GLY OXT  O N N 171 
GLY H    H N N 172 
GLY H2   H N N 173 
GLY HA2  H N N 174 
GLY HA3  H N N 175 
GLY HXT  H N N 176 
HIS N    N N N 177 
HIS CA   C N S 178 
HIS C    C N N 179 
HIS O    O N N 180 
HIS CB   C N N 181 
HIS CG   C Y N 182 
HIS ND1  N Y N 183 
HIS CD2  C Y N 184 
HIS CE1  C Y N 185 
HIS NE2  N Y N 186 
HIS OXT  O N N 187 
HIS H    H N N 188 
HIS H2   H N N 189 
HIS HA   H N N 190 
HIS HB2  H N N 191 
HIS HB3  H N N 192 
HIS HD1  H N N 193 
HIS HD2  H N N 194 
HIS HE1  H N N 195 
HIS HE2  H N N 196 
HIS HXT  H N N 197 
HOH O    O N N 198 
HOH H1   H N N 199 
HOH H2   H N N 200 
ILE N    N N N 201 
ILE CA   C N S 202 
ILE C    C N N 203 
ILE O    O N N 204 
ILE CB   C N S 205 
ILE CG1  C N N 206 
ILE CG2  C N N 207 
ILE CD1  C N N 208 
ILE OXT  O N N 209 
ILE H    H N N 210 
ILE H2   H N N 211 
ILE HA   H N N 212 
ILE HB   H N N 213 
ILE HG12 H N N 214 
ILE HG13 H N N 215 
ILE HG21 H N N 216 
ILE HG22 H N N 217 
ILE HG23 H N N 218 
ILE HD11 H N N 219 
ILE HD12 H N N 220 
ILE HD13 H N N 221 
ILE HXT  H N N 222 
LEU N    N N N 223 
LEU CA   C N S 224 
LEU C    C N N 225 
LEU O    O N N 226 
LEU CB   C N N 227 
LEU CG   C N N 228 
LEU CD1  C N N 229 
LEU CD2  C N N 230 
LEU OXT  O N N 231 
LEU H    H N N 232 
LEU H2   H N N 233 
LEU HA   H N N 234 
LEU HB2  H N N 235 
LEU HB3  H N N 236 
LEU HG   H N N 237 
LEU HD11 H N N 238 
LEU HD12 H N N 239 
LEU HD13 H N N 240 
LEU HD21 H N N 241 
LEU HD22 H N N 242 
LEU HD23 H N N 243 
LEU HXT  H N N 244 
LYS N    N N N 245 
LYS CA   C N S 246 
LYS C    C N N 247 
LYS O    O N N 248 
LYS CB   C N N 249 
LYS CG   C N N 250 
LYS CD   C N N 251 
LYS CE   C N N 252 
LYS NZ   N N N 253 
LYS OXT  O N N 254 
LYS H    H N N 255 
LYS H2   H N N 256 
LYS HA   H N N 257 
LYS HB2  H N N 258 
LYS HB3  H N N 259 
LYS HG2  H N N 260 
LYS HG3  H N N 261 
LYS HD2  H N N 262 
LYS HD3  H N N 263 
LYS HE2  H N N 264 
LYS HE3  H N N 265 
LYS HZ1  H N N 266 
LYS HZ2  H N N 267 
LYS HZ3  H N N 268 
LYS HXT  H N N 269 
MET N    N N N 270 
MET CA   C N S 271 
MET C    C N N 272 
MET O    O N N 273 
MET CB   C N N 274 
MET CG   C N N 275 
MET SD   S N N 276 
MET CE   C N N 277 
MET OXT  O N N 278 
MET H    H N N 279 
MET H2   H N N 280 
MET HA   H N N 281 
MET HB2  H N N 282 
MET HB3  H N N 283 
MET HG2  H N N 284 
MET HG3  H N N 285 
MET HE1  H N N 286 
MET HE2  H N N 287 
MET HE3  H N N 288 
MET HXT  H N N 289 
PHE N    N N N 290 
PHE CA   C N S 291 
PHE C    C N N 292 
PHE O    O N N 293 
PHE CB   C N N 294 
PHE CG   C Y N 295 
PHE CD1  C Y N 296 
PHE CD2  C Y N 297 
PHE CE1  C Y N 298 
PHE CE2  C Y N 299 
PHE CZ   C Y N 300 
PHE OXT  O N N 301 
PHE H    H N N 302 
PHE H2   H N N 303 
PHE HA   H N N 304 
PHE HB2  H N N 305 
PHE HB3  H N N 306 
PHE HD1  H N N 307 
PHE HD2  H N N 308 
PHE HE1  H N N 309 
PHE HE2  H N N 310 
PHE HZ   H N N 311 
PHE HXT  H N N 312 
PRO N    N N N 313 
PRO CA   C N S 314 
PRO C    C N N 315 
PRO O    O N N 316 
PRO CB   C N N 317 
PRO CG   C N N 318 
PRO CD   C N N 319 
PRO OXT  O N N 320 
PRO H    H N N 321 
PRO HA   H N N 322 
PRO HB2  H N N 323 
PRO HB3  H N N 324 
PRO HG2  H N N 325 
PRO HG3  H N N 326 
PRO HD2  H N N 327 
PRO HD3  H N N 328 
PRO HXT  H N N 329 
SER N    N N N 330 
SER CA   C N S 331 
SER C    C N N 332 
SER O    O N N 333 
SER CB   C N N 334 
SER OG   O N N 335 
SER OXT  O N N 336 
SER H    H N N 337 
SER H2   H N N 338 
SER HA   H N N 339 
SER HB2  H N N 340 
SER HB3  H N N 341 
SER HG   H N N 342 
SER HXT  H N N 343 
THR N    N N N 344 
THR CA   C N S 345 
THR C    C N N 346 
THR O    O N N 347 
THR CB   C N R 348 
THR OG1  O N N 349 
THR CG2  C N N 350 
THR OXT  O N N 351 
THR H    H N N 352 
THR H2   H N N 353 
THR HA   H N N 354 
THR HB   H N N 355 
THR HG1  H N N 356 
THR HG21 H N N 357 
THR HG22 H N N 358 
THR HG23 H N N 359 
THR HXT  H N N 360 
TRP N    N N N 361 
TRP CA   C N S 362 
TRP C    C N N 363 
TRP O    O N N 364 
TRP CB   C N N 365 
TRP CG   C Y N 366 
TRP CD1  C Y N 367 
TRP CD2  C Y N 368 
TRP NE1  N Y N 369 
TRP CE2  C Y N 370 
TRP CE3  C Y N 371 
TRP CZ2  C Y N 372 
TRP CZ3  C Y N 373 
TRP CH2  C Y N 374 
TRP OXT  O N N 375 
TRP H    H N N 376 
TRP H2   H N N 377 
TRP HA   H N N 378 
TRP HB2  H N N 379 
TRP HB3  H N N 380 
TRP HD1  H N N 381 
TRP HE1  H N N 382 
TRP HE3  H N N 383 
TRP HZ2  H N N 384 
TRP HZ3  H N N 385 
TRP HH2  H N N 386 
TRP HXT  H N N 387 
TYR N    N N N 388 
TYR CA   C N S 389 
TYR C    C N N 390 
TYR O    O N N 391 
TYR CB   C N N 392 
TYR CG   C Y N 393 
TYR CD1  C Y N 394 
TYR CD2  C Y N 395 
TYR CE1  C Y N 396 
TYR CE2  C Y N 397 
TYR CZ   C Y N 398 
TYR OH   O N N 399 
TYR OXT  O N N 400 
TYR H    H N N 401 
TYR H2   H N N 402 
TYR HA   H N N 403 
TYR HB2  H N N 404 
TYR HB3  H N N 405 
TYR HD1  H N N 406 
TYR HD2  H N N 407 
TYR HE1  H N N 408 
TYR HE2  H N N 409 
TYR HH   H N N 410 
TYR HXT  H N N 411 
VAL N    N N N 412 
VAL CA   C N S 413 
VAL C    C N N 414 
VAL O    O N N 415 
VAL CB   C N N 416 
VAL CG1  C N N 417 
VAL CG2  C N N 418 
VAL OXT  O N N 419 
VAL H    H N N 420 
VAL H2   H N N 421 
VAL HA   H N N 422 
VAL HB   H N N 423 
VAL HG11 H N N 424 
VAL HG12 H N N 425 
VAL HG13 H N N 426 
VAL HG21 H N N 427 
VAL HG22 H N N 428 
VAL HG23 H N N 429 
VAL HXT  H N N 430 
# 
loop_
_chem_comp_bond.comp_id 
_chem_comp_bond.atom_id_1 
_chem_comp_bond.atom_id_2 
_chem_comp_bond.value_order 
_chem_comp_bond.pdbx_aromatic_flag 
_chem_comp_bond.pdbx_stereo_config 
_chem_comp_bond.pdbx_ordinal 
ALA N   CA   sing N N 1   
ALA N   H    sing N N 2   
ALA N   H2   sing N N 3   
ALA CA  C    sing N N 4   
ALA CA  CB   sing N N 5   
ALA CA  HA   sing N N 6   
ALA C   O    doub N N 7   
ALA C   OXT  sing N N 8   
ALA CB  HB1  sing N N 9   
ALA CB  HB2  sing N N 10  
ALA CB  HB3  sing N N 11  
ALA OXT HXT  sing N N 12  
ARG N   CA   sing N N 13  
ARG N   H    sing N N 14  
ARG N   H2   sing N N 15  
ARG CA  C    sing N N 16  
ARG CA  CB   sing N N 17  
ARG CA  HA   sing N N 18  
ARG C   O    doub N N 19  
ARG C   OXT  sing N N 20  
ARG CB  CG   sing N N 21  
ARG CB  HB2  sing N N 22  
ARG CB  HB3  sing N N 23  
ARG CG  CD   sing N N 24  
ARG CG  HG2  sing N N 25  
ARG CG  HG3  sing N N 26  
ARG CD  NE   sing N N 27  
ARG CD  HD2  sing N N 28  
ARG CD  HD3  sing N N 29  
ARG NE  CZ   sing N N 30  
ARG NE  HE   sing N N 31  
ARG CZ  NH1  sing N N 32  
ARG CZ  NH2  doub N N 33  
ARG NH1 HH11 sing N N 34  
ARG NH1 HH12 sing N N 35  
ARG NH2 HH21 sing N N 36  
ARG NH2 HH22 sing N N 37  
ARG OXT HXT  sing N N 38  
ASN N   CA   sing N N 39  
ASN N   H    sing N N 40  
ASN N   H2   sing N N 41  
ASN CA  C    sing N N 42  
ASN CA  CB   sing N N 43  
ASN CA  HA   sing N N 44  
ASN C   O    doub N N 45  
ASN C   OXT  sing N N 46  
ASN CB  CG   sing N N 47  
ASN CB  HB2  sing N N 48  
ASN CB  HB3  sing N N 49  
ASN CG  OD1  doub N N 50  
ASN CG  ND2  sing N N 51  
ASN ND2 HD21 sing N N 52  
ASN ND2 HD22 sing N N 53  
ASN OXT HXT  sing N N 54  
ASP N   CA   sing N N 55  
ASP N   H    sing N N 56  
ASP N   H2   sing N N 57  
ASP CA  C    sing N N 58  
ASP CA  CB   sing N N 59  
ASP CA  HA   sing N N 60  
ASP C   O    doub N N 61  
ASP C   OXT  sing N N 62  
ASP CB  CG   sing N N 63  
ASP CB  HB2  sing N N 64  
ASP CB  HB3  sing N N 65  
ASP CG  OD1  doub N N 66  
ASP CG  OD2  sing N N 67  
ASP OD2 HD2  sing N N 68  
ASP OXT HXT  sing N N 69  
CYS N   CA   sing N N 70  
CYS N   H    sing N N 71  
CYS N   H2   sing N N 72  
CYS CA  C    sing N N 73  
CYS CA  CB   sing N N 74  
CYS CA  HA   sing N N 75  
CYS C   O    doub N N 76  
CYS C   OXT  sing N N 77  
CYS CB  SG   sing N N 78  
CYS CB  HB2  sing N N 79  
CYS CB  HB3  sing N N 80  
CYS SG  HG   sing N N 81  
CYS OXT HXT  sing N N 82  
FKR O21 C20  doub N N 83  
FKR C17 C16  doub Y N 84  
FKR C17 C19  sing Y N 85  
FKR C20 O22  sing N N 86  
FKR C20 C19  sing N N 87  
FKR C16 C14  sing Y N 88  
FKR C19 C18  doub Y N 89  
FKR O10 C9   doub N N 90  
FKR C14 N13  sing N N 91  
FKR C14 C15  doub Y N 92  
FKR C18 C15  sing Y N 93  
FKR N13 C12  sing N N 94  
FKR C9  N7   sing N N 95  
FKR C9  C11  sing N N 96  
FKR N7  C6   sing N N 97  
FKR N24 C25  sing N N 98  
FKR N24 C2   sing N N 99  
FKR C12 C11  sing N N 100 
FKR C12 O26  doub N N 101 
FKR C11 C8   doub N N 102 
FKR C6  C2   doub Y N 103 
FKR C6  C5   sing Y N 104 
FKR C2  C1   sing Y N 105 
FKR C8  C5   sing N N 106 
FKR C5  C4   doub Y N 107 
FKR C1  C3   doub Y N 108 
FKR C4  C3   sing Y N 109 
FKR C3  F23  sing N N 110 
FKR C4  H1   sing N N 111 
FKR N7  H2   sing N N 112 
FKR N24 H3   sing N N 113 
FKR C25 H4   sing N N 114 
FKR C25 H5   sing N N 115 
FKR C25 H6   sing N N 116 
FKR C8  H7   sing N N 117 
FKR C1  H8   sing N N 118 
FKR N13 H9   sing N N 119 
FKR C16 H10  sing N N 120 
FKR C17 H11  sing N N 121 
FKR O22 H12  sing N N 122 
FKR C18 H13  sing N N 123 
FKR C15 H14  sing N N 124 
GLN N   CA   sing N N 125 
GLN N   H    sing N N 126 
GLN N   H2   sing N N 127 
GLN CA  C    sing N N 128 
GLN CA  CB   sing N N 129 
GLN CA  HA   sing N N 130 
GLN C   O    doub N N 131 
GLN C   OXT  sing N N 132 
GLN CB  CG   sing N N 133 
GLN CB  HB2  sing N N 134 
GLN CB  HB3  sing N N 135 
GLN CG  CD   sing N N 136 
GLN CG  HG2  sing N N 137 
GLN CG  HG3  sing N N 138 
GLN CD  OE1  doub N N 139 
GLN CD  NE2  sing N N 140 
GLN NE2 HE21 sing N N 141 
GLN NE2 HE22 sing N N 142 
GLN OXT HXT  sing N N 143 
GLU N   CA   sing N N 144 
GLU N   H    sing N N 145 
GLU N   H2   sing N N 146 
GLU CA  C    sing N N 147 
GLU CA  CB   sing N N 148 
GLU CA  HA   sing N N 149 
GLU C   O    doub N N 150 
GLU C   OXT  sing N N 151 
GLU CB  CG   sing N N 152 
GLU CB  HB2  sing N N 153 
GLU CB  HB3  sing N N 154 
GLU CG  CD   sing N N 155 
GLU CG  HG2  sing N N 156 
GLU CG  HG3  sing N N 157 
GLU CD  OE1  doub N N 158 
GLU CD  OE2  sing N N 159 
GLU OE2 HE2  sing N N 160 
GLU OXT HXT  sing N N 161 
GLY N   CA   sing N N 162 
GLY N   H    sing N N 163 
GLY N   H2   sing N N 164 
GLY CA  C    sing N N 165 
GLY CA  HA2  sing N N 166 
GLY CA  HA3  sing N N 167 
GLY C   O    doub N N 168 
GLY C   OXT  sing N N 169 
GLY OXT HXT  sing N N 170 
HIS N   CA   sing N N 171 
HIS N   H    sing N N 172 
HIS N   H2   sing N N 173 
HIS CA  C    sing N N 174 
HIS CA  CB   sing N N 175 
HIS CA  HA   sing N N 176 
HIS C   O    doub N N 177 
HIS C   OXT  sing N N 178 
HIS CB  CG   sing N N 179 
HIS CB  HB2  sing N N 180 
HIS CB  HB3  sing N N 181 
HIS CG  ND1  sing Y N 182 
HIS CG  CD2  doub Y N 183 
HIS ND1 CE1  doub Y N 184 
HIS ND1 HD1  sing N N 185 
HIS CD2 NE2  sing Y N 186 
HIS CD2 HD2  sing N N 187 
HIS CE1 NE2  sing Y N 188 
HIS CE1 HE1  sing N N 189 
HIS NE2 HE2  sing N N 190 
HIS OXT HXT  sing N N 191 
HOH O   H1   sing N N 192 
HOH O   H2   sing N N 193 
ILE N   CA   sing N N 194 
ILE N   H    sing N N 195 
ILE N   H2   sing N N 196 
ILE CA  C    sing N N 197 
ILE CA  CB   sing N N 198 
ILE CA  HA   sing N N 199 
ILE C   O    doub N N 200 
ILE C   OXT  sing N N 201 
ILE CB  CG1  sing N N 202 
ILE CB  CG2  sing N N 203 
ILE CB  HB   sing N N 204 
ILE CG1 CD1  sing N N 205 
ILE CG1 HG12 sing N N 206 
ILE CG1 HG13 sing N N 207 
ILE CG2 HG21 sing N N 208 
ILE CG2 HG22 sing N N 209 
ILE CG2 HG23 sing N N 210 
ILE CD1 HD11 sing N N 211 
ILE CD1 HD12 sing N N 212 
ILE CD1 HD13 sing N N 213 
ILE OXT HXT  sing N N 214 
LEU N   CA   sing N N 215 
LEU N   H    sing N N 216 
LEU N   H2   sing N N 217 
LEU CA  C    sing N N 218 
LEU CA  CB   sing N N 219 
LEU CA  HA   sing N N 220 
LEU C   O    doub N N 221 
LEU C   OXT  sing N N 222 
LEU CB  CG   sing N N 223 
LEU CB  HB2  sing N N 224 
LEU CB  HB3  sing N N 225 
LEU CG  CD1  sing N N 226 
LEU CG  CD2  sing N N 227 
LEU CG  HG   sing N N 228 
LEU CD1 HD11 sing N N 229 
LEU CD1 HD12 sing N N 230 
LEU CD1 HD13 sing N N 231 
LEU CD2 HD21 sing N N 232 
LEU CD2 HD22 sing N N 233 
LEU CD2 HD23 sing N N 234 
LEU OXT HXT  sing N N 235 
LYS N   CA   sing N N 236 
LYS N   H    sing N N 237 
LYS N   H2   sing N N 238 
LYS CA  C    sing N N 239 
LYS CA  CB   sing N N 240 
LYS CA  HA   sing N N 241 
LYS C   O    doub N N 242 
LYS C   OXT  sing N N 243 
LYS CB  CG   sing N N 244 
LYS CB  HB2  sing N N 245 
LYS CB  HB3  sing N N 246 
LYS CG  CD   sing N N 247 
LYS CG  HG2  sing N N 248 
LYS CG  HG3  sing N N 249 
LYS CD  CE   sing N N 250 
LYS CD  HD2  sing N N 251 
LYS CD  HD3  sing N N 252 
LYS CE  NZ   sing N N 253 
LYS CE  HE2  sing N N 254 
LYS CE  HE3  sing N N 255 
LYS NZ  HZ1  sing N N 256 
LYS NZ  HZ2  sing N N 257 
LYS NZ  HZ3  sing N N 258 
LYS OXT HXT  sing N N 259 
MET N   CA   sing N N 260 
MET N   H    sing N N 261 
MET N   H2   sing N N 262 
MET CA  C    sing N N 263 
MET CA  CB   sing N N 264 
MET CA  HA   sing N N 265 
MET C   O    doub N N 266 
MET C   OXT  sing N N 267 
MET CB  CG   sing N N 268 
MET CB  HB2  sing N N 269 
MET CB  HB3  sing N N 270 
MET CG  SD   sing N N 271 
MET CG  HG2  sing N N 272 
MET CG  HG3  sing N N 273 
MET SD  CE   sing N N 274 
MET CE  HE1  sing N N 275 
MET CE  HE2  sing N N 276 
MET CE  HE3  sing N N 277 
MET OXT HXT  sing N N 278 
PHE N   CA   sing N N 279 
PHE N   H    sing N N 280 
PHE N   H2   sing N N 281 
PHE CA  C    sing N N 282 
PHE CA  CB   sing N N 283 
PHE CA  HA   sing N N 284 
PHE C   O    doub N N 285 
PHE C   OXT  sing N N 286 
PHE CB  CG   sing N N 287 
PHE CB  HB2  sing N N 288 
PHE CB  HB3  sing N N 289 
PHE CG  CD1  doub Y N 290 
PHE CG  CD2  sing Y N 291 
PHE CD1 CE1  sing Y N 292 
PHE CD1 HD1  sing N N 293 
PHE CD2 CE2  doub Y N 294 
PHE CD2 HD2  sing N N 295 
PHE CE1 CZ   doub Y N 296 
PHE CE1 HE1  sing N N 297 
PHE CE2 CZ   sing Y N 298 
PHE CE2 HE2  sing N N 299 
PHE CZ  HZ   sing N N 300 
PHE OXT HXT  sing N N 301 
PRO N   CA   sing N N 302 
PRO N   CD   sing N N 303 
PRO N   H    sing N N 304 
PRO CA  C    sing N N 305 
PRO CA  CB   sing N N 306 
PRO CA  HA   sing N N 307 
PRO C   O    doub N N 308 
PRO C   OXT  sing N N 309 
PRO CB  CG   sing N N 310 
PRO CB  HB2  sing N N 311 
PRO CB  HB3  sing N N 312 
PRO CG  CD   sing N N 313 
PRO CG  HG2  sing N N 314 
PRO CG  HG3  sing N N 315 
PRO CD  HD2  sing N N 316 
PRO CD  HD3  sing N N 317 
PRO OXT HXT  sing N N 318 
SER N   CA   sing N N 319 
SER N   H    sing N N 320 
SER N   H2   sing N N 321 
SER CA  C    sing N N 322 
SER CA  CB   sing N N 323 
SER CA  HA   sing N N 324 
SER C   O    doub N N 325 
SER C   OXT  sing N N 326 
SER CB  OG   sing N N 327 
SER CB  HB2  sing N N 328 
SER CB  HB3  sing N N 329 
SER OG  HG   sing N N 330 
SER OXT HXT  sing N N 331 
THR N   CA   sing N N 332 
THR N   H    sing N N 333 
THR N   H2   sing N N 334 
THR CA  C    sing N N 335 
THR CA  CB   sing N N 336 
THR CA  HA   sing N N 337 
THR C   O    doub N N 338 
THR C   OXT  sing N N 339 
THR CB  OG1  sing N N 340 
THR CB  CG2  sing N N 341 
THR CB  HB   sing N N 342 
THR OG1 HG1  sing N N 343 
THR CG2 HG21 sing N N 344 
THR CG2 HG22 sing N N 345 
THR CG2 HG23 sing N N 346 
THR OXT HXT  sing N N 347 
TRP N   CA   sing N N 348 
TRP N   H    sing N N 349 
TRP N   H2   sing N N 350 
TRP CA  C    sing N N 351 
TRP CA  CB   sing N N 352 
TRP CA  HA   sing N N 353 
TRP C   O    doub N N 354 
TRP C   OXT  sing N N 355 
TRP CB  CG   sing N N 356 
TRP CB  HB2  sing N N 357 
TRP CB  HB3  sing N N 358 
TRP CG  CD1  doub Y N 359 
TRP CG  CD2  sing Y N 360 
TRP CD1 NE1  sing Y N 361 
TRP CD1 HD1  sing N N 362 
TRP CD2 CE2  doub Y N 363 
TRP CD2 CE3  sing Y N 364 
TRP NE1 CE2  sing Y N 365 
TRP NE1 HE1  sing N N 366 
TRP CE2 CZ2  sing Y N 367 
TRP CE3 CZ3  doub Y N 368 
TRP CE3 HE3  sing N N 369 
TRP CZ2 CH2  doub Y N 370 
TRP CZ2 HZ2  sing N N 371 
TRP CZ3 CH2  sing Y N 372 
TRP CZ3 HZ3  sing N N 373 
TRP CH2 HH2  sing N N 374 
TRP OXT HXT  sing N N 375 
TYR N   CA   sing N N 376 
TYR N   H    sing N N 377 
TYR N   H2   sing N N 378 
TYR CA  C    sing N N 379 
TYR CA  CB   sing N N 380 
TYR CA  HA   sing N N 381 
TYR C   O    doub N N 382 
TYR C   OXT  sing N N 383 
TYR CB  CG   sing N N 384 
TYR CB  HB2  sing N N 385 
TYR CB  HB3  sing N N 386 
TYR CG  CD1  doub Y N 387 
TYR CG  CD2  sing Y N 388 
TYR CD1 CE1  sing Y N 389 
TYR CD1 HD1  sing N N 390 
TYR CD2 CE2  doub Y N 391 
TYR CD2 HD2  sing N N 392 
TYR CE1 CZ   doub Y N 393 
TYR CE1 HE1  sing N N 394 
TYR CE2 CZ   sing Y N 395 
TYR CE2 HE2  sing N N 396 
TYR CZ  OH   sing N N 397 
TYR OH  HH   sing N N 398 
TYR OXT HXT  sing N N 399 
VAL N   CA   sing N N 400 
VAL N   H    sing N N 401 
VAL N   H2   sing N N 402 
VAL CA  C    sing N N 403 
VAL CA  CB   sing N N 404 
VAL CA  HA   sing N N 405 
VAL C   O    doub N N 406 
VAL C   OXT  sing N N 407 
VAL CB  CG1  sing N N 408 
VAL CB  CG2  sing N N 409 
VAL CB  HB   sing N N 410 
VAL CG1 HG11 sing N N 411 
VAL CG1 HG12 sing N N 412 
VAL CG1 HG13 sing N N 413 
VAL CG2 HG21 sing N N 414 
VAL CG2 HG22 sing N N 415 
VAL CG2 HG23 sing N N 416 
VAL OXT HXT  sing N N 417 
# 
_pdbx_entity_instance_feature.ordinal        1 
_pdbx_entity_instance_feature.comp_id        FKR 
_pdbx_entity_instance_feature.asym_id        ? 
_pdbx_entity_instance_feature.seq_num        ? 
_pdbx_entity_instance_feature.auth_comp_id   FKR 
_pdbx_entity_instance_feature.auth_asym_id   ? 
_pdbx_entity_instance_feature.auth_seq_num   ? 
_pdbx_entity_instance_feature.feature_type   'SUBJECT OF INVESTIGATION' 
_pdbx_entity_instance_feature.details        ? 
# 
loop_
_pdbx_entity_nonpoly.entity_id 
_pdbx_entity_nonpoly.name 
_pdbx_entity_nonpoly.comp_id 
2 '4-[[6-fluoranyl-8-(methylamino)-2-oxidanylidene-1~{H}-quinolin-3-yl]carbonylamino]benzoic acid' FKR 
3 water                                                                                            HOH 
# 
_pdbx_initial_refinement_model.id               1 
_pdbx_initial_refinement_model.entity_id_list   ? 
_pdbx_initial_refinement_model.type             'experimental model' 
_pdbx_initial_refinement_model.source_name      PDB 
_pdbx_initial_refinement_model.accession_code   1AJ6 
_pdbx_initial_refinement_model.details          ? 
# 
_pdbx_struct_assembly_auth_evidence.id                     1 
_pdbx_struct_assembly_auth_evidence.assembly_id            1 
_pdbx_struct_assembly_auth_evidence.experimental_support   none 
_pdbx_struct_assembly_auth_evidence.details                ? 
# 
